data_2II5
#
_entry.id   2II5
#
_cell.length_a   194.774
_cell.length_b   194.774
_cell.length_c   172.131
_cell.angle_alpha   90.000
_cell.angle_beta   90.000
_cell.angle_gamma   120.000
#
_symmetry.space_group_name_H-M   'H 3'
#
loop_
_entity.id
_entity.type
_entity.pdbx_description
1 polymer 'Lipoamide acyltransferase component of branched-chain alpha-keto acid dehydrogenase complex'
2 non-polymer 'ACETATE ION'
3 non-polymer 'CHLORIDE ION'
4 non-polymer 'ISOBUTYRYL-COENZYME A'
5 water water
#
_entity_poly.entity_id   1
_entity_poly.type   'polypeptide(L)'
_entity_poly.pdbx_seq_one_letter_code
;GHAEIMPPPPKPKDRTIPIPISKPPVFIGKDRTEPVKGFHKAMVKTMSAALKIPHFGYCDEVDLTELVKLREELKPIAFA
RGIKLSFMPFFLKAASLGLLQFPILNASVDENCQNITYKASHNIGIAMDTEQGLIVPNVKNVQIRSIFEIATELNRLQKL
GSAGQLSTNDLIGGTFTLSNIGSIGGTYAKPVILPPEVAIGALGTIKALPRFNEKGEVCKAQIMNVSWSADHRIIDGATV
SRFSNLWKSYLENPAFMLLDLK
;
_entity_poly.pdbx_strand_id   A,B,C,D,E,F,G,H
#
loop_
_chem_comp.id
_chem_comp.type
_chem_comp.name
_chem_comp.formula
ACT non-polymer 'ACETATE ION' 'C2 H3 O2 -1'
CL non-polymer 'CHLORIDE ION' 'Cl -1'
CO6 non-polymer 'ISOBUTYRYL-COENZYME A' 'C25 H42 N7 O17 P3 S'
#
# COMPACT_ATOMS: atom_id res chain seq x y z
N GLY A 29 -19.81 -36.04 42.38
CA GLY A 29 -19.88 -37.39 41.74
C GLY A 29 -21.24 -38.06 41.91
N LYS A 30 -22.24 -37.27 42.29
CA LYS A 30 -23.66 -37.63 42.12
C LYS A 30 -24.45 -36.39 41.71
N ASP A 31 -25.75 -36.55 41.52
CA ASP A 31 -26.58 -35.40 41.10
C ASP A 31 -26.86 -34.41 42.24
N ARG A 32 -26.93 -33.12 41.93
CA ARG A 32 -27.19 -32.09 42.94
C ARG A 32 -28.34 -31.19 42.43
N THR A 33 -29.48 -31.15 43.09
CA THR A 33 -30.55 -30.22 42.68
C THR A 33 -30.44 -28.95 43.49
N GLU A 34 -30.97 -27.85 42.94
CA GLU A 34 -30.67 -26.54 43.44
C GLU A 34 -31.66 -25.49 42.94
N PRO A 35 -31.91 -24.45 43.76
CA PRO A 35 -32.94 -23.53 43.30
C PRO A 35 -32.34 -22.44 42.42
N VAL A 36 -33.05 -22.11 41.35
CA VAL A 36 -32.76 -20.92 40.58
C VAL A 36 -33.23 -19.78 41.46
N LYS A 37 -32.27 -19.02 41.98
CA LYS A 37 -32.58 -18.09 43.02
C LYS A 37 -31.94 -16.73 42.72
N GLY A 38 -32.21 -15.77 43.62
CA GLY A 38 -31.60 -14.44 43.58
C GLY A 38 -31.61 -13.80 42.21
N PHE A 39 -30.43 -13.44 41.72
CA PHE A 39 -30.40 -12.70 40.50
C PHE A 39 -30.70 -13.52 39.25
N HIS A 40 -30.35 -14.80 39.29
CA HIS A 40 -30.53 -15.66 38.11
C HIS A 40 -32.02 -15.75 37.70
N LYS A 41 -32.91 -15.30 38.61
CA LYS A 41 -34.35 -15.36 38.40
C LYS A 41 -34.76 -14.40 37.30
N ALA A 42 -34.11 -13.23 37.29
CA ALA A 42 -34.31 -12.25 36.23
C ALA A 42 -34.04 -12.81 34.80
N MET A 43 -32.94 -13.55 34.63
CA MET A 43 -32.63 -14.15 33.33
C MET A 43 -33.73 -15.10 32.88
N VAL A 44 -34.26 -15.93 33.77
CA VAL A 44 -35.37 -16.79 33.41
C VAL A 44 -36.58 -15.97 32.85
N LYS A 45 -36.97 -14.88 33.54
CA LYS A 45 -38.11 -14.03 33.19
C LYS A 45 -37.92 -13.41 31.80
N THR A 46 -36.81 -12.69 31.62
CA THR A 46 -36.49 -12.06 30.38
C THR A 46 -36.49 -13.03 29.19
N MET A 47 -35.80 -14.16 29.35
CA MET A 47 -35.64 -15.08 28.22
C MET A 47 -36.93 -15.81 27.92
N SER A 48 -37.67 -16.16 28.97
CA SER A 48 -39.02 -16.68 28.75
C SER A 48 -39.87 -15.65 28.03
N ALA A 49 -39.71 -14.38 28.34
CA ALA A 49 -40.59 -13.37 27.73
C ALA A 49 -40.28 -13.34 26.26
N ALA A 50 -39.01 -13.54 25.91
CA ALA A 50 -38.60 -13.41 24.52
C ALA A 50 -39.18 -14.48 23.59
N LEU A 51 -39.72 -15.54 24.16
CA LEU A 51 -40.44 -16.56 23.34
C LEU A 51 -41.58 -16.03 22.49
N LYS A 52 -42.22 -14.96 22.92
CA LYS A 52 -43.33 -14.37 22.16
C LYS A 52 -42.86 -13.68 20.88
N ILE A 53 -41.55 -13.58 20.65
CA ILE A 53 -41.01 -12.81 19.57
C ILE A 53 -40.56 -13.79 18.48
N PRO A 54 -41.19 -13.75 17.29
CA PRO A 54 -40.71 -14.53 16.16
C PRO A 54 -39.39 -13.96 15.61
N HIS A 55 -38.26 -14.57 16.05
CA HIS A 55 -36.94 -14.03 15.76
C HIS A 55 -36.64 -14.38 14.34
N PHE A 56 -36.19 -13.38 13.59
CA PHE A 56 -35.64 -13.56 12.24
C PHE A 56 -34.16 -13.33 12.35
N GLY A 57 -33.34 -14.22 11.81
CA GLY A 57 -31.87 -13.99 11.84
C GLY A 57 -31.27 -13.56 10.51
N TYR A 58 -30.45 -12.53 10.54
CA TYR A 58 -29.68 -12.14 9.38
C TYR A 58 -28.22 -11.90 9.79
N CYS A 59 -27.28 -12.47 9.03
CA CYS A 59 -25.88 -12.37 9.41
C CYS A 59 -25.05 -11.89 8.27
N ASP A 60 -23.83 -11.44 8.56
CA ASP A 60 -22.91 -11.03 7.49
C ASP A 60 -21.46 -10.99 8.00
N GLU A 61 -20.53 -10.75 7.07
CA GLU A 61 -19.15 -10.48 7.44
C GLU A 61 -18.79 -9.02 7.13
N VAL A 62 -17.95 -8.43 7.95
CA VAL A 62 -17.61 -7.00 7.89
C VAL A 62 -16.10 -6.89 7.84
N ASP A 63 -15.56 -6.22 6.83
CA ASP A 63 -14.12 -6.04 6.72
C ASP A 63 -13.63 -4.87 7.60
N LEU A 64 -12.96 -5.20 8.71
CA LEU A 64 -12.54 -4.20 9.70
C LEU A 64 -11.06 -3.77 9.64
N THR A 65 -10.36 -4.19 8.57
CA THR A 65 -8.97 -3.85 8.31
C THR A 65 -8.65 -2.37 8.41
N GLU A 66 -9.50 -1.54 7.80
CA GLU A 66 -9.29 -0.12 7.96
C GLU A 66 -9.55 0.33 9.38
N LEU A 67 -10.56 -0.27 10.02
CA LEU A 67 -10.98 0.18 11.35
C LEU A 67 -9.90 -0.13 12.39
N VAL A 68 -9.30 -1.30 12.22
CA VAL A 68 -8.28 -1.81 13.10
C VAL A 68 -7.13 -0.87 13.02
N LYS A 69 -6.77 -0.50 11.81
CA LYS A 69 -5.71 0.50 11.58
C LYS A 69 -6.10 1.79 12.30
N LEU A 70 -7.28 2.29 11.95
CA LEU A 70 -7.80 3.49 12.54
C LEU A 70 -7.71 3.49 14.06
N ARG A 71 -8.19 2.41 14.66
CA ARG A 71 -8.13 2.32 16.11
C ARG A 71 -6.67 2.37 16.62
N GLU A 72 -5.77 1.73 15.89
CA GLU A 72 -4.37 1.73 16.31
C GLU A 72 -3.86 3.17 16.37
N GLU A 73 -4.20 3.97 15.36
CA GLU A 73 -3.76 5.37 15.43
C GLU A 73 -4.46 6.22 16.46
N LEU A 74 -5.68 5.83 16.87
CA LEU A 74 -6.33 6.57 17.95
C LEU A 74 -5.99 6.19 19.39
N LYS A 75 -5.67 4.91 19.65
CA LYS A 75 -5.37 4.42 21.03
C LYS A 75 -4.56 5.45 21.82
N PRO A 76 -3.42 5.92 21.24
CA PRO A 76 -2.50 6.88 21.86
C PRO A 76 -3.18 8.15 22.37
N ILE A 77 -4.02 8.74 21.52
CA ILE A 77 -4.80 9.94 21.86
C ILE A 77 -5.75 9.66 23.03
N ALA A 78 -6.39 8.49 23.04
CA ALA A 78 -7.32 8.15 24.12
C ALA A 78 -6.59 7.66 25.35
N PHE A 79 -5.54 6.87 25.18
CA PHE A 79 -4.77 6.49 26.32
C PHE A 79 -4.30 7.82 26.95
N ALA A 80 -3.91 8.79 26.13
CA ALA A 80 -3.46 10.08 26.66
C ALA A 80 -4.54 10.90 27.35
N ARG A 81 -5.81 10.52 27.18
CA ARG A 81 -6.90 11.24 27.87
C ARG A 81 -7.50 10.38 28.99
N GLY A 82 -6.89 9.22 29.22
CA GLY A 82 -7.23 8.35 30.35
C GLY A 82 -8.35 7.38 30.05
N ILE A 83 -8.52 7.09 28.75
CA ILE A 83 -9.59 6.22 28.26
C ILE A 83 -9.04 5.09 27.38
N LYS A 84 -9.44 3.86 27.70
CA LYS A 84 -9.17 2.74 26.83
C LYS A 84 -10.22 2.80 25.72
N LEU A 85 -9.74 2.76 24.48
CA LEU A 85 -10.62 2.73 23.30
C LEU A 85 -10.74 1.32 22.69
N SER A 86 -11.87 0.67 22.90
CA SER A 86 -12.04 -0.62 22.27
C SER A 86 -12.66 -0.42 20.88
N PHE A 87 -13.07 -1.47 20.18
CA PHE A 87 -13.90 -1.31 19.00
C PHE A 87 -15.34 -0.90 19.29
N MET A 88 -15.79 -1.12 20.52
CA MET A 88 -17.21 -1.01 20.77
C MET A 88 -17.81 0.38 20.44
N PRO A 89 -17.12 1.46 20.85
CA PRO A 89 -17.59 2.78 20.55
C PRO A 89 -17.86 2.98 19.07
N PHE A 90 -17.00 2.45 18.22
CA PHE A 90 -17.22 2.58 16.80
C PHE A 90 -18.54 1.90 16.43
N PHE A 91 -18.71 0.67 16.91
CA PHE A 91 -19.84 -0.17 16.59
C PHE A 91 -21.11 0.50 17.05
N LEU A 92 -21.04 1.13 18.24
CA LEU A 92 -22.16 1.82 18.79
C LEU A 92 -22.54 3.05 17.97
N LYS A 93 -21.56 3.86 17.58
CA LYS A 93 -21.85 5.06 16.82
C LYS A 93 -22.41 4.70 15.46
N ALA A 94 -21.83 3.67 14.86
CA ALA A 94 -22.31 3.27 13.56
C ALA A 94 -23.76 2.73 13.63
N ALA A 95 -24.05 1.93 14.66
CA ALA A 95 -25.41 1.43 14.90
C ALA A 95 -26.33 2.61 15.02
N SER A 96 -25.93 3.55 15.85
CA SER A 96 -26.66 4.80 16.01
C SER A 96 -26.87 5.55 14.69
N LEU A 97 -25.80 5.80 13.94
CA LEU A 97 -26.02 6.37 12.64
C LEU A 97 -27.02 5.56 11.81
N GLY A 98 -26.92 4.22 11.83
CA GLY A 98 -27.89 3.41 11.11
C GLY A 98 -29.31 3.54 11.65
N LEU A 99 -29.46 3.69 12.96
CA LEU A 99 -30.83 3.78 13.49
C LEU A 99 -31.54 5.10 13.13
N LEU A 100 -30.78 6.19 12.97
CA LEU A 100 -31.36 7.42 12.40
C LEU A 100 -32.06 7.18 11.07
N GLN A 101 -31.43 6.37 10.18
CA GLN A 101 -32.02 6.02 8.88
C GLN A 101 -33.08 4.94 8.96
N PHE A 102 -32.98 4.04 9.95
CA PHE A 102 -33.96 2.96 10.07
C PHE A 102 -34.55 2.88 11.49
N PRO A 103 -35.46 3.83 11.82
CA PRO A 103 -35.86 4.05 13.19
C PRO A 103 -36.77 2.98 13.80
N ILE A 104 -37.56 2.29 12.97
CA ILE A 104 -38.26 1.07 13.41
C ILE A 104 -37.37 0.08 14.14
N LEU A 105 -36.07 0.05 13.88
CA LEU A 105 -35.23 -0.87 14.66
C LEU A 105 -35.00 -0.43 16.10
N ASN A 106 -35.32 0.84 16.37
CA ASN A 106 -35.04 1.43 17.70
C ASN A 106 -36.39 1.71 18.29
N ALA A 107 -37.24 0.72 18.22
CA ALA A 107 -38.63 0.88 18.50
C ALA A 107 -39.00 -0.23 19.46
N SER A 108 -40.21 -0.12 20.01
CA SER A 108 -40.76 -1.08 20.94
C SER A 108 -42.20 -1.43 20.55
N VAL A 109 -42.65 -2.57 20.99
CA VAL A 109 -43.94 -3.01 20.51
C VAL A 109 -44.76 -3.42 21.74
N ASP A 110 -46.06 -3.33 21.67
CA ASP A 110 -46.86 -3.72 22.83
C ASP A 110 -47.26 -5.22 22.89
N GLU A 111 -48.35 -5.48 23.63
CA GLU A 111 -48.72 -6.77 24.15
C GLU A 111 -48.89 -7.75 23.01
N ASN A 112 -49.92 -7.66 22.19
CA ASN A 112 -49.85 -8.56 21.06
C ASN A 112 -49.42 -7.85 19.78
N CYS A 113 -48.46 -6.94 19.91
CA CYS A 113 -47.93 -6.28 18.75
C CYS A 113 -49.01 -5.56 17.97
N GLN A 114 -49.68 -4.64 18.62
CA GLN A 114 -50.72 -3.84 17.96
C GLN A 114 -50.31 -2.36 17.84
N ASN A 115 -49.34 -1.96 18.64
CA ASN A 115 -48.82 -0.62 18.56
C ASN A 115 -47.31 -0.63 18.70
N ILE A 116 -46.67 0.25 17.92
CA ILE A 116 -45.25 0.41 17.86
C ILE A 116 -45.03 1.78 18.46
N THR A 117 -44.02 1.88 19.35
CA THR A 117 -43.51 3.14 19.88
C THR A 117 -42.09 3.25 19.38
N TYR A 118 -41.87 4.26 18.54
CA TYR A 118 -40.60 4.62 17.95
C TYR A 118 -39.92 5.48 18.98
N LYS A 119 -38.70 5.10 19.37
CA LYS A 119 -38.02 5.78 20.48
C LYS A 119 -37.00 6.76 19.96
N ALA A 120 -37.07 7.96 20.48
CA ALA A 120 -36.18 9.03 20.06
C ALA A 120 -34.73 8.77 20.51
N SER A 121 -34.55 8.39 21.78
CA SER A 121 -33.24 8.14 22.32
C SER A 121 -32.70 6.77 21.88
N HIS A 122 -31.43 6.77 21.43
CA HIS A 122 -30.75 5.55 21.12
C HIS A 122 -30.01 5.17 22.38
N ASN A 123 -30.65 4.36 23.23
CA ASN A 123 -29.98 3.90 24.45
C ASN A 123 -29.48 2.52 24.22
N ILE A 124 -28.26 2.41 23.74
CA ILE A 124 -27.81 1.12 23.27
C ILE A 124 -27.23 0.32 24.41
N GLY A 125 -27.83 -0.85 24.64
CA GLY A 125 -27.34 -1.83 25.62
C GLY A 125 -26.06 -2.54 25.22
N ILE A 126 -25.23 -2.79 26.22
CA ILE A 126 -24.06 -3.61 26.05
C ILE A 126 -24.30 -4.86 26.91
N ALA A 127 -24.55 -5.98 26.26
CA ALA A 127 -24.77 -7.23 26.98
C ALA A 127 -23.48 -7.67 27.66
N MET A 128 -23.57 -7.95 28.94
CA MET A 128 -22.46 -8.34 29.77
C MET A 128 -22.89 -9.55 30.60
N ASP A 129 -22.00 -10.49 30.85
CA ASP A 129 -22.29 -11.49 31.88
C ASP A 129 -21.35 -11.22 33.06
N THR A 130 -21.90 -11.10 34.26
CA THR A 130 -21.03 -10.93 35.44
C THR A 130 -20.91 -12.28 36.16
N GLU A 131 -20.29 -12.28 37.35
CA GLU A 131 -20.38 -13.46 38.26
C GLU A 131 -21.84 -13.75 38.66
N GLN A 132 -22.78 -13.01 38.06
CA GLN A 132 -24.22 -13.29 38.19
C GLN A 132 -24.96 -13.31 36.84
N GLY A 133 -24.18 -13.50 35.79
CA GLY A 133 -24.75 -13.58 34.46
C GLY A 133 -25.35 -12.25 34.01
N LEU A 134 -26.53 -12.33 33.39
CA LEU A 134 -26.89 -11.35 32.38
C LEU A 134 -27.15 -9.95 32.94
N ILE A 135 -26.30 -9.02 32.56
CA ILE A 135 -26.55 -7.63 32.89
C ILE A 135 -26.34 -6.81 31.63
N VAL A 136 -27.30 -5.93 31.35
CA VAL A 136 -27.34 -5.18 30.10
C VAL A 136 -27.50 -3.66 30.30
N PRO A 137 -26.41 -2.98 30.72
CA PRO A 137 -26.51 -1.56 30.87
C PRO A 137 -26.44 -0.95 29.48
N ASN A 138 -26.85 0.31 29.35
CA ASN A 138 -26.85 0.96 28.07
C ASN A 138 -26.18 2.33 28.20
N VAL A 139 -25.64 2.80 27.10
CA VAL A 139 -25.14 4.14 26.92
C VAL A 139 -26.30 5.02 26.47
N LYS A 140 -26.65 6.03 27.27
CA LYS A 140 -27.83 6.88 26.97
C LYS A 140 -27.50 7.81 25.81
N ASN A 141 -28.49 8.00 24.91
CA ASN A 141 -28.43 9.02 23.91
C ASN A 141 -27.18 8.98 23.02
N VAL A 142 -26.87 7.78 22.53
CA VAL A 142 -25.74 7.64 21.60
C VAL A 142 -25.89 8.63 20.45
N GLN A 143 -27.10 8.88 19.97
CA GLN A 143 -27.23 9.77 18.81
C GLN A 143 -26.55 11.13 19.01
N ILE A 144 -26.40 11.59 20.26
CA ILE A 144 -25.78 12.87 20.43
C ILE A 144 -24.46 12.76 21.15
N ARG A 145 -23.77 11.63 21.01
CA ARG A 145 -22.49 11.56 21.68
C ARG A 145 -21.38 11.25 20.73
N SER A 146 -20.20 11.79 21.02
CA SER A 146 -19.02 11.44 20.22
C SER A 146 -18.50 10.06 20.56
N ILE A 147 -17.75 9.50 19.63
CA ILE A 147 -17.12 8.23 19.85
C ILE A 147 -16.30 8.35 21.13
N PHE A 148 -15.58 9.44 21.28
CA PHE A 148 -14.82 9.59 22.53
C PHE A 148 -15.75 9.63 23.75
N GLU A 149 -16.83 10.41 23.67
CA GLU A 149 -17.84 10.36 24.72
C GLU A 149 -18.37 8.92 25.05
N ILE A 150 -18.61 8.13 23.99
CA ILE A 150 -19.14 6.77 24.13
C ILE A 150 -18.08 5.88 24.78
N ALA A 151 -16.83 6.00 24.36
CA ALA A 151 -15.78 5.24 25.00
C ALA A 151 -15.78 5.55 26.49
N THR A 152 -15.66 6.82 26.82
CA THR A 152 -15.69 7.27 28.18
C THR A 152 -16.82 6.56 28.96
N GLU A 153 -18.02 6.63 28.41
CA GLU A 153 -19.15 6.10 29.10
C GLU A 153 -19.04 4.57 29.22
N LEU A 154 -18.45 3.88 28.22
CA LEU A 154 -18.29 2.44 28.29
C LEU A 154 -17.35 2.09 29.38
N ASN A 155 -16.26 2.86 29.51
CA ASN A 155 -15.32 2.70 30.60
C ASN A 155 -15.98 2.83 31.96
N ARG A 156 -16.87 3.81 32.13
CA ARG A 156 -17.63 3.99 33.39
C ARG A 156 -18.46 2.74 33.68
N LEU A 157 -19.18 2.29 32.66
CA LEU A 157 -19.97 1.08 32.81
C LEU A 157 -19.18 -0.23 33.10
N GLN A 158 -17.98 -0.40 32.53
CA GLN A 158 -17.12 -1.56 32.89
C GLN A 158 -16.65 -1.52 34.33
N LYS A 159 -16.14 -0.39 34.73
CA LYS A 159 -15.65 -0.21 36.10
C LYS A 159 -16.76 -0.67 37.04
N LEU A 160 -17.94 -0.06 36.90
CA LEU A 160 -19.11 -0.42 37.69
C LEU A 160 -19.54 -1.89 37.57
N GLY A 161 -19.64 -2.39 36.35
CA GLY A 161 -20.15 -3.73 36.15
C GLY A 161 -19.33 -4.84 36.80
N SER A 162 -18.01 -4.71 36.73
CA SER A 162 -17.16 -5.72 37.29
C SER A 162 -16.97 -5.52 38.81
N ALA A 163 -17.58 -4.47 39.36
CA ALA A 163 -17.57 -4.26 40.79
C ALA A 163 -18.95 -4.62 41.29
N GLY A 164 -19.82 -5.05 40.39
CA GLY A 164 -21.17 -5.42 40.75
C GLY A 164 -21.95 -4.23 41.26
N GLN A 165 -21.58 -3.05 40.78
CA GLN A 165 -22.09 -1.79 41.33
C GLN A 165 -22.73 -0.89 40.29
N LEU A 166 -23.25 -1.47 39.22
CA LEU A 166 -24.05 -0.72 38.26
C LEU A 166 -25.33 -0.21 38.94
N SER A 167 -25.75 1.02 38.63
CA SER A 167 -26.97 1.54 39.24
C SER A 167 -28.19 1.23 38.38
N THR A 168 -29.35 1.17 39.02
CA THR A 168 -30.66 1.20 38.39
C THR A 168 -30.76 1.96 37.05
N ASN A 169 -30.47 3.25 37.06
CA ASN A 169 -30.60 4.08 35.87
C ASN A 169 -29.67 3.63 34.75
N ASP A 170 -28.51 3.08 35.10
CA ASP A 170 -27.63 2.53 34.08
C ASP A 170 -28.30 1.37 33.30
N LEU A 171 -29.23 0.69 33.95
CA LEU A 171 -29.82 -0.56 33.50
C LEU A 171 -31.18 -0.40 32.82
N ILE A 172 -31.84 0.75 32.97
CA ILE A 172 -33.18 0.94 32.38
C ILE A 172 -33.16 1.73 31.06
N GLY A 173 -34.33 1.78 30.43
CA GLY A 173 -34.55 2.60 29.25
C GLY A 173 -33.78 2.19 28.02
N GLY A 174 -33.30 0.94 27.98
CA GLY A 174 -32.52 0.42 26.86
C GLY A 174 -33.42 0.43 25.62
N THR A 175 -32.91 0.59 24.40
CA THR A 175 -33.81 0.57 23.23
C THR A 175 -33.33 -0.34 22.10
N PHE A 176 -32.12 -0.83 22.24
CA PHE A 176 -31.41 -1.62 21.22
C PHE A 176 -30.17 -2.20 21.90
N THR A 177 -29.80 -3.45 21.62
CA THR A 177 -28.64 -4.08 22.27
C THR A 177 -27.58 -4.64 21.29
N LEU A 178 -26.30 -4.47 21.64
CA LEU A 178 -25.20 -5.15 20.98
C LEU A 178 -24.63 -6.11 21.95
N SER A 179 -24.10 -7.22 21.48
CA SER A 179 -23.48 -8.11 22.45
C SER A 179 -22.18 -8.60 21.81
N ASN A 180 -21.08 -8.23 22.42
CA ASN A 180 -19.82 -8.48 21.79
C ASN A 180 -19.31 -9.86 22.21
N ILE A 181 -19.87 -10.88 21.60
CA ILE A 181 -19.51 -12.24 21.99
C ILE A 181 -18.02 -12.49 21.67
N GLY A 182 -17.54 -11.84 20.61
CA GLY A 182 -16.21 -12.06 20.08
C GLY A 182 -15.05 -11.65 20.98
N SER A 183 -15.33 -10.90 22.03
CA SER A 183 -14.29 -10.68 23.04
C SER A 183 -13.97 -11.94 23.84
N ILE A 184 -14.70 -13.02 23.63
CA ILE A 184 -14.31 -14.32 24.16
C ILE A 184 -13.97 -15.30 23.00
N GLY A 185 -14.89 -15.41 22.02
CA GLY A 185 -14.66 -16.25 20.88
C GLY A 185 -15.86 -16.12 19.99
N GLY A 186 -15.88 -16.85 18.88
CA GLY A 186 -17.11 -16.99 18.14
C GLY A 186 -17.05 -16.40 16.75
N THR A 187 -17.87 -16.92 15.85
CA THR A 187 -18.04 -16.28 14.60
C THR A 187 -19.50 -15.79 14.62
N TYR A 188 -20.45 -16.68 14.35
CA TYR A 188 -21.87 -16.29 14.24
C TYR A 188 -22.65 -16.71 15.49
N ALA A 189 -23.84 -16.18 15.66
CA ALA A 189 -24.61 -16.41 16.88
C ALA A 189 -26.08 -16.25 16.51
N LYS A 190 -26.98 -16.66 17.38
CA LYS A 190 -28.44 -16.35 17.25
C LYS A 190 -28.78 -15.73 18.61
N PRO A 191 -28.48 -14.44 18.76
CA PRO A 191 -28.78 -13.77 20.02
C PRO A 191 -30.30 -13.68 20.28
N VAL A 192 -30.70 -13.46 21.53
CA VAL A 192 -32.09 -13.43 21.91
C VAL A 192 -32.50 -11.97 22.13
N ILE A 193 -33.60 -11.55 21.49
CA ILE A 193 -34.09 -10.16 21.60
C ILE A 193 -34.59 -9.95 23.05
N LEU A 194 -34.42 -8.75 23.57
CA LEU A 194 -34.72 -8.46 24.96
C LEU A 194 -35.99 -7.64 25.02
N PRO A 195 -37.16 -8.25 25.28
CA PRO A 195 -38.41 -7.43 25.31
C PRO A 195 -38.15 -6.22 26.18
N PRO A 196 -38.70 -5.07 25.84
CA PRO A 196 -39.57 -4.76 24.72
C PRO A 196 -38.79 -4.30 23.48
N GLU A 197 -37.50 -4.59 23.38
CA GLU A 197 -36.74 -4.23 22.18
C GLU A 197 -37.12 -5.07 20.94
N VAL A 198 -36.71 -4.67 19.76
CA VAL A 198 -37.10 -5.41 18.61
C VAL A 198 -35.88 -5.97 17.85
N ALA A 199 -34.69 -5.70 18.34
CA ALA A 199 -33.50 -6.20 17.69
C ALA A 199 -32.31 -6.24 18.60
N ILE A 200 -31.35 -7.12 18.27
CA ILE A 200 -30.06 -7.22 18.96
C ILE A 200 -29.03 -7.68 17.89
N GLY A 201 -27.77 -7.28 18.08
CA GLY A 201 -26.73 -7.85 17.26
C GLY A 201 -25.61 -8.48 18.05
N ALA A 202 -25.04 -9.54 17.51
CA ALA A 202 -23.89 -10.14 18.14
C ALA A 202 -22.68 -10.07 17.24
N LEU A 203 -21.53 -9.71 17.82
CA LEU A 203 -20.32 -9.46 17.04
C LEU A 203 -19.38 -10.58 17.34
N GLY A 204 -18.82 -11.21 16.32
CA GLY A 204 -17.92 -12.32 16.52
C GLY A 204 -16.51 -11.85 16.72
N THR A 205 -15.58 -12.80 16.77
CA THR A 205 -14.17 -12.54 16.88
C THR A 205 -13.67 -11.99 15.55
N ILE A 206 -12.83 -10.95 15.65
CA ILE A 206 -12.09 -10.34 14.56
C ILE A 206 -10.88 -11.22 14.33
N LYS A 207 -10.70 -11.60 13.08
CA LYS A 207 -9.83 -12.70 12.70
C LYS A 207 -9.26 -12.45 11.29
N ALA A 208 -7.95 -12.55 11.19
CA ALA A 208 -7.27 -12.35 9.92
C ALA A 208 -7.61 -13.48 8.97
N LEU A 209 -8.22 -13.14 7.84
CA LEU A 209 -8.50 -14.15 6.82
C LEU A 209 -7.95 -13.78 5.46
N PRO A 210 -7.74 -14.79 4.61
CA PRO A 210 -7.35 -14.53 3.22
C PRO A 210 -8.52 -14.09 2.34
N ARG A 211 -8.37 -12.88 1.81
CA ARG A 211 -9.40 -12.17 1.09
C ARG A 211 -8.84 -11.47 -0.17
N PHE A 212 -9.60 -11.47 -1.26
CA PHE A 212 -9.18 -10.80 -2.47
C PHE A 212 -9.39 -9.28 -2.31
N ASN A 213 -8.39 -8.48 -2.72
CA ASN A 213 -8.64 -7.04 -2.97
C ASN A 213 -9.16 -6.78 -4.40
N GLU A 214 -9.19 -5.50 -4.81
CA GLU A 214 -9.71 -5.10 -6.13
C GLU A 214 -8.86 -5.60 -7.31
N LYS A 215 -7.53 -5.55 -7.15
CA LYS A 215 -6.57 -6.20 -8.09
C LYS A 215 -6.78 -7.72 -8.25
N GLY A 216 -7.54 -8.33 -7.33
CA GLY A 216 -7.74 -9.77 -7.37
C GLY A 216 -6.57 -10.52 -6.75
N GLU A 217 -5.83 -9.82 -5.89
CA GLU A 217 -4.73 -10.41 -5.07
C GLU A 217 -5.18 -10.84 -3.65
N VAL A 218 -4.66 -11.98 -3.22
CA VAL A 218 -4.86 -12.47 -1.89
C VAL A 218 -4.21 -11.55 -0.84
N CYS A 219 -5.04 -10.92 -0.01
CA CYS A 219 -4.64 -10.02 1.08
C CYS A 219 -4.95 -10.55 2.48
N LYS A 220 -4.29 -9.99 3.47
CA LYS A 220 -4.65 -10.16 4.87
C LYS A 220 -5.78 -9.16 5.14
N ALA A 221 -6.98 -9.66 5.44
CA ALA A 221 -8.10 -8.80 5.86
C ALA A 221 -8.67 -9.17 7.22
N GLN A 222 -8.94 -8.14 7.98
CA GLN A 222 -9.31 -8.31 9.34
C GLN A 222 -10.83 -8.42 9.34
N ILE A 223 -11.34 -9.66 9.47
CA ILE A 223 -12.75 -9.96 9.21
C ILE A 223 -13.54 -10.25 10.51
N MET A 224 -14.74 -9.67 10.62
CA MET A 224 -15.60 -9.94 11.75
C MET A 224 -17.04 -10.33 11.32
N ASN A 225 -17.65 -11.24 12.05
CA ASN A 225 -19.01 -11.60 11.73
C ASN A 225 -19.97 -10.81 12.62
N VAL A 226 -21.14 -10.58 12.06
CA VAL A 226 -22.20 -9.95 12.80
C VAL A 226 -23.44 -10.78 12.49
N SER A 227 -24.20 -11.04 13.56
CA SER A 227 -25.44 -11.76 13.51
C SER A 227 -26.55 -10.92 14.10
N TRP A 228 -27.65 -10.73 13.37
CA TRP A 228 -28.70 -9.83 13.88
C TRP A 228 -29.93 -10.66 14.11
N SER A 229 -30.58 -10.50 15.26
CA SER A 229 -31.94 -11.03 15.39
C SER A 229 -32.93 -9.84 15.43
N ALA A 230 -34.08 -9.98 14.79
CA ALA A 230 -35.07 -8.93 14.70
C ALA A 230 -36.45 -9.54 14.83
N ASP A 231 -37.37 -8.77 15.37
CA ASP A 231 -38.74 -9.23 15.63
C ASP A 231 -39.53 -9.15 14.32
N HIS A 232 -39.63 -10.27 13.62
CA HIS A 232 -40.20 -10.21 12.34
C HIS A 232 -41.75 -9.97 12.32
N ARG A 233 -42.38 -9.82 13.48
CA ARG A 233 -43.73 -9.29 13.47
C ARG A 233 -43.81 -7.87 12.80
N ILE A 234 -42.80 -7.02 13.02
CA ILE A 234 -42.90 -5.62 12.57
C ILE A 234 -41.65 -5.08 11.80
N ILE A 235 -40.52 -5.76 11.94
CA ILE A 235 -39.34 -5.51 11.13
C ILE A 235 -39.22 -6.51 10.01
N ASP A 236 -39.19 -6.06 8.76
CA ASP A 236 -39.02 -7.02 7.68
C ASP A 236 -37.55 -7.25 7.29
N GLY A 237 -37.33 -8.19 6.37
CA GLY A 237 -36.00 -8.60 5.92
C GLY A 237 -35.17 -7.53 5.28
N ALA A 238 -35.78 -6.79 4.39
CA ALA A 238 -35.11 -5.66 3.72
C ALA A 238 -34.71 -4.61 4.73
N THR A 239 -35.42 -4.53 5.84
CA THR A 239 -35.09 -3.46 6.78
C THR A 239 -33.83 -3.82 7.55
N VAL A 240 -33.79 -5.06 8.07
CA VAL A 240 -32.60 -5.50 8.78
C VAL A 240 -31.37 -5.45 7.87
N SER A 241 -31.54 -6.01 6.70
CA SER A 241 -30.48 -6.10 5.75
C SER A 241 -29.90 -4.70 5.38
N ARG A 242 -30.76 -3.82 4.89
CA ARG A 242 -30.28 -2.49 4.55
C ARG A 242 -29.68 -1.73 5.76
N PHE A 243 -30.23 -1.96 6.94
CA PHE A 243 -29.67 -1.35 8.10
C PHE A 243 -28.25 -1.93 8.31
N SER A 244 -28.15 -3.26 8.18
CA SER A 244 -26.88 -3.92 8.36
C SER A 244 -25.82 -3.42 7.37
N ASN A 245 -26.10 -3.39 6.07
CA ASN A 245 -25.19 -2.75 5.05
C ASN A 245 -24.79 -1.33 5.37
N LEU A 246 -25.69 -0.57 5.98
CA LEU A 246 -25.35 0.79 6.29
C LEU A 246 -24.32 0.72 7.37
N TRP A 247 -24.66 0.02 8.47
CA TRP A 247 -23.78 -0.14 9.61
C TRP A 247 -22.43 -0.64 9.08
N LYS A 248 -22.53 -1.67 8.27
CA LYS A 248 -21.34 -2.30 7.73
C LYS A 248 -20.54 -1.26 6.91
N SER A 249 -21.23 -0.48 6.07
CA SER A 249 -20.48 0.48 5.27
C SER A 249 -19.76 1.56 6.13
N TYR A 250 -20.38 1.99 7.21
CA TYR A 250 -19.73 2.87 8.12
C TYR A 250 -18.43 2.31 8.72
N LEU A 251 -18.31 0.98 8.79
CA LEU A 251 -17.17 0.37 9.46
C LEU A 251 -16.08 -0.03 8.51
N GLU A 252 -16.50 -0.54 7.36
CA GLU A 252 -15.59 -0.78 6.27
C GLU A 252 -14.97 0.55 5.81
N ASN A 253 -15.77 1.60 5.71
CA ASN A 253 -15.29 2.91 5.26
C ASN A 253 -15.53 3.99 6.34
N PRO A 254 -14.64 4.04 7.34
CA PRO A 254 -14.88 4.92 8.49
C PRO A 254 -14.98 6.41 8.16
N ALA A 255 -14.51 6.79 6.97
CA ALA A 255 -14.55 8.19 6.57
C ALA A 255 -15.99 8.58 6.44
N PHE A 256 -16.78 7.64 5.90
CA PHE A 256 -18.20 7.83 5.67
C PHE A 256 -18.86 8.34 6.92
N MET A 257 -18.35 8.01 8.08
CA MET A 257 -18.97 8.51 9.31
C MET A 257 -18.81 10.03 9.54
N LEU A 258 -17.68 10.60 9.09
CA LEU A 258 -17.44 12.03 9.12
C LEU A 258 -18.53 12.85 8.53
N LEU A 259 -18.95 12.50 7.33
CA LEU A 259 -19.86 13.33 6.58
C LEU A 259 -20.88 14.01 7.44
N ASP A 260 -21.58 13.27 8.28
CA ASP A 260 -22.68 13.91 8.96
C ASP A 260 -22.51 14.11 10.44
N LEU A 261 -21.28 14.01 10.94
CA LEU A 261 -21.03 14.29 12.36
C LEU A 261 -20.69 15.74 12.59
N LYS A 262 -21.10 16.27 13.74
CA LYS A 262 -21.06 17.69 14.04
C LYS A 262 -20.10 17.98 15.19
N GLY B 29 -49.35 -37.23 -8.09
CA GLY B 29 -50.19 -36.50 -9.10
C GLY B 29 -51.25 -35.60 -8.47
N LYS B 30 -51.83 -36.07 -7.36
CA LYS B 30 -52.81 -35.32 -6.55
C LYS B 30 -52.26 -35.20 -5.12
N ASP B 31 -52.89 -34.38 -4.29
CA ASP B 31 -52.45 -34.24 -2.92
C ASP B 31 -52.84 -35.45 -2.06
N ARG B 32 -51.86 -36.01 -1.36
CA ARG B 32 -52.06 -37.14 -0.46
C ARG B 32 -52.06 -36.64 1.01
N THR B 33 -53.07 -37.00 1.81
CA THR B 33 -53.01 -36.71 3.26
C THR B 33 -52.80 -37.95 4.11
N GLU B 34 -52.01 -37.82 5.16
CA GLU B 34 -51.65 -38.98 5.97
C GLU B 34 -51.53 -38.70 7.46
N PRO B 35 -51.98 -39.65 8.28
CA PRO B 35 -51.61 -39.64 9.69
C PRO B 35 -50.09 -39.66 9.92
N VAL B 36 -49.63 -38.80 10.82
CA VAL B 36 -48.36 -38.98 11.50
C VAL B 36 -48.66 -40.08 12.51
N LYS B 37 -48.02 -41.22 12.33
CA LYS B 37 -48.42 -42.40 13.06
C LYS B 37 -47.25 -43.02 13.79
N GLY B 38 -47.53 -43.68 14.91
CA GLY B 38 -46.56 -44.52 15.63
C GLY B 38 -45.30 -43.82 16.13
N PHE B 39 -44.18 -44.33 15.65
CA PHE B 39 -42.89 -43.80 16.05
C PHE B 39 -42.63 -42.36 15.61
N HIS B 40 -43.20 -41.94 14.49
CA HIS B 40 -43.08 -40.56 14.05
C HIS B 40 -43.73 -39.58 15.06
N LYS B 41 -44.56 -40.12 15.95
CA LYS B 41 -45.23 -39.36 16.99
C LYS B 41 -44.25 -38.79 18.03
N ALA B 42 -43.21 -39.53 18.36
CA ALA B 42 -42.24 -39.06 19.35
C ALA B 42 -41.55 -37.73 18.94
N MET B 43 -41.19 -37.60 17.65
CA MET B 43 -40.52 -36.40 17.18
C MET B 43 -41.39 -35.15 17.34
N VAL B 44 -42.62 -35.21 16.83
CA VAL B 44 -43.62 -34.18 17.06
C VAL B 44 -43.56 -33.70 18.54
N LYS B 45 -43.55 -34.66 19.47
CA LYS B 45 -43.74 -34.34 20.88
C LYS B 45 -42.43 -33.77 21.45
N THR B 46 -41.30 -34.36 21.07
CA THR B 46 -40.00 -33.88 21.49
C THR B 46 -39.77 -32.45 20.95
N MET B 47 -40.05 -32.24 19.67
CA MET B 47 -39.72 -30.97 19.12
C MET B 47 -40.67 -29.86 19.59
N SER B 48 -41.97 -30.17 19.76
CA SER B 48 -42.94 -29.27 20.36
C SER B 48 -42.57 -28.87 21.79
N ALA B 49 -41.99 -29.80 22.53
CA ALA B 49 -41.67 -29.56 23.90
C ALA B 49 -40.51 -28.58 23.86
N ALA B 50 -39.71 -28.62 22.81
CA ALA B 50 -38.57 -27.74 22.81
C ALA B 50 -38.98 -26.28 22.57
N LEU B 51 -40.23 -26.04 22.17
CA LEU B 51 -40.68 -24.66 22.04
C LEU B 51 -40.57 -23.92 23.35
N LYS B 52 -40.61 -24.60 24.46
CA LYS B 52 -40.57 -23.89 25.72
C LYS B 52 -39.17 -23.33 26.10
N ILE B 53 -38.15 -23.65 25.33
CA ILE B 53 -36.77 -23.36 25.71
C ILE B 53 -36.31 -22.26 24.79
N PRO B 54 -35.98 -21.08 25.34
CA PRO B 54 -35.39 -19.99 24.60
C PRO B 54 -33.94 -20.27 24.21
N HIS B 55 -33.75 -20.57 22.92
CA HIS B 55 -32.46 -20.99 22.39
C HIS B 55 -31.54 -19.83 22.14
N PHE B 56 -30.31 -19.88 22.62
CA PHE B 56 -29.29 -18.88 22.26
C PHE B 56 -28.36 -19.69 21.42
N GLY B 57 -28.04 -19.20 20.21
CA GLY B 57 -27.14 -19.92 19.30
C GLY B 57 -25.74 -19.37 19.46
N TYR B 58 -24.75 -20.23 19.54
CA TYR B 58 -23.41 -19.67 19.44
C TYR B 58 -22.54 -20.52 18.51
N CYS B 59 -21.85 -19.92 17.55
CA CYS B 59 -21.12 -20.73 16.57
C CYS B 59 -19.68 -20.39 16.57
N ASP B 60 -18.86 -21.29 16.04
CA ASP B 60 -17.47 -20.99 15.84
C ASP B 60 -16.88 -21.82 14.69
N GLU B 61 -15.60 -21.61 14.40
CA GLU B 61 -14.93 -22.49 13.48
C GLU B 61 -13.75 -23.06 14.24
N VAL B 62 -13.45 -24.32 13.95
CA VAL B 62 -12.40 -25.03 14.65
C VAL B 62 -11.39 -25.51 13.59
N ASP B 63 -10.12 -25.30 13.89
CA ASP B 63 -9.05 -25.69 12.99
C ASP B 63 -8.64 -27.12 13.35
N LEU B 64 -9.07 -28.07 12.53
CA LEU B 64 -8.94 -29.50 12.87
C LEU B 64 -7.76 -30.22 12.16
N THR B 65 -6.78 -29.44 11.68
CA THR B 65 -5.66 -29.93 10.88
C THR B 65 -4.87 -30.95 11.71
N GLU B 66 -4.46 -30.56 12.92
CA GLU B 66 -3.68 -31.46 13.75
C GLU B 66 -4.47 -32.69 14.09
N LEU B 67 -5.78 -32.52 14.32
CA LEU B 67 -6.70 -33.64 14.56
C LEU B 67 -6.82 -34.61 13.36
N VAL B 68 -6.93 -34.07 12.15
CA VAL B 68 -7.04 -34.92 10.98
C VAL B 68 -5.79 -35.82 10.85
N LYS B 69 -4.63 -35.19 11.04
CA LYS B 69 -3.36 -35.91 11.00
C LYS B 69 -3.35 -37.01 12.10
N LEU B 70 -3.67 -36.61 13.32
CA LEU B 70 -3.79 -37.50 14.44
C LEU B 70 -4.69 -38.67 14.13
N ARG B 71 -5.91 -38.41 13.66
CA ARG B 71 -6.78 -39.52 13.33
C ARG B 71 -6.07 -40.46 12.39
N GLU B 72 -5.41 -39.97 11.32
CA GLU B 72 -4.62 -40.86 10.39
C GLU B 72 -3.59 -41.77 11.09
N GLU B 73 -2.84 -41.18 12.03
CA GLU B 73 -1.83 -41.90 12.82
C GLU B 73 -2.43 -43.03 13.64
N LEU B 74 -3.61 -42.82 14.23
CA LEU B 74 -4.25 -43.88 15.07
C LEU B 74 -5.16 -44.84 14.31
N LYS B 75 -5.49 -44.52 13.06
CA LYS B 75 -6.37 -45.35 12.21
C LYS B 75 -5.97 -46.83 12.15
N PRO B 76 -4.68 -47.11 11.86
CA PRO B 76 -4.18 -48.50 11.88
C PRO B 76 -4.25 -49.22 13.23
N ILE B 77 -3.99 -48.54 14.34
CA ILE B 77 -4.07 -49.19 15.66
C ILE B 77 -5.52 -49.59 15.97
N ALA B 78 -6.46 -48.74 15.57
CA ALA B 78 -7.87 -48.99 15.86
C ALA B 78 -8.44 -50.03 14.90
N PHE B 79 -7.92 -50.06 13.68
CA PHE B 79 -8.33 -51.10 12.73
C PHE B 79 -7.80 -52.44 13.26
N ALA B 80 -6.53 -52.52 13.59
CA ALA B 80 -5.99 -53.70 14.23
C ALA B 80 -6.91 -54.14 15.36
N ARG B 81 -7.36 -53.23 16.24
CA ARG B 81 -8.19 -53.63 17.38
C ARG B 81 -9.62 -53.92 17.01
N GLY B 82 -9.98 -53.81 15.73
CA GLY B 82 -11.35 -54.07 15.28
C GLY B 82 -12.32 -52.88 15.19
N ILE B 83 -11.86 -51.70 15.56
CA ILE B 83 -12.69 -50.49 15.58
C ILE B 83 -12.39 -49.56 14.40
N LYS B 84 -13.45 -48.95 13.89
CA LYS B 84 -13.34 -47.88 12.94
C LYS B 84 -13.27 -46.57 13.77
N LEU B 85 -12.26 -45.75 13.52
CA LEU B 85 -12.04 -44.56 14.38
C LEU B 85 -12.48 -43.32 13.66
N SER B 86 -13.59 -42.77 14.07
CA SER B 86 -14.07 -41.60 13.38
C SER B 86 -13.60 -40.39 14.20
N PHE B 87 -14.14 -39.21 13.93
CA PHE B 87 -13.84 -38.00 14.69
C PHE B 87 -14.65 -37.89 15.99
N MET B 88 -15.85 -38.44 15.93
CA MET B 88 -16.78 -38.39 17.08
C MET B 88 -16.19 -38.75 18.41
N PRO B 89 -15.44 -39.86 18.49
CA PRO B 89 -14.83 -40.19 19.78
C PRO B 89 -14.03 -39.02 20.31
N PHE B 90 -13.38 -38.25 19.46
CA PHE B 90 -12.63 -37.10 19.93
C PHE B 90 -13.54 -35.97 20.36
N PHE B 91 -14.57 -35.69 19.57
CA PHE B 91 -15.51 -34.61 19.91
C PHE B 91 -16.17 -34.86 21.24
N LEU B 92 -16.56 -36.14 21.46
CA LEU B 92 -17.20 -36.53 22.71
C LEU B 92 -16.33 -36.34 23.96
N LYS B 93 -15.05 -36.72 23.84
CA LYS B 93 -14.18 -36.67 24.96
C LYS B 93 -13.79 -35.26 25.28
N ALA B 94 -13.60 -34.45 24.24
CA ALA B 94 -13.35 -33.05 24.45
C ALA B 94 -14.58 -32.40 25.08
N ALA B 95 -15.78 -32.69 24.56
CA ALA B 95 -17.02 -32.13 25.15
C ALA B 95 -17.05 -32.45 26.62
N SER B 96 -16.82 -33.71 26.95
CA SER B 96 -16.82 -34.13 28.35
C SER B 96 -15.79 -33.36 29.16
N LEU B 97 -14.54 -33.36 28.70
CA LEU B 97 -13.53 -32.63 29.41
C LEU B 97 -14.01 -31.22 29.64
N GLY B 98 -14.72 -30.68 28.65
CA GLY B 98 -15.25 -29.31 28.78
C GLY B 98 -16.33 -29.23 29.84
N LEU B 99 -17.15 -30.27 29.95
CA LEU B 99 -18.23 -30.24 30.93
C LEU B 99 -17.77 -30.34 32.38
N LEU B 100 -16.53 -30.78 32.61
CA LEU B 100 -16.00 -30.81 33.95
C LEU B 100 -15.84 -29.36 34.42
N GLN B 101 -15.40 -28.49 33.51
CA GLN B 101 -15.14 -27.10 33.87
C GLN B 101 -16.42 -26.30 33.92
N PHE B 102 -17.39 -26.62 33.03
CA PHE B 102 -18.68 -25.91 32.95
C PHE B 102 -19.87 -26.86 33.20
N PRO B 103 -19.99 -27.31 34.47
CA PRO B 103 -20.94 -28.40 34.69
C PRO B 103 -22.42 -28.03 34.45
N ILE B 104 -22.73 -26.75 34.47
CA ILE B 104 -24.07 -26.28 34.24
C ILE B 104 -24.63 -26.63 32.85
N LEU B 105 -23.74 -26.94 31.91
CA LEU B 105 -24.16 -27.34 30.54
C LEU B 105 -24.59 -28.81 30.48
N ASN B 106 -24.30 -29.53 31.57
CA ASN B 106 -24.67 -30.94 31.78
C ASN B 106 -25.64 -30.92 32.93
N ALA B 107 -26.77 -30.25 32.72
CA ALA B 107 -27.79 -30.11 33.76
C ALA B 107 -29.19 -30.16 33.16
N SER B 108 -30.19 -30.29 34.02
CA SER B 108 -31.59 -30.12 33.60
C SER B 108 -32.28 -29.10 34.44
N VAL B 109 -33.44 -28.70 33.94
CA VAL B 109 -34.32 -27.74 34.60
C VAL B 109 -35.74 -28.25 34.65
N ASP B 110 -36.55 -27.78 35.61
CA ASP B 110 -37.94 -28.30 35.81
C ASP B 110 -38.98 -27.67 34.88
N GLU B 111 -40.25 -27.67 35.26
CA GLU B 111 -41.29 -27.10 34.38
C GLU B 111 -40.98 -25.63 34.09
N ASN B 112 -40.88 -24.81 35.12
CA ASN B 112 -40.69 -23.39 34.75
C ASN B 112 -39.27 -22.83 35.06
N CYS B 113 -38.28 -23.72 35.10
CA CYS B 113 -36.92 -23.33 35.37
C CYS B 113 -36.89 -22.78 36.77
N GLN B 114 -37.60 -23.48 37.63
CA GLN B 114 -37.58 -23.14 39.05
C GLN B 114 -36.33 -23.74 39.67
N ASN B 115 -35.95 -24.92 39.19
CA ASN B 115 -34.82 -25.65 39.79
C ASN B 115 -33.95 -26.36 38.79
N ILE B 116 -32.67 -26.37 39.10
CA ILE B 116 -31.69 -27.03 38.27
C ILE B 116 -31.04 -28.23 38.97
N THR B 117 -30.99 -29.35 38.28
CA THR B 117 -30.22 -30.53 38.64
C THR B 117 -28.98 -30.67 37.73
N TYR B 118 -27.81 -30.44 38.33
CA TYR B 118 -26.48 -30.78 37.79
C TYR B 118 -26.32 -32.28 37.80
N LYS B 119 -25.93 -32.82 36.64
CA LYS B 119 -25.80 -34.26 36.51
C LYS B 119 -24.32 -34.70 36.53
N ALA B 120 -23.99 -35.63 37.43
CA ALA B 120 -22.62 -36.04 37.53
C ALA B 120 -22.14 -36.78 36.24
N SER B 121 -22.98 -37.68 35.73
CA SER B 121 -22.67 -38.52 34.61
C SER B 121 -22.76 -37.77 33.30
N HIS B 122 -21.72 -37.92 32.48
CA HIS B 122 -21.77 -37.34 31.15
C HIS B 122 -22.31 -38.34 30.20
N ASN B 123 -23.63 -38.39 30.07
CA ASN B 123 -24.21 -39.35 29.16
C ASN B 123 -24.49 -38.63 27.86
N ILE B 124 -23.56 -38.73 26.93
CA ILE B 124 -23.67 -37.85 25.80
C ILE B 124 -24.38 -38.49 24.64
N GLY B 125 -25.48 -37.85 24.22
CA GLY B 125 -26.37 -38.35 23.20
C GLY B 125 -25.73 -38.11 21.87
N ILE B 126 -26.02 -39.02 20.93
CA ILE B 126 -25.57 -38.90 19.57
C ILE B 126 -26.80 -38.86 18.68
N ALA B 127 -27.09 -37.78 17.96
CA ALA B 127 -28.37 -37.75 17.22
C ALA B 127 -28.34 -38.63 16.00
N MET B 128 -29.38 -39.37 15.70
CA MET B 128 -29.35 -40.17 14.47
C MET B 128 -30.68 -40.10 13.82
N ASP B 129 -30.65 -40.16 12.50
CA ASP B 129 -31.89 -40.41 11.77
C ASP B 129 -31.97 -41.83 11.20
N THR B 130 -33.15 -42.40 11.33
CA THR B 130 -33.47 -43.77 10.89
C THR B 130 -34.67 -43.64 9.95
N GLU B 131 -35.04 -44.74 9.27
CA GLU B 131 -36.22 -44.71 8.38
C GLU B 131 -37.46 -44.38 9.22
N GLN B 132 -37.31 -44.50 10.54
CA GLN B 132 -38.43 -44.28 11.47
C GLN B 132 -38.22 -42.94 12.19
N GLY B 133 -37.19 -42.21 11.77
CA GLY B 133 -36.95 -40.87 12.28
C GLY B 133 -35.82 -40.74 13.29
N LEU B 134 -36.04 -39.81 14.23
CA LEU B 134 -34.99 -39.34 15.14
C LEU B 134 -34.81 -40.21 16.35
N ILE B 135 -33.59 -40.69 16.47
CA ILE B 135 -33.21 -41.50 17.59
C ILE B 135 -31.91 -40.93 18.18
N VAL B 136 -31.85 -40.85 19.51
CA VAL B 136 -30.71 -40.26 20.27
C VAL B 136 -30.25 -41.19 21.41
N PRO B 137 -29.43 -42.20 21.11
CA PRO B 137 -28.93 -42.98 22.25
C PRO B 137 -27.73 -42.25 22.86
N ASN B 138 -27.28 -42.59 24.04
CA ASN B 138 -26.11 -41.87 24.54
C ASN B 138 -25.02 -42.86 24.99
N VAL B 139 -23.77 -42.42 24.91
CA VAL B 139 -22.63 -43.10 25.49
C VAL B 139 -22.67 -42.76 26.96
N LYS B 140 -22.70 -43.74 27.86
CA LYS B 140 -22.77 -43.44 29.31
C LYS B 140 -21.44 -43.02 29.89
N ASN B 141 -21.46 -42.10 30.85
CA ASN B 141 -20.29 -41.79 31.60
C ASN B 141 -19.04 -41.63 30.72
N VAL B 142 -19.10 -40.70 29.76
CA VAL B 142 -17.97 -40.40 28.90
C VAL B 142 -16.81 -39.92 29.77
N GLN B 143 -17.11 -39.33 30.93
CA GLN B 143 -16.06 -38.77 31.77
C GLN B 143 -15.11 -39.85 32.26
N ILE B 144 -15.49 -41.12 32.20
CA ILE B 144 -14.58 -42.14 32.75
C ILE B 144 -14.27 -43.12 31.72
N ARG B 145 -14.42 -42.70 30.46
CA ARG B 145 -14.17 -43.56 29.37
C ARG B 145 -13.10 -42.95 28.47
N SER B 146 -12.24 -43.77 27.89
CA SER B 146 -11.21 -43.30 26.97
C SER B 146 -11.75 -43.18 25.56
N ILE B 147 -11.02 -42.44 24.72
CA ILE B 147 -11.37 -42.24 23.33
C ILE B 147 -11.57 -43.59 22.65
N PHE B 148 -10.66 -44.52 22.90
CA PHE B 148 -10.85 -45.85 22.33
C PHE B 148 -12.17 -46.50 22.77
N GLU B 149 -12.47 -46.46 24.08
CA GLU B 149 -13.76 -47.02 24.57
C GLU B 149 -14.95 -46.34 23.94
N ILE B 150 -14.91 -45.01 23.90
CA ILE B 150 -15.95 -44.23 23.25
C ILE B 150 -16.09 -44.75 21.79
N ALA B 151 -15.00 -44.90 21.05
CA ALA B 151 -15.15 -45.41 19.71
C ALA B 151 -15.95 -46.72 19.69
N THR B 152 -15.66 -47.59 20.66
CA THR B 152 -16.27 -48.91 20.69
C THR B 152 -17.78 -48.82 20.94
N GLU B 153 -18.14 -47.97 21.90
CA GLU B 153 -19.52 -47.79 22.29
C GLU B 153 -20.31 -47.14 21.11
N LEU B 154 -19.70 -46.15 20.43
CA LEU B 154 -20.30 -45.59 19.17
C LEU B 154 -20.65 -46.64 18.10
N ASN B 155 -19.64 -47.41 17.66
CA ASN B 155 -19.89 -48.61 16.81
C ASN B 155 -21.08 -49.46 17.31
N ARG B 156 -21.12 -49.75 18.59
CA ARG B 156 -22.19 -50.55 19.15
C ARG B 156 -23.54 -49.85 18.97
N LEU B 157 -23.64 -48.60 19.45
CA LEU B 157 -24.88 -47.82 19.31
C LEU B 157 -25.33 -47.64 17.86
N GLN B 158 -24.35 -47.45 16.99
CA GLN B 158 -24.65 -47.29 15.57
C GLN B 158 -25.19 -48.61 14.95
N LYS B 159 -24.47 -49.71 15.15
CA LYS B 159 -24.98 -51.01 14.68
C LYS B 159 -26.40 -51.32 15.19
N LEU B 160 -26.57 -51.22 16.49
CA LEU B 160 -27.88 -51.40 17.12
C LEU B 160 -28.92 -50.45 16.54
N GLY B 161 -28.51 -49.19 16.37
CA GLY B 161 -29.38 -48.13 15.92
C GLY B 161 -29.82 -48.43 14.51
N SER B 162 -28.91 -48.93 13.68
CA SER B 162 -29.36 -49.21 12.32
C SER B 162 -30.13 -50.53 12.17
N ALA B 163 -30.00 -51.44 13.14
CA ALA B 163 -30.82 -52.65 13.16
C ALA B 163 -32.12 -52.47 13.93
N GLY B 164 -32.46 -51.25 14.37
CA GLY B 164 -33.65 -51.08 15.22
C GLY B 164 -33.59 -51.85 16.55
N GLN B 165 -32.43 -51.92 17.19
CA GLN B 165 -32.25 -52.87 18.29
C GLN B 165 -31.73 -52.21 19.57
N LEU B 166 -31.86 -50.89 19.64
CA LEU B 166 -31.45 -50.13 20.77
C LEU B 166 -32.30 -50.51 22.03
N SER B 167 -31.69 -50.62 23.18
CA SER B 167 -32.47 -50.91 24.34
C SER B 167 -33.03 -49.62 24.92
N THR B 168 -33.94 -49.78 25.85
CA THR B 168 -34.41 -48.69 26.66
C THR B 168 -33.23 -47.96 27.33
N ASN B 169 -32.33 -48.71 27.96
CA ASN B 169 -31.18 -48.12 28.64
C ASN B 169 -30.31 -47.31 27.69
N ASP B 170 -30.03 -47.82 26.50
CA ASP B 170 -29.36 -47.00 25.46
C ASP B 170 -29.96 -45.57 25.19
N LEU B 171 -31.27 -45.41 25.39
CA LEU B 171 -32.01 -44.19 25.07
C LEU B 171 -32.24 -43.28 26.30
N ILE B 172 -32.37 -43.83 27.50
CA ILE B 172 -32.74 -42.91 28.57
C ILE B 172 -31.49 -42.31 29.21
N GLY B 173 -31.67 -41.26 30.02
CA GLY B 173 -30.58 -40.75 30.83
C GLY B 173 -29.61 -39.79 30.15
N GLY B 174 -29.94 -39.36 28.94
CA GLY B 174 -29.04 -38.50 28.18
C GLY B 174 -28.90 -37.16 28.88
N THR B 175 -27.69 -36.60 28.92
CA THR B 175 -27.55 -35.35 29.65
C THR B 175 -27.13 -34.20 28.77
N PHE B 176 -26.84 -34.49 27.49
CA PHE B 176 -26.09 -33.59 26.56
C PHE B 176 -26.00 -34.27 25.21
N THR B 177 -26.09 -33.52 24.13
CA THR B 177 -26.24 -34.12 22.79
C THR B 177 -25.29 -33.48 21.78
N LEU B 178 -24.64 -34.33 20.99
CA LEU B 178 -23.89 -33.89 19.80
C LEU B 178 -24.57 -34.44 18.55
N SER B 179 -24.56 -33.63 17.49
CA SER B 179 -25.21 -34.10 16.26
C SER B 179 -24.26 -33.88 15.08
N ASN B 180 -23.78 -34.96 14.50
CA ASN B 180 -22.85 -34.84 13.40
C ASN B 180 -23.54 -34.73 12.04
N ILE B 181 -24.10 -33.54 11.81
CA ILE B 181 -24.70 -33.23 10.53
C ILE B 181 -23.60 -33.34 9.48
N GLY B 182 -22.38 -33.03 9.91
CA GLY B 182 -21.25 -32.95 9.02
C GLY B 182 -21.00 -34.23 8.24
N SER B 183 -21.45 -35.36 8.79
CA SER B 183 -21.40 -36.59 8.04
C SER B 183 -22.29 -36.55 6.83
N ILE B 184 -23.18 -35.61 6.68
CA ILE B 184 -23.88 -35.54 5.40
C ILE B 184 -23.49 -34.28 4.60
N GLY B 185 -23.40 -33.15 5.31
CA GLY B 185 -23.11 -31.85 4.67
C GLY B 185 -23.28 -30.75 5.69
N GLY B 186 -23.16 -29.51 5.22
CA GLY B 186 -23.46 -28.34 6.03
C GLY B 186 -22.26 -27.66 6.61
N THR B 187 -22.48 -26.42 7.04
CA THR B 187 -21.44 -25.69 7.72
C THR B 187 -21.95 -25.44 9.13
N TYR B 188 -22.85 -24.46 9.21
CA TYR B 188 -23.43 -24.00 10.47
C TYR B 188 -24.84 -24.54 10.55
N ALA B 189 -25.42 -24.57 11.73
CA ALA B 189 -26.78 -25.13 11.86
C ALA B 189 -27.44 -24.50 13.04
N LYS B 190 -28.71 -24.74 13.23
CA LYS B 190 -29.35 -24.36 14.53
C LYS B 190 -30.06 -25.60 15.08
N PRO B 191 -29.37 -26.36 15.95
CA PRO B 191 -29.93 -27.62 16.42
C PRO B 191 -30.96 -27.34 17.49
N VAL B 192 -31.89 -28.29 17.74
CA VAL B 192 -32.95 -28.08 18.68
C VAL B 192 -32.62 -28.78 20.01
N ILE B 193 -32.67 -28.07 21.13
CA ILE B 193 -32.34 -28.69 22.44
C ILE B 193 -33.41 -29.70 22.70
N LEU B 194 -32.98 -30.88 23.18
CA LEU B 194 -33.83 -31.97 23.64
C LEU B 194 -34.20 -31.87 25.11
N PRO B 195 -35.43 -31.50 25.42
CA PRO B 195 -35.79 -31.44 26.86
C PRO B 195 -35.66 -32.83 27.40
N PRO B 196 -35.18 -32.98 28.65
CA PRO B 196 -34.86 -31.92 29.61
C PRO B 196 -33.43 -31.40 29.54
N GLU B 197 -32.68 -31.67 28.50
CA GLU B 197 -31.30 -31.12 28.51
C GLU B 197 -31.29 -29.59 28.30
N VAL B 198 -30.10 -28.97 28.37
CA VAL B 198 -29.94 -27.54 28.24
C VAL B 198 -28.99 -27.09 27.10
N ALA B 199 -28.52 -28.03 26.27
CA ALA B 199 -27.52 -27.68 25.27
C ALA B 199 -27.35 -28.80 24.27
N ILE B 200 -26.95 -28.45 23.06
CA ILE B 200 -26.69 -29.39 21.98
C ILE B 200 -25.67 -28.77 20.99
N GLY B 201 -24.71 -29.54 20.48
CA GLY B 201 -23.80 -29.03 19.42
C GLY B 201 -24.08 -29.72 18.11
N ALA B 202 -24.00 -29.00 17.01
CA ALA B 202 -24.03 -29.61 15.67
C ALA B 202 -22.68 -29.36 15.04
N LEU B 203 -22.06 -30.39 14.47
CA LEU B 203 -20.74 -30.34 13.81
C LEU B 203 -20.91 -30.41 12.30
N GLY B 204 -20.30 -29.47 11.59
CA GLY B 204 -20.46 -29.40 10.17
C GLY B 204 -19.37 -30.17 9.47
N THR B 205 -19.40 -30.13 8.15
CA THR B 205 -18.44 -30.84 7.34
C THR B 205 -17.09 -30.24 7.49
N ILE B 206 -16.10 -31.06 7.84
CA ILE B 206 -14.69 -30.72 7.71
C ILE B 206 -14.25 -30.41 6.25
N LYS B 207 -13.66 -29.23 6.05
CA LYS B 207 -13.38 -28.72 4.70
C LYS B 207 -12.00 -28.10 4.69
N ALA B 208 -11.23 -28.36 3.65
CA ALA B 208 -9.93 -27.71 3.49
C ALA B 208 -10.17 -26.31 2.95
N LEU B 209 -9.67 -25.28 3.66
CA LEU B 209 -9.77 -23.87 3.21
C LEU B 209 -8.45 -23.13 3.35
N PRO B 210 -8.25 -22.08 2.56
CA PRO B 210 -7.05 -21.27 2.78
C PRO B 210 -7.11 -20.43 4.01
N ARG B 211 -6.10 -20.57 4.87
CA ARG B 211 -5.92 -19.78 6.07
C ARG B 211 -4.45 -19.51 6.34
N PHE B 212 -4.18 -18.39 7.02
CA PHE B 212 -2.85 -18.02 7.47
C PHE B 212 -2.32 -18.87 8.61
N ASN B 213 -1.03 -19.13 8.59
CA ASN B 213 -0.34 -19.67 9.77
C ASN B 213 0.30 -18.50 10.52
N GLU B 214 1.09 -18.82 11.55
CA GLU B 214 1.81 -17.80 12.33
C GLU B 214 2.73 -16.86 11.51
N LYS B 215 3.44 -17.39 10.49
CA LYS B 215 4.29 -16.52 9.59
C LYS B 215 3.48 -15.60 8.65
N GLY B 216 2.16 -15.76 8.62
CA GLY B 216 1.31 -14.98 7.73
C GLY B 216 1.28 -15.50 6.31
N GLU B 217 1.59 -16.80 6.12
CA GLU B 217 1.56 -17.47 4.80
C GLU B 217 0.28 -18.29 4.64
N VAL B 218 -0.29 -18.31 3.44
CA VAL B 218 -1.50 -19.09 3.13
C VAL B 218 -1.31 -20.61 3.15
N CYS B 219 -1.97 -21.30 4.09
CA CYS B 219 -1.89 -22.76 4.30
C CYS B 219 -3.12 -23.51 3.89
N LYS B 220 -3.01 -24.84 3.91
CA LYS B 220 -4.17 -25.73 3.83
C LYS B 220 -4.53 -25.95 5.28
N ALA B 221 -5.74 -25.55 5.66
CA ALA B 221 -6.29 -25.81 7.02
C ALA B 221 -7.58 -26.61 6.89
N GLN B 222 -7.70 -27.63 7.73
CA GLN B 222 -8.92 -28.41 7.75
C GLN B 222 -9.85 -27.67 8.76
N ILE B 223 -10.95 -27.16 8.27
CA ILE B 223 -11.76 -26.28 9.10
C ILE B 223 -13.11 -26.92 9.34
N MET B 224 -13.53 -26.94 10.60
CA MET B 224 -14.86 -27.49 10.88
C MET B 224 -15.65 -26.45 11.60
N ASN B 225 -16.92 -26.31 11.24
CA ASN B 225 -17.81 -25.48 12.06
C ASN B 225 -18.54 -26.27 13.14
N VAL B 226 -18.71 -25.63 14.28
CA VAL B 226 -19.54 -26.11 15.37
C VAL B 226 -20.67 -25.07 15.65
N SER B 227 -21.87 -25.53 15.96
CA SER B 227 -22.99 -24.63 16.31
C SER B 227 -23.63 -25.14 17.61
N TRP B 228 -23.54 -24.36 18.68
CA TRP B 228 -24.22 -24.74 19.90
C TRP B 228 -25.55 -24.00 20.01
N SER B 229 -26.52 -24.65 20.65
CA SER B 229 -27.75 -24.05 21.11
C SER B 229 -27.78 -24.25 22.63
N ALA B 230 -28.11 -23.20 23.39
CA ALA B 230 -28.19 -23.36 24.82
C ALA B 230 -29.49 -22.72 25.32
N ASP B 231 -30.05 -23.27 26.38
CA ASP B 231 -31.27 -22.75 27.03
C ASP B 231 -30.88 -21.49 27.76
N HIS B 232 -31.16 -20.33 27.17
CA HIS B 232 -30.68 -19.06 27.76
C HIS B 232 -31.38 -18.65 29.10
N ARG B 233 -32.32 -19.46 29.58
CA ARG B 233 -32.90 -19.19 30.89
C ARG B 233 -31.90 -19.41 32.03
N ILE B 234 -30.85 -20.19 31.81
CA ILE B 234 -29.92 -20.50 32.87
C ILE B 234 -28.50 -20.62 32.42
N ILE B 235 -28.28 -20.61 31.09
CA ILE B 235 -26.94 -20.55 30.49
C ILE B 235 -26.67 -19.20 29.85
N ASP B 236 -25.75 -18.42 30.37
CA ASP B 236 -25.43 -17.16 29.74
C ASP B 236 -24.38 -17.38 28.64
N GLY B 237 -24.07 -16.33 27.85
CA GLY B 237 -23.26 -16.49 26.63
C GLY B 237 -21.80 -16.77 26.93
N ALA B 238 -21.33 -16.19 28.03
CA ALA B 238 -19.95 -16.43 28.44
C ALA B 238 -19.76 -17.91 28.78
N THR B 239 -20.72 -18.52 29.47
CA THR B 239 -20.59 -19.93 29.75
C THR B 239 -20.43 -20.71 28.42
N VAL B 240 -21.38 -20.58 27.53
CA VAL B 240 -21.34 -21.41 26.35
C VAL B 240 -20.11 -21.10 25.50
N SER B 241 -19.76 -19.83 25.43
CA SER B 241 -18.59 -19.41 24.67
C SER B 241 -17.29 -19.97 25.22
N ARG B 242 -17.16 -19.95 26.54
CA ARG B 242 -15.91 -20.34 27.13
C ARG B 242 -15.76 -21.86 27.08
N PHE B 243 -16.86 -22.57 27.32
CA PHE B 243 -16.96 -23.99 27.08
C PHE B 243 -16.53 -24.33 25.67
N SER B 244 -17.08 -23.59 24.69
CA SER B 244 -16.76 -23.80 23.27
C SER B 244 -15.25 -23.64 23.02
N ASN B 245 -14.65 -22.58 23.58
CA ASN B 245 -13.20 -22.36 23.48
C ASN B 245 -12.42 -23.52 24.08
N LEU B 246 -12.88 -24.04 25.19
CA LEU B 246 -12.10 -25.10 25.83
C LEU B 246 -12.24 -26.36 24.95
N TRP B 247 -13.48 -26.68 24.58
CA TRP B 247 -13.70 -27.79 23.69
C TRP B 247 -12.75 -27.68 22.51
N LYS B 248 -12.62 -26.45 22.00
CA LYS B 248 -11.98 -26.21 20.73
C LYS B 248 -10.46 -26.22 20.93
N SER B 249 -10.00 -25.73 22.07
CA SER B 249 -8.55 -25.78 22.29
C SER B 249 -8.07 -27.24 22.38
N TYR B 250 -8.87 -28.11 22.99
CA TYR B 250 -8.59 -29.50 23.06
C TYR B 250 -8.47 -30.19 21.68
N LEU B 251 -9.25 -29.76 20.69
CA LEU B 251 -9.28 -30.47 19.47
C LEU B 251 -8.22 -29.89 18.56
N GLU B 252 -7.93 -28.61 18.72
CA GLU B 252 -6.98 -27.91 17.86
C GLU B 252 -5.58 -28.25 18.31
N ASN B 253 -5.45 -28.50 19.62
CA ASN B 253 -4.19 -28.94 20.25
C ASN B 253 -4.50 -30.25 21.01
N PRO B 254 -4.63 -31.38 20.28
CA PRO B 254 -5.00 -32.66 20.92
C PRO B 254 -4.23 -32.98 22.20
N ALA B 255 -2.92 -32.81 22.18
CA ALA B 255 -2.06 -33.13 23.29
C ALA B 255 -2.52 -32.50 24.62
N PHE B 256 -3.16 -31.34 24.50
CA PHE B 256 -3.76 -30.69 25.63
C PHE B 256 -4.67 -31.66 26.39
N MET B 257 -5.42 -32.52 25.70
CA MET B 257 -6.21 -33.51 26.45
C MET B 257 -5.38 -34.44 27.34
N LEU B 258 -4.24 -34.93 26.83
CA LEU B 258 -3.26 -35.72 27.58
C LEU B 258 -3.03 -35.26 29.01
N LEU B 259 -2.98 -33.96 29.24
CA LEU B 259 -2.53 -33.47 30.50
C LEU B 259 -3.27 -34.10 31.66
N ASP B 260 -4.58 -34.23 31.59
CA ASP B 260 -5.39 -34.62 32.78
C ASP B 260 -6.08 -35.98 32.67
N LEU B 261 -5.68 -36.74 31.65
CA LEU B 261 -6.19 -38.09 31.49
C LEU B 261 -5.31 -39.12 32.19
N LYS B 262 -5.94 -40.22 32.61
CA LYS B 262 -5.28 -41.11 33.56
C LYS B 262 -5.36 -42.55 33.11
N GLY C 29 -36.20 14.12 18.17
CA GLY C 29 -36.00 14.38 19.62
C GLY C 29 -37.14 13.82 20.49
N LYS C 30 -38.26 13.42 19.86
CA LYS C 30 -39.44 12.91 20.61
C LYS C 30 -39.98 11.49 20.26
N ASP C 31 -40.45 10.77 21.28
CA ASP C 31 -41.08 9.44 21.12
C ASP C 31 -42.46 9.48 20.47
N ARG C 32 -42.81 8.44 19.72
CA ARG C 32 -44.04 8.47 19.01
C ARG C 32 -44.69 7.09 18.92
N THR C 33 -45.94 6.98 19.38
CA THR C 33 -46.72 5.74 19.23
C THR C 33 -47.65 5.71 18.03
N GLU C 34 -47.68 4.59 17.34
CA GLU C 34 -48.57 4.43 16.20
C GLU C 34 -49.16 3.06 16.18
N PRO C 35 -50.39 2.93 15.67
CA PRO C 35 -50.99 1.60 15.64
C PRO C 35 -50.34 0.78 14.53
N VAL C 36 -50.32 -0.54 14.68
CA VAL C 36 -49.97 -1.37 13.54
C VAL C 36 -51.27 -1.52 12.79
N LYS C 37 -51.36 -0.92 11.62
CA LYS C 37 -52.59 -1.04 10.88
C LYS C 37 -52.42 -1.64 9.52
N GLY C 38 -53.56 -2.19 9.06
CA GLY C 38 -53.83 -2.57 7.70
C GLY C 38 -53.05 -3.75 7.23
N PHE C 39 -52.25 -3.51 6.21
CA PHE C 39 -51.40 -4.52 5.60
C PHE C 39 -50.24 -4.95 6.52
N HIS C 40 -49.88 -4.09 7.46
CA HIS C 40 -48.84 -4.42 8.46
C HIS C 40 -49.30 -5.50 9.45
N LYS C 41 -50.61 -5.57 9.68
CA LYS C 41 -51.23 -6.56 10.55
C LYS C 41 -50.98 -7.97 10.09
N ALA C 42 -50.97 -8.18 8.78
CA ALA C 42 -50.77 -9.52 8.22
C ALA C 42 -49.43 -10.12 8.62
N MET C 43 -48.40 -9.29 8.62
CA MET C 43 -47.11 -9.76 9.01
C MET C 43 -47.14 -10.14 10.47
N VAL C 44 -47.81 -9.37 11.32
CA VAL C 44 -47.86 -9.76 12.73
C VAL C 44 -48.38 -11.21 12.90
N LYS C 45 -49.40 -11.57 12.11
CA LYS C 45 -50.14 -12.82 12.29
C LYS C 45 -49.48 -14.08 11.74
N THR C 46 -48.94 -13.97 10.54
CA THR C 46 -48.12 -14.99 9.94
C THR C 46 -46.97 -15.31 10.86
N MET C 47 -46.14 -14.31 11.16
CA MET C 47 -44.99 -14.52 12.00
C MET C 47 -45.31 -15.03 13.40
N SER C 48 -46.44 -14.62 13.94
CA SER C 48 -46.89 -15.13 15.20
C SER C 48 -47.31 -16.60 15.12
N ALA C 49 -47.94 -17.00 14.03
CA ALA C 49 -48.37 -18.40 13.89
C ALA C 49 -47.13 -19.29 13.71
N ALA C 50 -46.02 -18.71 13.23
CA ALA C 50 -44.83 -19.49 12.99
C ALA C 50 -44.21 -19.85 14.31
N LEU C 51 -44.60 -19.19 15.39
CA LEU C 51 -44.02 -19.54 16.69
C LEU C 51 -44.32 -20.99 17.09
N LYS C 52 -45.35 -21.57 16.52
CA LYS C 52 -45.72 -22.94 16.84
C LYS C 52 -44.86 -23.96 16.14
N ILE C 53 -43.95 -23.52 15.29
CA ILE C 53 -43.11 -24.46 14.59
C ILE C 53 -41.75 -24.49 15.21
N PRO C 54 -41.28 -25.67 15.64
CA PRO C 54 -39.93 -25.84 16.13
C PRO C 54 -39.00 -25.85 14.94
N HIS C 55 -38.22 -24.78 14.84
CA HIS C 55 -37.42 -24.58 13.66
C HIS C 55 -36.07 -25.24 13.85
N PHE C 56 -35.67 -26.02 12.88
CA PHE C 56 -34.32 -26.53 12.90
C PHE C 56 -33.61 -25.80 11.79
N GLY C 57 -32.38 -25.35 12.04
CA GLY C 57 -31.66 -24.64 11.00
C GLY C 57 -30.52 -25.47 10.49
N TYR C 58 -30.31 -25.42 9.18
CA TYR C 58 -29.18 -26.09 8.59
C TYR C 58 -28.58 -25.22 7.45
N CYS C 59 -27.27 -25.03 7.48
CA CYS C 59 -26.68 -24.14 6.50
C CYS C 59 -25.59 -24.77 5.69
N ASP C 60 -25.24 -24.11 4.58
CA ASP C 60 -24.15 -24.58 3.73
C ASP C 60 -23.58 -23.47 2.86
N GLU C 61 -22.43 -23.75 2.24
CA GLU C 61 -21.89 -22.88 1.22
C GLU C 61 -21.89 -23.63 -0.09
N VAL C 62 -22.05 -22.86 -1.15
CA VAL C 62 -22.29 -23.38 -2.50
C VAL C 62 -21.28 -22.73 -3.44
N ASP C 63 -20.59 -23.52 -4.23
CA ASP C 63 -19.66 -22.92 -5.20
C ASP C 63 -20.39 -22.59 -6.50
N LEU C 64 -20.59 -21.32 -6.80
CA LEU C 64 -21.42 -20.99 -7.94
C LEU C 64 -20.62 -20.58 -9.20
N THR C 65 -19.33 -20.87 -9.14
CA THR C 65 -18.42 -20.53 -10.22
C THR C 65 -18.95 -21.04 -11.59
N GLU C 66 -19.27 -22.33 -11.76
CA GLU C 66 -19.86 -22.74 -13.04
C GLU C 66 -21.18 -21.96 -13.35
N LEU C 67 -22.04 -21.72 -12.35
CA LEU C 67 -23.37 -21.11 -12.61
C LEU C 67 -23.29 -19.64 -13.04
N VAL C 68 -22.39 -18.88 -12.38
CA VAL C 68 -22.13 -17.49 -12.73
C VAL C 68 -21.71 -17.45 -14.18
N LYS C 69 -20.80 -18.34 -14.55
CA LYS C 69 -20.29 -18.43 -15.92
C LYS C 69 -21.43 -18.79 -16.87
N LEU C 70 -22.04 -19.94 -16.63
CA LEU C 70 -23.23 -20.34 -17.37
C LEU C 70 -24.27 -19.24 -17.54
N ARG C 71 -24.59 -18.52 -16.47
CA ARG C 71 -25.50 -17.39 -16.59
C ARG C 71 -25.00 -16.28 -17.56
N GLU C 72 -23.71 -15.92 -17.52
CA GLU C 72 -23.25 -14.88 -18.44
C GLU C 72 -23.55 -15.28 -19.87
N GLU C 73 -23.35 -16.57 -20.15
CA GLU C 73 -23.61 -17.12 -21.46
C GLU C 73 -25.08 -17.07 -21.91
N LEU C 74 -26.02 -17.28 -21.00
CA LEU C 74 -27.44 -17.26 -21.37
C LEU C 74 -28.07 -15.86 -21.37
N LYS C 75 -27.42 -14.91 -20.72
CA LYS C 75 -27.86 -13.50 -20.65
C LYS C 75 -28.34 -12.93 -21.98
N PRO C 76 -27.50 -12.96 -23.04
CA PRO C 76 -27.91 -12.38 -24.30
C PRO C 76 -29.02 -13.15 -24.99
N ILE C 77 -29.25 -14.41 -24.62
CA ILE C 77 -30.28 -15.20 -25.29
C ILE C 77 -31.60 -14.84 -24.63
N ALA C 78 -31.52 -14.39 -23.40
CA ALA C 78 -32.66 -13.98 -22.63
C ALA C 78 -33.01 -12.56 -23.01
N PHE C 79 -31.99 -11.71 -23.06
CA PHE C 79 -32.17 -10.33 -23.50
C PHE C 79 -32.84 -10.29 -24.89
N ALA C 80 -32.39 -11.14 -25.81
CA ALA C 80 -33.03 -11.25 -27.12
C ALA C 80 -34.48 -11.71 -27.04
N ARG C 81 -34.83 -12.49 -26.02
CA ARG C 81 -36.17 -13.04 -25.95
C ARG C 81 -37.04 -12.19 -25.04
N GLY C 82 -36.48 -11.10 -24.52
CA GLY C 82 -37.22 -10.12 -23.71
C GLY C 82 -37.22 -10.24 -22.17
N ILE C 83 -36.43 -11.19 -21.66
CA ILE C 83 -36.38 -11.60 -20.25
C ILE C 83 -35.06 -11.25 -19.53
N LYS C 84 -35.15 -10.56 -18.40
CA LYS C 84 -34.03 -10.45 -17.49
C LYS C 84 -33.89 -11.81 -16.84
N LEU C 85 -32.73 -12.44 -17.00
CA LEU C 85 -32.40 -13.72 -16.34
C LEU C 85 -31.47 -13.51 -15.14
N SER C 86 -31.94 -13.86 -13.95
CA SER C 86 -31.09 -13.78 -12.76
C SER C 86 -30.74 -15.19 -12.31
N PHE C 87 -30.35 -15.37 -11.06
CA PHE C 87 -30.02 -16.70 -10.54
C PHE C 87 -31.24 -17.45 -10.08
N MET C 88 -32.27 -16.72 -9.70
CA MET C 88 -33.42 -17.35 -9.03
C MET C 88 -34.07 -18.45 -9.86
N PRO C 89 -34.22 -18.23 -11.17
CA PRO C 89 -34.81 -19.36 -11.90
C PRO C 89 -33.98 -20.62 -11.74
N PHE C 90 -32.66 -20.50 -11.63
CA PHE C 90 -31.87 -21.71 -11.46
C PHE C 90 -32.13 -22.31 -10.10
N PHE C 91 -32.05 -21.47 -9.06
CA PHE C 91 -32.37 -21.85 -7.70
C PHE C 91 -33.76 -22.44 -7.68
N LEU C 92 -34.71 -21.85 -8.43
CA LEU C 92 -36.05 -22.43 -8.38
C LEU C 92 -36.09 -23.85 -8.97
N LYS C 93 -35.52 -24.00 -10.17
CA LYS C 93 -35.58 -25.31 -10.85
C LYS C 93 -34.88 -26.38 -10.03
N ALA C 94 -33.72 -26.03 -9.48
CA ALA C 94 -32.96 -26.97 -8.68
C ALA C 94 -33.73 -27.37 -7.38
N ALA C 95 -34.45 -26.41 -6.77
CA ALA C 95 -35.25 -26.73 -5.59
C ALA C 95 -36.36 -27.72 -5.91
N SER C 96 -36.97 -27.52 -7.07
CA SER C 96 -38.05 -28.39 -7.51
C SER C 96 -37.52 -29.76 -7.81
N LEU C 97 -36.31 -29.81 -8.37
CA LEU C 97 -35.67 -31.11 -8.60
C LEU C 97 -35.50 -31.90 -7.28
N GLY C 98 -34.85 -31.27 -6.29
CA GLY C 98 -34.67 -31.88 -4.98
C GLY C 98 -35.97 -32.30 -4.35
N LEU C 99 -37.03 -31.50 -4.56
CA LEU C 99 -38.32 -31.74 -3.90
C LEU C 99 -38.98 -32.96 -4.45
N LEU C 100 -38.74 -33.24 -5.74
CA LEU C 100 -39.15 -34.51 -6.30
C LEU C 100 -38.57 -35.71 -5.50
N GLN C 101 -37.32 -35.59 -5.07
CA GLN C 101 -36.68 -36.65 -4.30
C GLN C 101 -37.07 -36.63 -2.81
N PHE C 102 -37.43 -35.45 -2.30
CA PHE C 102 -37.76 -35.28 -0.90
C PHE C 102 -39.08 -34.56 -0.73
N PRO C 103 -40.19 -35.20 -1.15
CA PRO C 103 -41.46 -34.52 -1.22
C PRO C 103 -42.00 -34.12 0.13
N ILE C 104 -41.52 -34.72 1.20
CA ILE C 104 -41.93 -34.29 2.52
C ILE C 104 -41.59 -32.80 2.76
N LEU C 105 -40.63 -32.25 2.05
CA LEU C 105 -40.29 -30.83 2.22
C LEU C 105 -41.29 -29.87 1.52
N ASN C 106 -42.19 -30.44 0.73
CA ASN C 106 -43.18 -29.65 -0.02
C ASN C 106 -44.53 -30.04 0.49
N ALA C 107 -44.66 -30.21 1.78
CA ALA C 107 -45.82 -30.79 2.40
C ALA C 107 -46.34 -29.79 3.36
N SER C 108 -47.47 -30.10 3.96
CA SER C 108 -48.07 -29.25 4.97
C SER C 108 -48.56 -30.09 6.12
N VAL C 109 -48.83 -29.41 7.20
CA VAL C 109 -49.13 -30.09 8.43
C VAL C 109 -50.28 -29.37 9.12
N ASP C 110 -51.09 -30.10 9.88
CA ASP C 110 -52.31 -29.51 10.41
C ASP C 110 -52.17 -28.84 11.79
N GLU C 111 -53.34 -28.63 12.42
CA GLU C 111 -53.47 -27.92 13.71
C GLU C 111 -52.45 -28.29 14.77
N ASN C 112 -52.38 -29.57 15.17
CA ASN C 112 -51.30 -29.91 16.12
C ASN C 112 -50.36 -31.01 15.60
N CYS C 113 -50.30 -31.10 14.27
CA CYS C 113 -49.33 -31.94 13.57
C CYS C 113 -49.67 -33.41 13.72
N GLN C 114 -50.89 -33.76 13.31
CA GLN C 114 -51.28 -35.16 13.26
C GLN C 114 -51.45 -35.66 11.83
N ASN C 115 -51.38 -34.77 10.85
CA ASN C 115 -51.51 -35.24 9.49
C ASN C 115 -50.63 -34.47 8.54
N ILE C 116 -49.97 -35.18 7.65
CA ILE C 116 -49.15 -34.55 6.64
C ILE C 116 -49.99 -34.54 5.37
N THR C 117 -50.07 -33.40 4.69
CA THR C 117 -50.49 -33.39 3.29
C THR C 117 -49.29 -33.14 2.38
N TYR C 118 -49.04 -34.11 1.51
CA TYR C 118 -47.94 -34.08 0.55
C TYR C 118 -48.50 -33.41 -0.66
N LYS C 119 -47.92 -32.30 -1.09
CA LYS C 119 -48.57 -31.49 -2.11
C LYS C 119 -47.92 -31.70 -3.48
N ALA C 120 -48.73 -32.03 -4.47
CA ALA C 120 -48.20 -32.36 -5.79
C ALA C 120 -47.47 -31.18 -6.44
N SER C 121 -48.12 -30.01 -6.53
CA SER C 121 -47.58 -28.88 -7.24
C SER C 121 -46.44 -28.26 -6.49
N HIS C 122 -45.45 -27.77 -7.23
CA HIS C 122 -44.38 -27.06 -6.58
C HIS C 122 -44.66 -25.59 -6.79
N ASN C 123 -45.46 -25.03 -5.89
CA ASN C 123 -45.71 -23.60 -5.87
C ASN C 123 -44.69 -22.86 -4.99
N ILE C 124 -43.59 -22.38 -5.60
CA ILE C 124 -42.49 -21.94 -4.80
C ILE C 124 -42.52 -20.47 -4.69
N GLY C 125 -42.64 -19.98 -3.47
CA GLY C 125 -42.70 -18.54 -3.23
C GLY C 125 -41.35 -17.84 -3.22
N ILE C 126 -41.40 -16.58 -3.64
CA ILE C 126 -40.27 -15.70 -3.62
C ILE C 126 -40.66 -14.64 -2.62
N ALA C 127 -39.97 -14.60 -1.47
CA ALA C 127 -40.28 -13.60 -0.45
C ALA C 127 -39.79 -12.25 -0.90
N MET C 128 -40.71 -11.28 -0.92
CA MET C 128 -40.40 -9.87 -1.28
C MET C 128 -40.79 -8.95 -0.15
N ASP C 129 -40.06 -7.87 0.04
CA ASP C 129 -40.61 -6.84 0.94
C ASP C 129 -41.08 -5.64 0.13
N THR C 130 -42.25 -5.15 0.47
CA THR C 130 -42.77 -3.98 -0.23
C THR C 130 -42.84 -2.76 0.72
N GLU C 131 -42.98 -1.56 0.12
CA GLU C 131 -43.33 -0.34 0.86
C GLU C 131 -44.60 -0.60 1.69
N GLN C 132 -45.13 -1.83 1.54
CA GLN C 132 -46.39 -2.29 2.13
C GLN C 132 -46.18 -3.52 3.04
N GLY C 133 -44.93 -3.98 3.15
CA GLY C 133 -44.62 -5.16 3.98
C GLY C 133 -44.35 -6.48 3.22
N LEU C 134 -44.47 -7.59 3.94
CA LEU C 134 -43.97 -8.84 3.46
C LEU C 134 -44.95 -9.39 2.46
N ILE C 135 -44.47 -9.67 1.26
CA ILE C 135 -45.31 -10.27 0.26
C ILE C 135 -44.62 -11.46 -0.43
N VAL C 136 -45.35 -12.58 -0.50
CA VAL C 136 -44.77 -13.82 -0.99
C VAL C 136 -45.56 -14.34 -2.18
N PRO C 137 -45.26 -13.82 -3.37
CA PRO C 137 -45.88 -14.44 -4.54
C PRO C 137 -45.18 -15.76 -4.83
N ASN C 138 -45.86 -16.68 -5.52
CA ASN C 138 -45.18 -17.93 -5.94
C ASN C 138 -45.23 -18.21 -7.43
N VAL C 139 -44.30 -19.03 -7.90
CA VAL C 139 -44.36 -19.58 -9.22
C VAL C 139 -45.06 -20.89 -9.14
N LYS C 140 -46.22 -20.98 -9.80
CA LYS C 140 -46.98 -22.21 -9.84
C LYS C 140 -46.23 -23.31 -10.59
N ASN C 141 -46.22 -24.54 -10.06
CA ASN C 141 -45.89 -25.72 -10.89
C ASN C 141 -44.47 -25.70 -11.53
N VAL C 142 -43.51 -25.40 -10.69
CA VAL C 142 -42.14 -25.28 -11.13
C VAL C 142 -41.71 -26.58 -11.74
N GLN C 143 -42.31 -27.67 -11.27
CA GLN C 143 -41.89 -29.00 -11.72
C GLN C 143 -42.19 -29.23 -13.21
N ILE C 144 -43.11 -28.46 -13.79
CA ILE C 144 -43.39 -28.62 -15.22
C ILE C 144 -43.01 -27.41 -16.03
N ARG C 145 -42.15 -26.56 -15.49
CA ARG C 145 -41.72 -25.37 -16.20
C ARG C 145 -40.21 -25.44 -16.43
N SER C 146 -39.69 -24.70 -17.40
CA SER C 146 -38.27 -24.63 -17.72
C SER C 146 -37.69 -23.40 -17.07
N ILE C 147 -36.38 -23.39 -16.91
CA ILE C 147 -35.70 -22.23 -16.36
C ILE C 147 -36.18 -20.97 -17.03
N PHE C 148 -36.35 -21.02 -18.36
CA PHE C 148 -36.74 -19.83 -19.12
C PHE C 148 -38.16 -19.40 -18.72
N GLU C 149 -39.06 -20.37 -18.66
CA GLU C 149 -40.43 -20.09 -18.28
C GLU C 149 -40.49 -19.55 -16.84
N ILE C 150 -39.68 -20.13 -15.95
CA ILE C 150 -39.59 -19.65 -14.59
C ILE C 150 -39.09 -18.21 -14.62
N ALA C 151 -38.11 -17.91 -15.47
CA ALA C 151 -37.61 -16.54 -15.51
C ALA C 151 -38.76 -15.61 -15.94
N THR C 152 -39.46 -15.99 -17.01
CA THR C 152 -40.62 -15.22 -17.46
C THR C 152 -41.63 -15.00 -16.34
N GLU C 153 -41.99 -16.04 -15.61
CA GLU C 153 -42.93 -15.83 -14.52
C GLU C 153 -42.34 -14.88 -13.41
N LEU C 154 -41.03 -15.01 -13.14
CA LEU C 154 -40.38 -14.12 -12.18
C LEU C 154 -40.43 -12.65 -12.58
N ASN C 155 -40.24 -12.38 -13.88
CA ASN C 155 -40.24 -11.04 -14.45
C ASN C 155 -41.61 -10.48 -14.26
N ARG C 156 -42.64 -11.26 -14.61
CA ARG C 156 -44.05 -10.87 -14.41
C ARG C 156 -44.32 -10.51 -12.94
N LEU C 157 -43.90 -11.35 -12.00
CA LEU C 157 -44.17 -11.11 -10.60
C LEU C 157 -43.43 -9.87 -10.05
N GLN C 158 -42.18 -9.65 -10.44
CA GLN C 158 -41.44 -8.41 -10.12
C GLN C 158 -42.12 -7.12 -10.69
N LYS C 159 -42.57 -7.17 -11.93
CA LYS C 159 -43.28 -6.05 -12.54
C LYS C 159 -44.47 -5.66 -11.65
N LEU C 160 -45.30 -6.64 -11.35
CA LEU C 160 -46.49 -6.46 -10.55
C LEU C 160 -46.20 -6.19 -9.07
N GLY C 161 -45.19 -6.87 -8.53
CA GLY C 161 -44.81 -6.74 -7.12
C GLY C 161 -44.36 -5.33 -6.75
N SER C 162 -43.46 -4.79 -7.58
CA SER C 162 -42.95 -3.46 -7.33
C SER C 162 -43.96 -2.39 -7.72
N ALA C 163 -45.08 -2.77 -8.33
CA ALA C 163 -46.10 -1.78 -8.69
C ALA C 163 -47.28 -1.94 -7.77
N GLY C 164 -47.23 -2.85 -6.82
CA GLY C 164 -48.32 -3.00 -5.87
C GLY C 164 -49.56 -3.71 -6.42
N GLN C 165 -49.40 -4.35 -7.58
CA GLN C 165 -50.54 -4.93 -8.28
C GLN C 165 -50.50 -6.45 -8.31
N LEU C 166 -49.83 -7.11 -7.37
CA LEU C 166 -49.97 -8.57 -7.35
C LEU C 166 -51.41 -8.95 -7.07
N SER C 167 -51.91 -10.02 -7.70
CA SER C 167 -53.31 -10.46 -7.58
C SER C 167 -53.48 -11.60 -6.57
N THR C 168 -54.67 -11.76 -6.01
CA THR C 168 -54.93 -12.89 -5.15
C THR C 168 -54.27 -14.20 -5.67
N ASN C 169 -54.62 -14.62 -6.88
CA ASN C 169 -54.09 -15.90 -7.38
C ASN C 169 -52.54 -16.02 -7.33
N ASP C 170 -51.83 -14.93 -7.57
CA ASP C 170 -50.37 -14.93 -7.50
C ASP C 170 -49.84 -15.15 -6.08
N LEU C 171 -50.68 -14.90 -5.08
CA LEU C 171 -50.26 -14.94 -3.65
C LEU C 171 -50.53 -16.26 -2.91
N ILE C 172 -51.57 -16.94 -3.32
CA ILE C 172 -52.07 -18.05 -2.55
C ILE C 172 -51.50 -19.33 -3.14
N GLY C 173 -51.68 -20.43 -2.39
CA GLY C 173 -51.33 -21.76 -2.82
C GLY C 173 -49.87 -22.12 -2.72
N GLY C 174 -49.06 -21.28 -2.05
CA GLY C 174 -47.62 -21.57 -1.90
C GLY C 174 -47.34 -22.89 -1.18
N THR C 175 -46.36 -23.66 -1.65
CA THR C 175 -46.01 -24.89 -0.94
C THR C 175 -44.61 -24.85 -0.29
N PHE C 176 -43.77 -23.91 -0.72
CA PHE C 176 -42.33 -23.88 -0.35
C PHE C 176 -41.79 -22.49 -0.68
N THR C 177 -40.84 -21.98 0.10
CA THR C 177 -40.42 -20.63 -0.10
C THR C 177 -38.88 -20.47 -0.13
N LEU C 178 -38.43 -19.57 -1.02
CA LEU C 178 -37.05 -19.13 -1.01
C LEU C 178 -37.03 -17.64 -0.88
N SER C 179 -35.98 -17.17 -0.27
CA SER C 179 -35.94 -15.80 0.02
C SER C 179 -34.56 -15.27 -0.36
N ASN C 180 -34.52 -14.44 -1.40
CA ASN C 180 -33.22 -13.98 -1.86
C ASN C 180 -32.69 -12.80 -1.04
N ILE C 181 -32.30 -13.02 0.20
CA ILE C 181 -31.82 -11.86 0.94
C ILE C 181 -30.58 -11.23 0.30
N GLY C 182 -29.76 -12.04 -0.36
CA GLY C 182 -28.45 -11.58 -0.85
C GLY C 182 -28.53 -10.63 -2.05
N SER C 183 -29.72 -10.41 -2.61
CA SER C 183 -29.90 -9.30 -3.49
C SER C 183 -29.72 -7.97 -2.73
N ILE C 184 -29.75 -7.96 -1.41
CA ILE C 184 -29.40 -6.74 -0.70
C ILE C 184 -28.09 -6.90 -0.02
N GLY C 185 -27.93 -8.00 0.71
CA GLY C 185 -26.67 -8.26 1.41
C GLY C 185 -26.79 -9.57 2.15
N GLY C 186 -25.75 -9.90 2.94
CA GLY C 186 -25.79 -11.00 3.90
C GLY C 186 -25.07 -12.26 3.47
N THR C 187 -24.86 -13.15 4.43
CA THR C 187 -24.27 -14.47 4.23
C THR C 187 -25.30 -15.50 4.70
N TYR C 188 -25.30 -15.83 5.99
CA TYR C 188 -26.25 -16.76 6.61
C TYR C 188 -27.46 -16.07 7.24
N ALA C 189 -28.54 -16.80 7.42
CA ALA C 189 -29.73 -16.22 8.00
C ALA C 189 -30.51 -17.23 8.83
N LYS C 190 -31.51 -16.80 9.57
CA LYS C 190 -32.49 -17.76 10.12
C LYS C 190 -33.86 -17.34 9.57
N PRO C 191 -34.22 -17.84 8.38
CA PRO C 191 -35.52 -17.40 7.89
C PRO C 191 -36.65 -18.04 8.71
N VAL C 192 -37.87 -17.50 8.60
CA VAL C 192 -38.97 -17.90 9.39
C VAL C 192 -39.97 -18.63 8.46
N ILE C 193 -40.30 -19.87 8.79
CA ILE C 193 -41.19 -20.69 7.94
C ILE C 193 -42.62 -20.10 7.88
N LEU C 194 -43.18 -20.08 6.68
CA LEU C 194 -44.49 -19.54 6.44
C LEU C 194 -45.56 -20.63 6.58
N PRO C 195 -46.31 -20.67 7.68
CA PRO C 195 -47.38 -21.69 7.76
C PRO C 195 -48.42 -21.61 6.62
N PRO C 196 -48.94 -22.77 6.18
CA PRO C 196 -48.67 -24.11 6.71
C PRO C 196 -47.49 -24.83 5.95
N GLU C 197 -46.65 -24.09 5.27
CA GLU C 197 -45.46 -24.74 4.68
C GLU C 197 -44.55 -25.30 5.76
N VAL C 198 -43.64 -26.23 5.39
CA VAL C 198 -42.62 -26.81 6.36
C VAL C 198 -41.12 -26.44 6.23
N ALA C 199 -40.77 -25.72 5.16
CA ALA C 199 -39.41 -25.33 4.96
C ALA C 199 -39.34 -24.00 4.21
N ILE C 200 -38.19 -23.33 4.39
CA ILE C 200 -37.88 -22.11 3.67
C ILE C 200 -36.37 -22.03 3.57
N GLY C 201 -35.86 -21.48 2.46
CA GLY C 201 -34.45 -21.26 2.33
C GLY C 201 -34.07 -19.82 2.07
N ALA C 202 -32.94 -19.38 2.64
CA ALA C 202 -32.44 -18.05 2.37
C ALA C 202 -31.10 -18.07 1.65
N LEU C 203 -30.95 -17.25 0.63
CA LEU C 203 -29.72 -17.21 -0.17
C LEU C 203 -28.95 -15.91 0.09
N GLY C 204 -27.67 -16.04 0.41
CA GLY C 204 -26.84 -14.89 0.68
C GLY C 204 -26.24 -14.27 -0.56
N THR C 205 -25.44 -13.24 -0.32
CA THR C 205 -24.65 -12.59 -1.38
C THR C 205 -23.60 -13.52 -1.98
N ILE C 206 -23.61 -13.59 -3.32
CA ILE C 206 -22.66 -14.35 -4.10
C ILE C 206 -21.45 -13.48 -4.07
N LYS C 207 -20.31 -14.04 -3.78
CA LYS C 207 -19.18 -13.25 -3.36
C LYS C 207 -17.90 -14.05 -3.67
N ALA C 208 -16.87 -13.39 -4.21
CA ALA C 208 -15.70 -14.11 -4.69
C ALA C 208 -14.78 -14.34 -3.51
N LEU C 209 -14.32 -15.59 -3.30
CA LEU C 209 -13.42 -15.92 -2.15
C LEU C 209 -12.23 -16.86 -2.50
N PRO C 210 -11.12 -16.73 -1.78
CA PRO C 210 -10.07 -17.69 -2.11
C PRO C 210 -10.45 -19.10 -1.68
N ARG C 211 -10.33 -20.04 -2.63
CA ARG C 211 -10.68 -21.46 -2.43
C ARG C 211 -9.73 -22.37 -3.21
N PHE C 212 -9.43 -23.53 -2.63
CA PHE C 212 -8.63 -24.55 -3.27
C PHE C 212 -9.40 -25.27 -4.39
N ASN C 213 -8.68 -25.57 -5.49
CA ASN C 213 -9.17 -26.46 -6.57
C ASN C 213 -8.66 -27.91 -6.42
N GLU C 214 -9.02 -28.78 -7.37
CA GLU C 214 -8.55 -30.20 -7.34
C GLU C 214 -7.02 -30.30 -7.13
N LYS C 215 -6.28 -29.51 -7.92
CA LYS C 215 -4.81 -29.43 -7.79
C LYS C 215 -4.27 -28.86 -6.46
N GLY C 216 -5.15 -28.47 -5.54
CA GLY C 216 -4.71 -27.87 -4.28
C GLY C 216 -4.09 -26.48 -4.43
N GLU C 217 -4.54 -25.74 -5.45
CA GLU C 217 -4.09 -24.38 -5.75
C GLU C 217 -5.19 -23.31 -5.44
N VAL C 218 -4.75 -22.11 -5.13
CA VAL C 218 -5.66 -21.07 -4.67
C VAL C 218 -6.43 -20.31 -5.78
N CYS C 219 -7.74 -20.56 -5.88
CA CYS C 219 -8.58 -19.95 -6.92
C CYS C 219 -9.60 -18.94 -6.43
N LYS C 220 -10.13 -18.21 -7.41
CA LYS C 220 -11.31 -17.36 -7.26
C LYS C 220 -12.51 -18.28 -7.36
N ALA C 221 -13.31 -18.31 -6.30
CA ALA C 221 -14.56 -19.04 -6.36
C ALA C 221 -15.73 -18.17 -5.94
N GLN C 222 -16.78 -18.21 -6.76
CA GLN C 222 -18.02 -17.49 -6.49
C GLN C 222 -18.78 -18.33 -5.46
N ILE C 223 -18.77 -17.83 -4.22
CA ILE C 223 -19.38 -18.52 -3.09
C ILE C 223 -20.72 -17.89 -2.66
N MET C 224 -21.75 -18.72 -2.50
CA MET C 224 -23.00 -18.23 -1.94
C MET C 224 -23.35 -19.01 -0.66
N ASN C 225 -23.87 -18.34 0.37
CA ASN C 225 -24.35 -19.10 1.52
C ASN C 225 -25.84 -19.45 1.42
N VAL C 226 -26.22 -20.66 1.84
CA VAL C 226 -27.64 -21.02 1.92
C VAL C 226 -27.98 -21.37 3.38
N SER C 227 -29.17 -20.94 3.82
CA SER C 227 -29.66 -21.19 5.18
C SER C 227 -31.06 -21.72 5.09
N TRP C 228 -31.29 -22.95 5.49
CA TRP C 228 -32.63 -23.55 5.48
C TRP C 228 -33.16 -23.63 6.91
N SER C 229 -34.46 -23.45 7.03
CA SER C 229 -35.21 -23.69 8.24
C SER C 229 -36.28 -24.72 7.91
N ALA C 230 -36.51 -25.67 8.81
CA ALA C 230 -37.46 -26.76 8.57
C ALA C 230 -38.15 -27.14 9.86
N ASP C 231 -39.40 -27.51 9.70
CA ASP C 231 -40.26 -27.88 10.80
C ASP C 231 -39.80 -29.21 11.36
N HIS C 232 -39.00 -29.17 12.41
CA HIS C 232 -38.43 -30.42 12.94
C HIS C 232 -39.46 -31.41 13.54
N ARG C 233 -40.73 -31.01 13.68
CA ARG C 233 -41.78 -31.98 14.03
C ARG C 233 -41.94 -33.17 13.04
N ILE C 234 -41.73 -32.92 11.75
CA ILE C 234 -41.87 -33.95 10.72
C ILE C 234 -40.70 -34.04 9.75
N ILE C 235 -39.76 -33.10 9.86
CA ILE C 235 -38.60 -33.12 9.01
C ILE C 235 -37.34 -33.33 9.81
N ASP C 236 -36.67 -34.46 9.60
CA ASP C 236 -35.43 -34.71 10.35
C ASP C 236 -34.22 -34.03 9.74
N GLY C 237 -33.08 -34.07 10.43
CA GLY C 237 -31.85 -33.42 9.94
C GLY C 237 -31.32 -33.94 8.63
N ALA C 238 -31.41 -35.25 8.44
CA ALA C 238 -30.86 -35.93 7.28
C ALA C 238 -31.64 -35.60 6.06
N THR C 239 -32.94 -35.43 6.18
CA THR C 239 -33.74 -35.05 5.03
C THR C 239 -33.37 -33.64 4.57
N VAL C 240 -33.31 -32.67 5.47
CA VAL C 240 -32.95 -31.34 5.01
C VAL C 240 -31.51 -31.34 4.47
N SER C 241 -30.63 -32.12 5.06
CA SER C 241 -29.23 -32.10 4.62
C SER C 241 -29.01 -32.76 3.23
N ARG C 242 -29.69 -33.86 3.01
CA ARG C 242 -29.61 -34.58 1.75
C ARG C 242 -30.33 -33.75 0.67
N PHE C 243 -31.48 -33.16 1.00
CA PHE C 243 -32.13 -32.29 0.06
C PHE C 243 -31.12 -31.23 -0.27
N SER C 244 -30.50 -30.64 0.73
CA SER C 244 -29.65 -29.49 0.46
C SER C 244 -28.49 -29.94 -0.42
N ASN C 245 -27.88 -31.09 -0.12
CA ASN C 245 -26.78 -31.56 -0.96
C ASN C 245 -27.20 -31.72 -2.42
N LEU C 246 -28.41 -32.23 -2.62
CA LEU C 246 -28.89 -32.46 -3.97
C LEU C 246 -29.00 -31.08 -4.72
N TRP C 247 -29.64 -30.12 -4.05
CA TRP C 247 -29.88 -28.81 -4.59
C TRP C 247 -28.51 -28.21 -4.95
N LYS C 248 -27.59 -28.42 -4.05
CA LYS C 248 -26.28 -27.88 -4.16
C LYS C 248 -25.57 -28.50 -5.36
N SER C 249 -25.71 -29.80 -5.54
CA SER C 249 -24.98 -30.44 -6.60
C SER C 249 -25.55 -30.00 -7.94
N TYR C 250 -26.86 -29.76 -8.00
CA TYR C 250 -27.45 -29.27 -9.23
C TYR C 250 -26.88 -27.91 -9.61
N LEU C 251 -26.57 -27.10 -8.61
CA LEU C 251 -26.07 -25.77 -8.86
C LEU C 251 -24.56 -25.74 -9.05
N GLU C 252 -23.81 -26.55 -8.30
CA GLU C 252 -22.35 -26.60 -8.41
C GLU C 252 -21.98 -27.18 -9.78
N ASN C 253 -22.78 -28.15 -10.24
CA ASN C 253 -22.59 -28.79 -11.55
C ASN C 253 -23.92 -28.76 -12.33
N PRO C 254 -24.22 -27.64 -12.99
CA PRO C 254 -25.47 -27.45 -13.75
C PRO C 254 -25.75 -28.50 -14.82
N ALA C 255 -24.67 -29.13 -15.30
CA ALA C 255 -24.77 -30.23 -16.22
C ALA C 255 -25.71 -31.29 -15.67
N PHE C 256 -25.58 -31.61 -14.39
CA PHE C 256 -26.41 -32.64 -13.81
C PHE C 256 -27.88 -32.31 -14.08
N MET C 257 -28.28 -31.05 -13.93
CA MET C 257 -29.67 -30.70 -14.20
C MET C 257 -30.15 -31.21 -15.57
N LEU C 258 -29.29 -31.09 -16.60
CA LEU C 258 -29.52 -31.61 -17.99
C LEU C 258 -30.09 -33.00 -18.10
N LEU C 259 -29.64 -33.87 -17.23
CA LEU C 259 -29.90 -35.27 -17.38
C LEU C 259 -31.36 -35.60 -17.49
N ASP C 260 -32.15 -35.04 -16.59
CA ASP C 260 -33.51 -35.53 -16.39
C ASP C 260 -34.62 -34.63 -16.91
N LEU C 261 -34.23 -33.51 -17.51
CA LEU C 261 -35.17 -32.57 -18.09
C LEU C 261 -35.67 -33.02 -19.48
N LYS C 262 -36.89 -32.62 -19.83
CA LYS C 262 -37.59 -33.14 -21.00
C LYS C 262 -37.91 -32.02 -22.00
N GLY D 29 34.28 48.19 18.64
CA GLY D 29 34.59 47.87 20.08
C GLY D 29 33.69 48.61 21.07
N LYS D 30 33.00 49.65 20.59
CA LYS D 30 31.96 50.34 21.38
C LYS D 30 30.79 50.91 20.49
N ASP D 31 29.71 51.36 21.13
CA ASP D 31 28.51 51.85 20.41
C ASP D 31 28.70 53.24 19.71
N ARG D 32 28.69 53.24 18.38
CA ARG D 32 28.90 54.46 17.63
C ARG D 32 27.58 54.98 17.01
N THR D 33 27.19 56.20 17.38
CA THR D 33 26.03 56.86 16.78
C THR D 33 26.40 57.84 15.66
N GLU D 34 25.73 57.70 14.53
CA GLU D 34 25.99 58.58 13.40
C GLU D 34 24.71 58.87 12.59
N PRO D 35 24.55 60.14 12.13
CA PRO D 35 23.51 60.49 11.14
C PRO D 35 23.37 59.50 9.99
N VAL D 36 22.14 59.21 9.61
CA VAL D 36 21.87 58.57 8.35
C VAL D 36 22.25 59.67 7.38
N LYS D 37 23.21 59.40 6.51
CA LYS D 37 23.66 60.51 5.67
C LYS D 37 23.17 60.50 4.23
N GLY D 38 23.26 61.68 3.63
CA GLY D 38 23.25 61.86 2.22
C GLY D 38 22.25 61.06 1.43
N PHE D 39 22.76 60.12 0.66
CA PHE D 39 21.92 59.55 -0.34
C PHE D 39 21.14 58.37 0.23
N HIS D 40 21.41 58.06 1.49
CA HIS D 40 20.59 57.12 2.22
C HIS D 40 19.19 57.63 2.58
N LYS D 41 19.00 58.94 2.60
CA LYS D 41 17.72 59.55 2.99
C LYS D 41 16.59 59.11 2.09
N ALA D 42 16.92 58.88 0.83
CA ALA D 42 15.95 58.54 -0.19
C ALA D 42 15.26 57.24 0.13
N MET D 43 16.01 56.32 0.73
CA MET D 43 15.43 55.04 1.05
C MET D 43 14.53 55.17 2.27
N VAL D 44 14.98 55.98 3.22
CA VAL D 44 14.19 56.17 4.41
C VAL D 44 12.82 56.70 3.93
N LYS D 45 12.84 57.69 3.02
CA LYS D 45 11.61 58.31 2.57
C LYS D 45 10.71 57.33 1.78
N THR D 46 11.25 56.75 0.72
CA THR D 46 10.52 55.73 -0.02
C THR D 46 9.90 54.61 0.88
N MET D 47 10.70 54.02 1.74
CA MET D 47 10.17 52.92 2.50
C MET D 47 9.13 53.45 3.51
N SER D 48 9.38 54.61 4.09
CA SER D 48 8.40 55.18 4.97
C SER D 48 7.05 55.33 4.28
N ALA D 49 7.04 55.72 3.02
CA ALA D 49 5.80 56.10 2.36
C ALA D 49 5.08 54.79 2.06
N ALA D 50 5.86 53.72 1.89
CA ALA D 50 5.27 52.42 1.61
C ALA D 50 4.40 51.93 2.77
N LEU D 51 4.54 52.49 3.95
CA LEU D 51 3.63 52.13 5.03
C LEU D 51 2.14 52.43 4.71
N LYS D 52 1.84 53.29 3.77
CA LYS D 52 0.43 53.65 3.55
C LYS D 52 -0.29 52.57 2.82
N ILE D 53 0.48 51.58 2.37
CA ILE D 53 -0.01 50.60 1.40
C ILE D 53 -0.21 49.27 2.03
N PRO D 54 -1.47 48.85 2.16
CA PRO D 54 -1.83 47.53 2.71
C PRO D 54 -1.31 46.46 1.80
N HIS D 55 -0.17 45.90 2.16
CA HIS D 55 0.49 44.90 1.32
C HIS D 55 -0.17 43.54 1.44
N PHE D 56 -0.60 42.96 0.32
CA PHE D 56 -1.11 41.61 0.31
C PHE D 56 -0.02 40.80 -0.38
N GLY D 57 0.44 39.67 0.16
CA GLY D 57 1.48 38.86 -0.54
C GLY D 57 0.91 37.59 -1.15
N TYR D 58 1.34 37.25 -2.36
CA TYR D 58 0.94 36.01 -3.00
C TYR D 58 2.17 35.39 -3.69
N CYS D 59 2.40 34.10 -3.52
CA CYS D 59 3.67 33.53 -4.00
C CYS D 59 3.40 32.28 -4.78
N ASP D 60 4.39 31.84 -5.56
CA ASP D 60 4.21 30.63 -6.29
C ASP D 60 5.57 30.04 -6.62
N GLU D 61 5.55 28.85 -7.20
CA GLU D 61 6.71 28.11 -7.67
C GLU D 61 6.67 28.17 -9.17
N VAL D 62 7.78 28.36 -9.83
CA VAL D 62 7.74 28.32 -11.29
C VAL D 62 8.77 27.37 -11.84
N ASP D 63 8.31 26.53 -12.75
CA ASP D 63 9.15 25.52 -13.37
C ASP D 63 9.87 26.07 -14.59
N LEU D 64 11.13 26.40 -14.43
CA LEU D 64 11.90 27.04 -15.50
C LEU D 64 12.83 26.09 -16.26
N THR D 65 12.58 24.79 -16.15
CA THR D 65 13.41 23.77 -16.81
C THR D 65 13.55 24.14 -18.29
N GLU D 66 12.40 24.37 -18.94
CA GLU D 66 12.37 24.74 -20.36
C GLU D 66 13.13 26.05 -20.66
N LEU D 67 12.87 27.11 -19.89
CA LEU D 67 13.56 28.38 -20.07
C LEU D 67 15.07 28.28 -19.87
N VAL D 68 15.50 27.48 -18.90
CA VAL D 68 16.92 27.29 -18.68
C VAL D 68 17.55 26.66 -19.91
N LYS D 69 16.87 25.68 -20.50
CA LYS D 69 17.36 25.07 -21.70
C LYS D 69 17.39 26.11 -22.81
N LEU D 70 16.28 26.82 -22.97
CA LEU D 70 16.18 27.82 -24.01
C LEU D 70 17.26 28.90 -23.93
N ARG D 71 17.46 29.47 -22.76
CA ARG D 71 18.45 30.51 -22.61
C ARG D 71 19.85 29.97 -22.94
N GLU D 72 20.16 28.76 -22.48
CA GLU D 72 21.46 28.10 -22.84
C GLU D 72 21.70 28.13 -24.35
N GLU D 73 20.72 27.65 -25.11
CA GLU D 73 20.86 27.65 -26.56
C GLU D 73 20.81 29.03 -27.22
N LEU D 74 20.28 30.04 -26.54
CA LEU D 74 20.35 31.42 -27.07
C LEU D 74 21.61 32.26 -26.79
N LYS D 75 22.50 31.82 -25.90
CA LYS D 75 23.69 32.61 -25.54
C LYS D 75 24.63 32.90 -26.71
N PRO D 76 25.07 31.86 -27.44
CA PRO D 76 25.94 32.22 -28.55
C PRO D 76 25.35 33.37 -29.41
N ILE D 77 24.06 33.35 -29.69
CA ILE D 77 23.47 34.38 -30.56
C ILE D 77 23.59 35.74 -29.88
N ALA D 78 23.43 35.76 -28.56
CA ALA D 78 23.53 36.99 -27.80
C ALA D 78 24.97 37.40 -27.70
N PHE D 79 25.78 36.56 -27.06
CA PHE D 79 27.22 36.79 -26.96
C PHE D 79 27.73 37.36 -28.29
N ALA D 80 27.53 36.64 -29.39
CA ALA D 80 27.87 37.13 -30.73
C ALA D 80 27.40 38.56 -31.05
N ARG D 81 26.31 39.00 -30.42
CA ARG D 81 25.74 40.30 -30.79
C ARG D 81 26.25 41.42 -29.89
N GLY D 82 26.95 41.01 -28.84
CA GLY D 82 27.49 41.94 -27.85
C GLY D 82 26.73 41.99 -26.54
N ILE D 83 25.85 41.01 -26.29
CA ILE D 83 24.99 41.06 -25.09
C ILE D 83 25.09 39.85 -24.10
N LYS D 84 25.24 40.12 -22.81
CA LYS D 84 24.98 39.10 -21.79
C LYS D 84 23.46 38.92 -21.77
N LEU D 85 22.99 37.70 -21.95
CA LEU D 85 21.55 37.42 -21.85
C LEU D 85 21.30 36.66 -20.55
N SER D 86 20.69 37.35 -19.58
CA SER D 86 20.27 36.68 -18.37
C SER D 86 18.80 36.28 -18.51
N PHE D 87 18.17 35.91 -17.40
CA PHE D 87 16.76 35.61 -17.37
C PHE D 87 15.83 36.81 -17.36
N MET D 88 16.32 37.95 -16.86
CA MET D 88 15.46 39.09 -16.63
C MET D 88 14.75 39.60 -17.89
N PRO D 89 15.44 39.62 -19.05
CA PRO D 89 14.70 39.97 -20.26
C PRO D 89 13.44 39.12 -20.42
N PHE D 90 13.53 37.84 -20.07
CA PHE D 90 12.37 36.93 -20.22
C PHE D 90 11.33 37.24 -19.17
N PHE D 91 11.83 37.52 -17.96
CA PHE D 91 11.01 37.92 -16.85
C PHE D 91 10.25 39.22 -17.12
N LEU D 92 10.92 40.23 -17.64
CA LEU D 92 10.21 41.45 -17.97
C LEU D 92 9.21 41.23 -19.14
N LYS D 93 9.66 40.55 -20.20
CA LYS D 93 8.78 40.39 -21.34
C LYS D 93 7.55 39.63 -20.88
N ALA D 94 7.77 38.55 -20.12
CA ALA D 94 6.64 37.82 -19.57
C ALA D 94 5.71 38.80 -18.78
N ALA D 95 6.29 39.58 -17.85
CA ALA D 95 5.53 40.53 -17.05
C ALA D 95 4.76 41.54 -17.93
N SER D 96 5.43 42.19 -18.86
CA SER D 96 4.70 43.10 -19.78
C SER D 96 3.45 42.42 -20.37
N LEU D 97 3.65 41.20 -20.85
CA LEU D 97 2.52 40.48 -21.45
C LEU D 97 1.40 40.27 -20.46
N GLY D 98 1.74 39.86 -19.21
CA GLY D 98 0.69 39.74 -18.17
C GLY D 98 -0.04 41.08 -17.94
N LEU D 99 0.73 42.18 -17.95
CA LEU D 99 0.23 43.51 -17.75
C LEU D 99 -0.77 44.01 -18.83
N LEU D 100 -0.60 43.60 -20.07
CA LEU D 100 -1.61 43.83 -21.10
C LEU D 100 -2.94 43.17 -20.75
N GLN D 101 -2.90 42.01 -20.11
CA GLN D 101 -4.13 41.32 -19.72
C GLN D 101 -4.67 41.95 -18.48
N PHE D 102 -3.80 42.41 -17.57
CA PHE D 102 -4.23 42.98 -16.29
C PHE D 102 -3.68 44.38 -16.05
N PRO D 103 -4.18 45.36 -16.78
CA PRO D 103 -3.55 46.68 -16.73
C PRO D 103 -3.62 47.40 -15.38
N ILE D 104 -4.59 47.03 -14.56
CA ILE D 104 -4.68 47.56 -13.20
C ILE D 104 -3.39 47.32 -12.38
N LEU D 105 -2.55 46.34 -12.71
CA LEU D 105 -1.28 46.19 -11.97
C LEU D 105 -0.21 47.18 -12.41
N ASN D 106 -0.47 47.86 -13.53
CA ASN D 106 0.47 48.85 -14.05
C ASN D 106 -0.10 50.24 -13.85
N ALA D 107 -0.97 50.40 -12.87
CA ALA D 107 -1.58 51.67 -12.56
C ALA D 107 -0.92 52.25 -11.34
N SER D 108 -1.27 53.48 -11.00
CA SER D 108 -0.94 54.09 -9.72
C SER D 108 -2.20 54.55 -9.07
N VAL D 109 -2.14 54.78 -7.77
CA VAL D 109 -3.20 55.48 -7.08
C VAL D 109 -2.67 56.70 -6.30
N ASP D 110 -3.58 57.62 -5.97
CA ASP D 110 -3.22 58.79 -5.15
C ASP D 110 -3.26 58.54 -3.63
N GLU D 111 -3.06 59.62 -2.88
CA GLU D 111 -2.83 59.59 -1.43
C GLU D 111 -3.75 58.62 -0.71
N ASN D 112 -5.04 58.90 -0.70
CA ASN D 112 -5.87 58.02 0.11
C ASN D 112 -6.73 57.08 -0.72
N CYS D 113 -6.28 56.86 -1.96
CA CYS D 113 -6.81 55.89 -2.93
C CYS D 113 -8.21 56.23 -3.45
N GLN D 114 -8.33 57.43 -3.99
CA GLN D 114 -9.62 57.83 -4.54
C GLN D 114 -9.61 57.89 -6.03
N ASN D 115 -8.42 57.97 -6.61
CA ASN D 115 -8.29 57.91 -8.07
C ASN D 115 -7.15 57.01 -8.49
N ILE D 116 -7.43 56.22 -9.53
CA ILE D 116 -6.53 55.28 -10.16
C ILE D 116 -6.09 55.90 -11.48
N THR D 117 -4.78 55.85 -11.78
CA THR D 117 -4.21 56.18 -13.09
C THR D 117 -3.62 54.95 -13.80
N TYR D 118 -4.29 54.51 -14.86
CA TYR D 118 -3.82 53.45 -15.77
C TYR D 118 -2.74 53.97 -16.72
N LYS D 119 -1.63 53.27 -16.81
CA LYS D 119 -0.46 53.82 -17.45
C LYS D 119 -0.24 52.93 -18.64
N ALA D 120 -0.01 53.56 -19.77
CA ALA D 120 0.01 52.84 -21.02
C ALA D 120 1.41 52.23 -21.17
N SER D 121 2.42 52.96 -20.74
CA SER D 121 3.76 52.45 -20.85
C SER D 121 4.03 51.42 -19.78
N HIS D 122 4.63 50.29 -20.19
CA HIS D 122 5.15 49.35 -19.23
C HIS D 122 6.59 49.73 -18.95
N ASN D 123 6.85 50.71 -18.08
CA ASN D 123 8.26 51.02 -17.71
C ASN D 123 8.62 50.27 -16.46
N ILE D 124 9.15 49.07 -16.61
CA ILE D 124 9.38 48.17 -15.52
C ILE D 124 10.69 48.39 -14.82
N GLY D 125 10.65 48.67 -13.52
CA GLY D 125 11.87 48.93 -12.76
C GLY D 125 12.62 47.68 -12.34
N ILE D 126 13.92 47.81 -12.17
CA ILE D 126 14.83 46.74 -11.79
C ILE D 126 15.43 47.24 -10.48
N ALA D 127 15.01 46.66 -9.37
CA ALA D 127 15.58 47.12 -8.10
C ALA D 127 17.07 46.73 -7.94
N MET D 128 17.93 47.65 -7.58
CA MET D 128 19.33 47.27 -7.30
C MET D 128 19.85 47.95 -6.05
N ASP D 129 20.95 47.42 -5.51
CA ASP D 129 21.67 48.14 -4.49
C ASP D 129 23.12 48.44 -4.96
N THR D 130 23.55 49.67 -4.75
CA THR D 130 24.95 50.01 -4.91
C THR D 130 25.35 50.35 -3.49
N GLU D 131 26.53 50.95 -3.28
CA GLU D 131 26.84 51.38 -1.89
C GLU D 131 26.05 52.62 -1.52
N GLN D 132 25.53 53.31 -2.54
CA GLN D 132 24.58 54.41 -2.29
C GLN D 132 23.19 53.88 -1.85
N GLY D 133 23.01 52.56 -1.87
CA GLY D 133 21.73 51.97 -1.47
C GLY D 133 20.81 51.58 -2.61
N LEU D 134 19.52 51.67 -2.31
CA LEU D 134 18.48 51.25 -3.24
C LEU D 134 18.41 52.16 -4.44
N ILE D 135 18.51 51.60 -5.63
CA ILE D 135 18.32 52.38 -6.83
C ILE D 135 17.46 51.58 -7.80
N VAL D 136 16.52 52.24 -8.48
CA VAL D 136 15.55 51.53 -9.28
C VAL D 136 15.33 52.14 -10.68
N PRO D 137 16.24 51.91 -11.61
CA PRO D 137 15.86 52.35 -12.94
C PRO D 137 14.86 51.40 -13.60
N ASN D 138 14.24 51.87 -14.65
CA ASN D 138 13.23 51.09 -15.35
C ASN D 138 13.57 51.06 -16.88
N VAL D 139 13.17 49.99 -17.54
CA VAL D 139 13.31 49.83 -18.96
C VAL D 139 12.04 50.45 -19.52
N LYS D 140 12.18 51.35 -20.47
CA LYS D 140 11.03 52.12 -20.96
C LYS D 140 10.24 51.24 -21.90
N ASN D 141 8.93 51.38 -21.88
CA ASN D 141 8.06 50.76 -22.87
C ASN D 141 8.42 49.36 -23.29
N VAL D 142 8.42 48.48 -22.33
CA VAL D 142 8.79 47.12 -22.55
C VAL D 142 7.86 46.51 -23.55
N GLN D 143 6.59 46.94 -23.58
CA GLN D 143 5.63 46.26 -24.43
C GLN D 143 5.92 46.35 -25.94
N ILE D 144 6.79 47.28 -26.37
CA ILE D 144 7.21 47.41 -27.79
C ILE D 144 8.68 47.06 -28.01
N ARG D 145 9.27 46.34 -27.06
CA ARG D 145 10.64 45.85 -27.17
C ARG D 145 10.72 44.32 -27.20
N SER D 146 11.74 43.81 -27.86
CA SER D 146 12.03 42.39 -27.82
C SER D 146 12.93 42.01 -26.63
N ILE D 147 12.94 40.71 -26.35
CA ILE D 147 13.81 40.13 -25.34
C ILE D 147 15.20 40.64 -25.58
N PHE D 148 15.62 40.67 -26.84
CA PHE D 148 16.97 41.08 -27.13
C PHE D 148 17.18 42.58 -26.85
N GLU D 149 16.22 43.42 -27.26
CA GLU D 149 16.36 44.86 -26.91
C GLU D 149 16.32 45.09 -25.40
N ILE D 150 15.47 44.35 -24.70
CA ILE D 150 15.39 44.46 -23.25
C ILE D 150 16.76 44.08 -22.63
N ALA D 151 17.36 43.00 -23.15
CA ALA D 151 18.68 42.58 -22.66
C ALA D 151 19.73 43.70 -22.82
N THR D 152 19.72 44.32 -23.97
CA THR D 152 20.58 45.44 -24.30
C THR D 152 20.38 46.59 -23.33
N GLU D 153 19.13 46.91 -23.05
CA GLU D 153 18.84 48.02 -22.15
C GLU D 153 19.28 47.71 -20.71
N LEU D 154 19.12 46.45 -20.29
CA LEU D 154 19.55 46.01 -18.94
C LEU D 154 21.03 46.19 -18.73
N ASN D 155 21.81 45.70 -19.71
CA ASN D 155 23.26 45.77 -19.65
C ASN D 155 23.64 47.22 -19.52
N ARG D 156 22.90 48.06 -20.23
CA ARG D 156 23.18 49.49 -20.23
C ARG D 156 22.91 49.99 -18.81
N LEU D 157 21.69 49.78 -18.31
CA LEU D 157 21.32 50.30 -17.02
C LEU D 157 22.21 49.75 -15.90
N GLN D 158 22.60 48.49 -16.05
CA GLN D 158 23.49 47.83 -15.08
C GLN D 158 24.85 48.54 -15.08
N LYS D 159 25.36 48.83 -16.27
CA LYS D 159 26.63 49.49 -16.44
C LYS D 159 26.54 50.84 -15.74
N LEU D 160 25.64 51.69 -16.22
CA LEU D 160 25.45 53.00 -15.60
C LEU D 160 25.28 52.89 -14.08
N GLY D 161 24.38 52.04 -13.64
CA GLY D 161 24.12 51.92 -12.21
C GLY D 161 25.39 51.77 -11.37
N SER D 162 26.31 50.94 -11.89
CA SER D 162 27.55 50.61 -11.22
C SER D 162 28.43 51.85 -11.12
N ALA D 163 28.56 52.57 -12.22
CA ALA D 163 29.33 53.83 -12.25
C ALA D 163 28.62 55.03 -11.57
N GLY D 164 27.49 54.79 -10.90
CA GLY D 164 26.66 55.89 -10.35
C GLY D 164 26.28 56.91 -11.41
N GLN D 165 25.99 56.46 -12.63
CA GLN D 165 25.79 57.39 -13.73
C GLN D 165 24.42 57.34 -14.35
N LEU D 166 23.40 56.98 -13.59
CA LEU D 166 22.10 56.84 -14.19
C LEU D 166 21.42 58.20 -14.35
N SER D 167 20.80 58.44 -15.51
CA SER D 167 20.16 59.72 -15.75
C SER D 167 18.86 59.84 -14.99
N THR D 168 18.45 61.06 -14.68
CA THR D 168 17.07 61.31 -14.31
C THR D 168 16.09 60.43 -15.07
N ASN D 169 16.07 60.57 -16.40
CA ASN D 169 15.12 59.85 -17.24
C ASN D 169 15.16 58.32 -17.01
N ASP D 170 16.33 57.73 -16.70
CA ASP D 170 16.38 56.30 -16.35
C ASP D 170 15.62 55.95 -15.06
N LEU D 171 15.58 56.87 -14.12
CA LEU D 171 15.10 56.56 -12.78
C LEU D 171 13.62 56.88 -12.67
N ILE D 172 13.09 57.65 -13.59
CA ILE D 172 11.81 58.28 -13.41
C ILE D 172 10.79 57.50 -14.24
N GLY D 173 9.49 57.65 -13.95
CA GLY D 173 8.42 57.09 -14.72
C GLY D 173 8.10 55.62 -14.64
N GLY D 174 8.71 54.90 -13.68
CA GLY D 174 8.57 53.44 -13.56
C GLY D 174 7.11 53.14 -13.29
N THR D 175 6.58 51.98 -13.68
CA THR D 175 5.18 51.76 -13.42
C THR D 175 4.99 50.45 -12.70
N PHE D 176 6.07 49.69 -12.56
CA PHE D 176 5.95 48.35 -12.08
C PHE D 176 7.37 47.89 -11.89
N THR D 177 7.64 47.12 -10.81
CA THR D 177 9.01 46.72 -10.44
C THR D 177 9.21 45.22 -10.26
N LEU D 178 10.37 44.74 -10.68
CA LEU D 178 10.87 43.42 -10.33
C LEU D 178 12.14 43.59 -9.52
N SER D 179 12.30 42.71 -8.54
CA SER D 179 13.55 42.61 -7.78
C SER D 179 14.13 41.21 -7.85
N ASN D 180 15.28 41.07 -8.53
CA ASN D 180 15.92 39.75 -8.66
C ASN D 180 16.83 39.42 -7.49
N ILE D 181 16.21 39.05 -6.36
CA ILE D 181 16.94 38.74 -5.15
C ILE D 181 17.81 37.49 -5.30
N GLY D 182 17.44 36.63 -6.22
CA GLY D 182 18.06 35.31 -6.36
C GLY D 182 19.35 35.39 -7.15
N SER D 183 19.67 36.57 -7.68
CA SER D 183 21.04 36.74 -8.16
C SER D 183 21.97 36.78 -6.98
N ILE D 184 21.43 36.79 -5.76
CA ILE D 184 22.29 36.64 -4.61
C ILE D 184 21.87 35.39 -3.81
N GLY D 185 20.58 35.28 -3.48
CA GLY D 185 20.07 34.13 -2.75
C GLY D 185 18.55 34.17 -2.57
N GLY D 186 18.04 33.25 -1.73
CA GLY D 186 16.68 33.30 -1.21
C GLY D 186 15.75 32.44 -2.02
N THR D 187 14.54 32.24 -1.49
CA THR D 187 13.49 31.51 -2.19
C THR D 187 12.36 32.53 -2.23
N TYR D 188 11.45 32.52 -1.24
CA TYR D 188 10.35 33.50 -1.05
C TYR D 188 10.83 34.79 -0.42
N ALA D 189 9.96 35.80 -0.42
CA ALA D 189 10.34 37.15 0.06
C ALA D 189 9.08 37.96 0.22
N LYS D 190 9.19 39.07 0.93
CA LYS D 190 8.08 40.02 1.00
C LYS D 190 8.66 41.36 0.53
N PRO D 191 8.58 41.63 -0.77
CA PRO D 191 9.13 42.88 -1.25
C PRO D 191 8.17 44.05 -0.94
N VAL D 192 8.72 45.26 -0.90
CA VAL D 192 8.01 46.46 -0.51
C VAL D 192 7.60 47.24 -1.77
N ILE D 193 6.33 47.55 -1.92
CA ILE D 193 5.89 48.27 -3.06
C ILE D 193 6.48 49.69 -3.10
N LEU D 194 6.77 50.18 -4.32
CA LEU D 194 7.35 51.51 -4.52
C LEU D 194 6.31 52.53 -4.93
N PRO D 195 5.80 53.30 -3.96
CA PRO D 195 4.76 54.31 -4.25
C PRO D 195 5.31 55.17 -5.31
N PRO D 196 4.46 55.60 -6.26
CA PRO D 196 3.03 55.28 -6.23
C PRO D 196 2.66 54.09 -7.10
N GLU D 197 3.60 53.21 -7.38
CA GLU D 197 3.19 51.96 -8.03
C GLU D 197 2.27 51.09 -7.11
N VAL D 198 1.65 50.06 -7.66
CA VAL D 198 0.78 49.17 -6.90
C VAL D 198 1.18 47.69 -6.76
N ALA D 199 2.32 47.30 -7.33
CA ALA D 199 2.79 45.92 -7.32
C ALA D 199 4.28 45.79 -7.54
N ILE D 200 4.84 44.67 -7.06
CA ILE D 200 6.28 44.35 -7.20
C ILE D 200 6.44 42.82 -7.07
N GLY D 201 7.42 42.27 -7.77
CA GLY D 201 7.71 40.85 -7.72
C GLY D 201 9.14 40.66 -7.31
N ALA D 202 9.35 39.76 -6.35
CA ALA D 202 10.67 39.31 -6.03
C ALA D 202 10.94 37.93 -6.66
N LEU D 203 12.13 37.74 -7.22
CA LEU D 203 12.45 36.45 -7.85
C LEU D 203 13.56 35.82 -7.07
N GLY D 204 13.35 34.56 -6.71
CA GLY D 204 14.32 33.83 -5.90
C GLY D 204 15.34 33.09 -6.76
N THR D 205 16.19 32.31 -6.10
CA THR D 205 17.25 31.55 -6.73
C THR D 205 16.65 30.36 -7.45
N ILE D 206 17.14 30.14 -8.68
CA ILE D 206 16.82 28.95 -9.51
C ILE D 206 17.67 27.79 -9.04
N LYS D 207 16.99 26.77 -8.55
CA LYS D 207 17.58 25.60 -7.95
C LYS D 207 17.02 24.32 -8.62
N ALA D 208 17.86 23.33 -8.80
CA ALA D 208 17.36 22.07 -9.32
C ALA D 208 16.74 21.28 -8.17
N LEU D 209 15.50 20.84 -8.37
CA LEU D 209 14.79 20.07 -7.34
C LEU D 209 14.08 18.88 -7.97
N PRO D 210 13.97 17.81 -7.21
CA PRO D 210 13.27 16.60 -7.64
C PRO D 210 11.79 16.87 -7.79
N ARG D 211 11.22 16.58 -8.95
CA ARG D 211 9.80 16.82 -9.23
C ARG D 211 9.22 15.77 -10.21
N PHE D 212 7.97 15.38 -9.97
CA PHE D 212 7.24 14.48 -10.83
C PHE D 212 7.00 15.05 -12.22
N ASN D 213 7.34 14.25 -13.24
CA ASN D 213 6.96 14.58 -14.62
C ASN D 213 5.57 14.06 -15.01
N GLU D 214 5.23 14.21 -16.29
CA GLU D 214 3.97 13.73 -16.89
C GLU D 214 3.69 12.25 -16.61
N LYS D 215 4.74 11.44 -16.55
CA LYS D 215 4.60 10.04 -16.11
C LYS D 215 4.25 10.01 -14.61
N GLY D 216 5.24 10.30 -13.76
CA GLY D 216 5.11 10.07 -12.34
C GLY D 216 6.48 9.68 -11.83
N GLU D 217 7.48 9.90 -12.68
CA GLU D 217 8.86 9.63 -12.36
C GLU D 217 9.55 10.95 -11.94
N VAL D 218 10.51 10.81 -11.03
CA VAL D 218 11.31 11.91 -10.54
C VAL D 218 12.22 12.53 -11.60
N CYS D 219 12.17 13.84 -11.75
CA CYS D 219 13.01 14.58 -12.70
C CYS D 219 13.78 15.74 -12.07
N LYS D 220 14.88 16.11 -12.74
CA LYS D 220 15.57 17.37 -12.49
C LYS D 220 14.60 18.45 -12.98
N ALA D 221 14.11 19.25 -12.05
CA ALA D 221 13.34 20.41 -12.44
C ALA D 221 14.01 21.66 -11.90
N GLN D 222 14.07 22.63 -12.80
CA GLN D 222 14.72 23.87 -12.55
C GLN D 222 13.60 24.78 -11.99
N ILE D 223 13.64 24.97 -10.67
CA ILE D 223 12.56 25.60 -9.87
C ILE D 223 12.94 26.99 -9.33
N MET D 224 12.07 27.96 -9.58
CA MET D 224 12.27 29.32 -9.05
C MET D 224 10.97 29.78 -8.29
N ASN D 225 11.17 30.42 -7.15
CA ASN D 225 10.12 31.10 -6.47
C ASN D 225 9.89 32.56 -6.94
N VAL D 226 8.65 33.00 -6.90
CA VAL D 226 8.28 34.38 -7.15
C VAL D 226 7.33 34.78 -6.04
N SER D 227 7.56 35.97 -5.48
CA SER D 227 6.73 36.55 -4.46
C SER D 227 6.23 37.89 -4.93
N TRP D 228 4.90 37.98 -5.08
CA TRP D 228 4.29 39.29 -5.36
C TRP D 228 3.73 40.04 -4.15
N SER D 229 3.94 41.33 -4.10
CA SER D 229 3.19 42.19 -3.19
C SER D 229 2.35 43.11 -4.01
N ALA D 230 1.12 43.31 -3.56
CA ALA D 230 0.16 44.14 -4.27
C ALA D 230 -0.65 44.97 -3.28
N ASP D 231 -1.00 46.19 -3.71
CA ASP D 231 -1.75 47.12 -2.88
C ASP D 231 -3.19 46.65 -2.83
N HIS D 232 -3.56 45.96 -1.78
CA HIS D 232 -4.88 45.36 -1.71
C HIS D 232 -6.10 46.38 -1.65
N ARG D 233 -5.81 47.70 -1.49
CA ARG D 233 -6.87 48.67 -1.55
C ARG D 233 -7.48 48.66 -2.93
N ILE D 234 -6.66 48.51 -3.99
CA ILE D 234 -7.20 48.39 -5.37
C ILE D 234 -6.95 47.10 -6.11
N ILE D 235 -6.02 46.29 -5.63
CA ILE D 235 -5.79 45.01 -6.27
C ILE D 235 -6.27 43.86 -5.43
N ASP D 236 -7.21 43.10 -5.98
CA ASP D 236 -7.76 41.98 -5.31
C ASP D 236 -6.96 40.70 -5.55
N GLY D 237 -7.25 39.68 -4.74
CA GLY D 237 -6.52 38.42 -4.78
C GLY D 237 -6.53 37.72 -6.11
N ALA D 238 -7.70 37.55 -6.72
CA ALA D 238 -7.77 36.91 -8.06
C ALA D 238 -6.93 37.60 -9.12
N THR D 239 -6.86 38.91 -9.08
CA THR D 239 -6.13 39.63 -10.09
C THR D 239 -4.64 39.27 -10.05
N VAL D 240 -4.02 39.39 -8.88
CA VAL D 240 -2.59 39.12 -8.77
C VAL D 240 -2.32 37.67 -9.10
N SER D 241 -3.25 36.83 -8.72
CA SER D 241 -3.03 35.42 -8.87
C SER D 241 -3.20 35.03 -10.35
N ARG D 242 -4.26 35.54 -10.96
CA ARG D 242 -4.48 35.30 -12.35
C ARG D 242 -3.34 35.96 -13.15
N PHE D 243 -2.85 37.13 -12.70
CA PHE D 243 -1.71 37.73 -13.35
C PHE D 243 -0.55 36.73 -13.24
N SER D 244 -0.28 36.30 -12.01
CA SER D 244 0.82 35.39 -11.76
C SER D 244 0.79 34.15 -12.65
N ASN D 245 -0.37 33.51 -12.74
CA ASN D 245 -0.51 32.30 -13.58
C ASN D 245 -0.11 32.55 -14.98
N LEU D 246 -0.47 33.72 -15.50
CA LEU D 246 -0.24 34.02 -16.91
C LEU D 246 1.24 34.17 -17.18
N TRP D 247 1.91 34.92 -16.32
CA TRP D 247 3.33 35.15 -16.35
C TRP D 247 4.08 33.83 -16.32
N LYS D 248 3.62 32.97 -15.44
CA LYS D 248 4.23 31.72 -15.12
C LYS D 248 4.15 30.86 -16.36
N SER D 249 2.96 30.76 -16.94
CA SER D 249 2.80 29.84 -18.05
C SER D 249 3.60 30.35 -19.24
N TYR D 250 3.77 31.69 -19.34
CA TYR D 250 4.66 32.26 -20.36
C TYR D 250 6.05 31.78 -20.16
N LEU D 251 6.43 31.60 -18.90
CA LEU D 251 7.79 31.15 -18.58
C LEU D 251 7.91 29.62 -18.53
N GLU D 252 6.85 28.94 -18.12
CA GLU D 252 6.91 27.49 -18.06
C GLU D 252 6.84 26.94 -19.50
N ASN D 253 6.04 27.60 -20.34
CA ASN D 253 5.98 27.23 -21.76
C ASN D 253 6.37 28.37 -22.75
N PRO D 254 7.69 28.70 -22.82
CA PRO D 254 8.15 29.90 -23.55
C PRO D 254 7.59 30.03 -24.97
N ALA D 255 7.07 28.92 -25.50
CA ALA D 255 6.63 28.87 -26.88
C ALA D 255 5.37 29.67 -26.97
N PHE D 256 4.63 29.65 -25.87
CA PHE D 256 3.46 30.48 -25.67
C PHE D 256 3.69 31.95 -25.95
N MET D 257 4.88 32.44 -25.65
CA MET D 257 5.24 33.79 -26.08
C MET D 257 5.40 33.93 -27.62
N LEU D 258 5.95 32.95 -28.31
CA LEU D 258 5.99 33.03 -29.79
C LEU D 258 4.68 33.50 -30.40
N LEU D 259 3.60 32.94 -29.90
CA LEU D 259 2.29 33.08 -30.47
C LEU D 259 1.84 34.50 -30.77
N ASP D 260 2.10 35.46 -29.89
CA ASP D 260 1.51 36.82 -30.05
C ASP D 260 2.47 37.96 -30.24
N LEU D 261 3.76 37.62 -30.28
CA LEU D 261 4.78 38.61 -30.61
C LEU D 261 4.88 38.85 -32.11
N LYS D 262 5.32 40.04 -32.48
CA LYS D 262 5.19 40.62 -33.82
C LYS D 262 6.58 40.90 -34.46
N GLY E 29 -21.91 29.23 24.50
CA GLY E 29 -22.97 29.90 23.70
C GLY E 29 -23.15 31.37 24.05
N LYS E 30 -22.14 31.96 24.68
CA LYS E 30 -22.15 33.39 25.00
C LYS E 30 -20.78 34.07 24.79
N ASP E 31 -20.76 35.16 24.01
CA ASP E 31 -19.56 36.03 23.86
C ASP E 31 -19.08 36.58 25.22
N ARG E 32 -17.86 37.08 25.28
CA ARG E 32 -17.21 37.30 26.55
C ARG E 32 -16.07 38.32 26.48
N THR E 33 -16.15 39.38 27.28
CA THR E 33 -15.10 40.41 27.30
C THR E 33 -14.16 40.46 28.55
N GLU E 34 -12.85 40.47 28.28
CA GLU E 34 -11.81 40.66 29.29
C GLU E 34 -10.89 41.78 28.82
N PRO E 35 -10.99 42.98 29.44
CA PRO E 35 -9.84 43.91 29.46
C PRO E 35 -8.45 43.23 29.37
N VAL E 36 -7.54 43.77 28.55
CA VAL E 36 -6.21 43.24 28.36
C VAL E 36 -5.36 43.81 29.46
N LYS E 37 -4.84 42.90 30.28
CA LYS E 37 -4.31 43.21 31.62
C LYS E 37 -2.80 42.96 31.80
N GLY E 38 -2.20 43.74 32.71
CA GLY E 38 -0.83 43.54 33.17
C GLY E 38 0.25 43.37 32.11
N PHE E 39 0.69 42.13 31.95
CA PHE E 39 1.86 41.85 31.13
C PHE E 39 1.50 41.76 29.65
N HIS E 40 0.26 41.36 29.35
CA HIS E 40 -0.19 41.22 27.96
C HIS E 40 -0.26 42.56 27.23
N LYS E 41 -0.25 43.64 28.01
CA LYS E 41 -0.23 45.04 27.57
C LYS E 41 1.09 45.37 26.93
N ALA E 42 2.16 44.81 27.48
CA ALA E 42 3.47 44.98 26.88
C ALA E 42 3.47 44.57 25.41
N MET E 43 2.85 43.43 25.12
CA MET E 43 2.87 42.91 23.79
C MET E 43 2.09 43.80 22.87
N VAL E 44 1.05 44.43 23.39
CA VAL E 44 0.28 45.41 22.63
C VAL E 44 1.16 46.61 22.24
N LYS E 45 1.95 47.10 23.20
CA LYS E 45 2.74 48.29 23.02
C LYS E 45 3.87 48.00 22.04
N THR E 46 4.53 46.86 22.19
CA THR E 46 5.70 46.45 21.35
C THR E 46 5.30 46.26 19.89
N MET E 47 4.36 45.33 19.68
CA MET E 47 3.81 45.09 18.35
C MET E 47 3.21 46.34 17.72
N SER E 48 2.61 47.24 18.52
CA SER E 48 2.19 48.53 17.94
C SER E 48 3.38 49.37 17.43
N ALA E 49 4.44 49.45 18.19
CA ALA E 49 5.52 50.30 17.80
C ALA E 49 6.16 49.78 16.52
N ALA E 50 6.12 48.47 16.32
CA ALA E 50 6.72 47.86 15.11
C ALA E 50 6.03 48.28 13.82
N LEU E 51 4.85 48.87 13.96
CA LEU E 51 4.11 49.31 12.81
C LEU E 51 4.86 50.45 12.16
N LYS E 52 5.70 51.16 12.91
CA LYS E 52 6.46 52.26 12.31
C LYS E 52 7.59 51.71 11.39
N ILE E 53 7.80 50.39 11.39
CA ILE E 53 8.91 49.80 10.64
C ILE E 53 8.46 49.19 9.34
N PRO E 54 9.02 49.65 8.21
CA PRO E 54 8.61 49.05 6.95
C PRO E 54 9.40 47.75 6.83
N HIS E 55 8.73 46.60 7.00
CA HIS E 55 9.34 45.28 6.99
C HIS E 55 9.56 44.81 5.57
N PHE E 56 10.78 44.42 5.27
CA PHE E 56 11.09 43.69 4.08
C PHE E 56 11.40 42.22 4.48
N GLY E 57 10.78 41.25 3.81
CA GLY E 57 11.00 39.84 4.10
C GLY E 57 11.85 39.20 3.03
N TYR E 58 12.89 38.52 3.47
CA TYR E 58 13.68 37.70 2.61
C TYR E 58 13.84 36.31 3.24
N CYS E 59 13.53 35.24 2.50
CA CYS E 59 13.63 33.91 3.11
C CYS E 59 14.56 33.01 2.34
N ASP E 60 14.95 31.90 2.95
CA ASP E 60 15.76 30.92 2.24
C ASP E 60 15.53 29.50 2.77
N GLU E 61 16.13 28.51 2.11
CA GLU E 61 16.31 27.19 2.74
C GLU E 61 17.77 26.88 2.97
N VAL E 62 18.02 26.14 4.03
CA VAL E 62 19.34 25.79 4.33
C VAL E 62 19.42 24.29 4.52
N ASP E 63 20.52 23.74 4.03
CA ASP E 63 20.71 22.31 4.11
C ASP E 63 21.51 22.01 5.34
N LEU E 64 20.81 21.49 6.35
CA LEU E 64 21.38 21.22 7.69
C LEU E 64 21.82 19.73 7.94
N THR E 65 21.88 18.99 6.83
CA THR E 65 22.41 17.63 6.87
C THR E 65 23.74 17.51 7.67
N GLU E 66 24.78 18.23 7.29
CA GLU E 66 26.01 18.18 8.05
C GLU E 66 25.81 18.57 9.52
N LEU E 67 25.09 19.66 9.78
CA LEU E 67 24.89 20.15 11.16
C LEU E 67 24.18 19.15 12.07
N VAL E 68 23.19 18.45 11.53
CA VAL E 68 22.43 17.46 12.30
C VAL E 68 23.35 16.32 12.72
N LYS E 69 24.15 15.84 11.79
CA LYS E 69 25.14 14.81 12.10
C LYS E 69 26.17 15.38 13.11
N LEU E 70 26.67 16.56 12.80
CA LEU E 70 27.57 17.22 13.69
C LEU E 70 27.01 17.30 15.09
N ARG E 71 25.73 17.66 15.21
CA ARG E 71 25.09 17.80 16.52
C ARG E 71 24.93 16.48 17.25
N GLU E 72 24.46 15.45 16.55
CA GLU E 72 24.46 14.08 17.07
C GLU E 72 25.81 13.74 17.69
N GLU E 73 26.93 14.06 17.03
CA GLU E 73 28.21 13.77 17.67
C GLU E 73 28.57 14.64 18.86
N LEU E 74 28.03 15.86 18.94
CA LEU E 74 28.34 16.72 20.10
C LEU E 74 27.47 16.51 21.37
N LYS E 75 26.25 15.99 21.17
CA LYS E 75 25.30 15.70 22.25
C LYS E 75 25.96 15.02 23.44
N PRO E 76 26.58 13.84 23.23
CA PRO E 76 27.16 13.13 24.38
C PRO E 76 28.16 13.98 25.21
N ILE E 77 28.97 14.80 24.55
CA ILE E 77 29.98 15.60 25.25
C ILE E 77 29.29 16.62 26.15
N ALA E 78 28.16 17.16 25.68
CA ALA E 78 27.45 18.20 26.41
C ALA E 78 26.57 17.58 27.45
N PHE E 79 25.99 16.45 27.08
CA PHE E 79 25.23 15.73 28.05
C PHE E 79 26.12 15.53 29.28
N ALA E 80 27.35 15.08 29.03
CA ALA E 80 28.29 14.69 30.06
C ALA E 80 28.78 15.91 30.81
N ARG E 81 28.56 17.10 30.24
CA ARG E 81 28.89 18.34 30.93
C ARG E 81 27.70 19.00 31.58
N GLY E 82 26.56 18.29 31.55
CA GLY E 82 25.31 18.67 32.21
C GLY E 82 24.37 19.56 31.43
N ILE E 83 24.54 19.59 30.10
CA ILE E 83 23.92 20.56 29.22
C ILE E 83 23.07 19.92 28.09
N LYS E 84 21.89 20.48 27.81
CA LYS E 84 21.10 20.06 26.66
C LYS E 84 21.63 20.87 25.46
N LEU E 85 22.14 20.20 24.41
CA LEU E 85 22.61 20.89 23.20
C LEU E 85 21.62 20.83 22.03
N SER E 86 21.02 21.97 21.72
CA SER E 86 20.09 22.00 20.61
C SER E 86 20.75 22.60 19.36
N PHE E 87 19.97 22.88 18.32
CA PHE E 87 20.51 23.62 17.20
C PHE E 87 20.76 25.12 17.45
N MET E 88 20.03 25.70 18.40
CA MET E 88 20.04 27.16 18.59
C MET E 88 21.43 27.77 18.87
N PRO E 89 22.27 27.12 19.71
CA PRO E 89 23.63 27.69 19.87
C PRO E 89 24.40 27.74 18.57
N PHE E 90 24.18 26.82 17.65
CA PHE E 90 24.85 26.95 16.34
C PHE E 90 24.31 28.14 15.54
N PHE E 91 22.98 28.21 15.41
CA PHE E 91 22.27 29.32 14.82
C PHE E 91 22.71 30.66 15.38
N LEU E 92 22.80 30.74 16.69
CA LEU E 92 23.32 31.96 17.32
C LEU E 92 24.75 32.33 16.98
N LYS E 93 25.66 31.33 16.97
CA LYS E 93 27.09 31.64 16.74
C LYS E 93 27.32 31.98 15.29
N ALA E 94 26.59 31.29 14.40
CA ALA E 94 26.61 31.62 12.96
C ALA E 94 26.09 33.04 12.72
N ALA E 95 25.15 33.46 13.55
CA ALA E 95 24.51 34.74 13.37
C ALA E 95 25.48 35.85 13.79
N SER E 96 26.11 35.66 14.93
CA SER E 96 27.03 36.64 15.45
C SER E 96 28.16 36.83 14.46
N LEU E 97 28.75 35.71 14.00
CA LEU E 97 29.78 35.78 12.98
C LEU E 97 29.34 36.60 11.79
N GLY E 98 28.09 36.35 11.30
CA GLY E 98 27.49 37.19 10.23
C GLY E 98 27.41 38.68 10.56
N LEU E 99 27.04 38.98 11.81
CA LEU E 99 26.89 40.35 12.30
C LEU E 99 28.19 41.12 12.30
N LEU E 100 29.32 40.43 12.48
CA LEU E 100 30.64 41.10 12.36
C LEU E 100 30.91 41.60 10.94
N GLN E 101 30.52 40.79 9.95
CA GLN E 101 30.68 41.15 8.58
C GLN E 101 29.64 42.17 8.21
N PHE E 102 28.49 42.17 8.89
CA PHE E 102 27.49 43.12 8.53
C PHE E 102 26.83 43.82 9.73
N PRO E 103 27.58 44.69 10.43
CA PRO E 103 27.14 45.21 11.71
C PRO E 103 25.91 46.12 11.66
N ILE E 104 25.53 46.58 10.47
CA ILE E 104 24.35 47.43 10.34
C ILE E 104 23.12 46.62 10.73
N LEU E 105 23.24 45.29 10.70
CA LEU E 105 22.15 44.45 11.15
C LEU E 105 22.02 44.40 12.67
N ASN E 106 22.99 44.95 13.37
CA ASN E 106 23.05 44.87 14.81
C ASN E 106 23.01 46.28 15.31
N ALA E 107 22.18 47.09 14.68
CA ALA E 107 22.13 48.50 14.99
C ALA E 107 20.70 48.80 15.44
N SER E 108 20.47 50.03 15.92
CA SER E 108 19.09 50.55 15.99
C SER E 108 18.98 51.94 15.44
N VAL E 109 17.76 52.33 15.08
CA VAL E 109 17.53 53.67 14.54
C VAL E 109 16.61 54.41 15.48
N ASP E 110 16.62 55.73 15.41
CA ASP E 110 15.80 56.57 16.25
C ASP E 110 14.46 56.80 15.58
N GLU E 111 13.57 57.52 16.28
CA GLU E 111 12.17 57.78 15.86
C GLU E 111 12.00 57.99 14.34
N ASN E 112 12.58 59.06 13.78
CA ASN E 112 12.36 59.31 12.34
C ASN E 112 13.45 58.75 11.42
N CYS E 113 14.30 57.88 11.98
CA CYS E 113 15.37 57.21 11.24
C CYS E 113 16.34 58.25 10.63
N GLN E 114 16.71 59.23 11.44
CA GLN E 114 17.74 60.16 11.04
C GLN E 114 19.11 59.77 11.62
N ASN E 115 19.16 58.90 12.62
CA ASN E 115 20.43 58.44 13.20
C ASN E 115 20.51 56.97 13.46
N ILE E 116 21.68 56.39 13.19
CA ILE E 116 21.94 54.98 13.39
C ILE E 116 22.97 54.81 14.49
N THR E 117 22.71 53.89 15.43
CA THR E 117 23.67 53.52 16.46
C THR E 117 24.08 52.08 16.21
N TYR E 118 25.36 51.92 15.92
CA TYR E 118 25.96 50.60 15.77
C TYR E 118 26.26 50.02 17.14
N LYS E 119 25.92 48.76 17.35
CA LYS E 119 26.10 48.13 18.65
C LYS E 119 27.27 47.14 18.62
N ALA E 120 28.29 47.38 19.45
CA ALA E 120 29.41 46.47 19.59
C ALA E 120 28.96 45.03 19.96
N SER E 121 28.06 44.94 20.94
CA SER E 121 27.62 43.68 21.53
C SER E 121 26.58 42.97 20.70
N HIS E 122 26.71 41.65 20.62
CA HIS E 122 25.70 40.85 19.98
C HIS E 122 24.90 40.29 21.13
N ASN E 123 23.90 41.05 21.62
CA ASN E 123 22.99 40.51 22.60
C ASN E 123 21.80 40.00 21.85
N ILE E 124 21.84 38.70 21.51
CA ILE E 124 20.81 38.16 20.66
C ILE E 124 19.67 37.59 21.45
N GLY E 125 18.50 38.16 21.21
CA GLY E 125 17.23 37.74 21.82
C GLY E 125 16.73 36.41 21.30
N ILE E 126 16.17 35.62 22.22
CA ILE E 126 15.55 34.33 21.93
C ILE E 126 14.07 34.57 22.20
N ALA E 127 13.23 34.71 21.16
CA ALA E 127 11.79 34.95 21.34
C ALA E 127 11.16 33.74 21.99
N MET E 128 10.53 33.96 23.15
CA MET E 128 9.85 32.89 23.92
C MET E 128 8.43 33.32 24.25
N ASP E 129 7.49 32.41 24.03
CA ASP E 129 6.11 32.67 24.49
C ASP E 129 5.95 31.96 25.83
N THR E 130 5.60 32.71 26.83
CA THR E 130 5.28 32.00 28.03
C THR E 130 3.80 32.13 28.30
N GLU E 131 3.34 31.18 29.12
CA GLU E 131 1.98 31.11 29.67
C GLU E 131 1.54 32.50 30.11
N GLN E 132 2.53 33.36 30.39
CA GLN E 132 2.29 34.79 30.54
C GLN E 132 3.09 35.60 29.50
N GLY E 133 2.50 35.72 28.31
CA GLY E 133 2.86 36.74 27.33
C GLY E 133 4.09 36.45 26.49
N LEU E 134 4.60 37.51 25.87
CA LEU E 134 5.74 37.36 25.00
C LEU E 134 6.97 37.79 25.76
N ILE E 135 7.95 36.90 25.82
CA ILE E 135 9.19 37.25 26.45
C ILE E 135 10.47 36.97 25.62
N VAL E 136 11.32 37.98 25.58
CA VAL E 136 12.48 37.91 24.74
C VAL E 136 13.69 38.20 25.57
N PRO E 137 14.27 37.16 26.19
CA PRO E 137 15.56 37.37 26.86
C PRO E 137 16.68 37.25 25.84
N ASN E 138 17.89 37.60 26.21
CA ASN E 138 19.00 37.60 25.24
C ASN E 138 20.31 37.07 25.81
N VAL E 139 21.12 36.49 24.95
CA VAL E 139 22.40 35.99 25.34
C VAL E 139 23.36 37.16 25.11
N LYS E 140 23.92 37.69 26.21
CA LYS E 140 24.88 38.80 26.09
C LYS E 140 26.14 38.39 25.39
N ASN E 141 26.53 39.20 24.43
CA ASN E 141 27.86 39.14 23.92
C ASN E 141 28.21 37.83 23.28
N VAL E 142 27.31 37.36 22.41
CA VAL E 142 27.48 36.09 21.75
C VAL E 142 28.86 36.00 21.11
N GLN E 143 29.39 37.14 20.67
CA GLN E 143 30.59 37.16 19.89
C GLN E 143 31.84 36.69 20.68
N ILE E 144 31.77 36.68 22.02
CA ILE E 144 32.94 36.26 22.82
C ILE E 144 32.65 34.94 23.45
N ARG E 145 31.63 34.25 22.96
CA ARG E 145 31.26 33.02 23.58
C ARG E 145 31.36 31.82 22.67
N SER E 146 31.73 30.70 23.28
CA SER E 146 31.83 29.49 22.53
C SER E 146 30.43 28.96 22.41
N ILE E 147 30.20 28.17 21.38
CA ILE E 147 28.92 27.44 21.20
C ILE E 147 28.51 26.78 22.52
N PHE E 148 29.47 26.19 23.21
CA PHE E 148 29.15 25.53 24.47
C PHE E 148 28.61 26.49 25.53
N GLU E 149 29.26 27.63 25.65
CA GLU E 149 28.83 28.62 26.61
C GLU E 149 27.41 29.10 26.28
N ILE E 150 27.12 29.16 24.99
CA ILE E 150 25.85 29.74 24.53
C ILE E 150 24.77 28.74 24.94
N ALA E 151 25.02 27.45 24.69
CA ALA E 151 24.10 26.37 25.09
C ALA E 151 23.88 26.47 26.61
N THR E 152 24.97 26.56 27.37
CA THR E 152 24.86 26.78 28.78
C THR E 152 23.93 27.93 29.06
N GLU E 153 24.18 29.07 28.44
CA GLU E 153 23.39 30.25 28.69
C GLU E 153 21.92 30.07 28.28
N LEU E 154 21.68 29.46 27.11
CA LEU E 154 20.31 29.14 26.69
C LEU E 154 19.52 28.25 27.67
N ASN E 155 20.17 27.19 28.16
CA ASN E 155 19.62 26.30 29.18
C ASN E 155 19.15 27.13 30.34
N ARG E 156 20.04 27.99 30.86
CA ARG E 156 19.74 28.85 32.01
C ARG E 156 18.48 29.65 31.79
N LEU E 157 18.34 30.23 30.61
CA LEU E 157 17.23 31.05 30.33
C LEU E 157 15.96 30.26 30.05
N GLN E 158 16.08 29.03 29.56
CA GLN E 158 14.90 28.15 29.44
C GLN E 158 14.29 27.80 30.82
N LYS E 159 15.17 27.58 31.78
CA LYS E 159 14.78 27.22 33.13
C LYS E 159 13.98 28.40 33.69
N LEU E 160 14.61 29.57 33.72
CA LEU E 160 14.05 30.78 34.27
C LEU E 160 12.80 31.22 33.52
N GLY E 161 12.85 31.11 32.20
CA GLY E 161 11.72 31.42 31.34
C GLY E 161 10.52 30.57 31.67
N SER E 162 10.68 29.27 31.64
CA SER E 162 9.53 28.40 31.93
C SER E 162 9.11 28.34 33.44
N ALA E 163 9.89 28.98 34.34
CA ALA E 163 9.49 29.23 35.72
C ALA E 163 8.96 30.68 35.95
N GLY E 164 8.93 31.50 34.91
CA GLY E 164 8.43 32.87 35.08
C GLY E 164 9.36 33.76 35.87
N GLN E 165 10.66 33.53 35.77
CA GLN E 165 11.62 34.13 36.69
C GLN E 165 12.78 34.90 36.05
N LEU E 166 12.62 35.29 34.79
CA LEU E 166 13.68 35.99 34.07
C LEU E 166 13.93 37.33 34.73
N SER E 167 15.18 37.74 34.91
CA SER E 167 15.43 39.03 35.56
C SER E 167 15.29 40.18 34.57
N THR E 168 15.28 41.41 35.08
CA THR E 168 15.24 42.59 34.25
C THR E 168 16.48 42.61 33.31
N ASN E 169 17.63 42.28 33.85
CA ASN E 169 18.85 42.18 33.09
C ASN E 169 18.87 41.15 31.95
N ASP E 170 18.14 40.05 32.10
CA ASP E 170 18.11 39.02 31.04
C ASP E 170 17.24 39.52 29.89
N LEU E 171 16.47 40.58 30.15
CA LEU E 171 15.52 41.15 29.19
C LEU E 171 16.00 42.42 28.45
N ILE E 172 16.85 43.25 29.06
CA ILE E 172 17.22 44.50 28.44
C ILE E 172 18.39 44.30 27.49
N GLY E 173 18.66 45.34 26.70
CA GLY E 173 19.86 45.40 25.85
C GLY E 173 20.01 44.49 24.64
N GLY E 174 18.93 43.82 24.24
CA GLY E 174 18.96 42.95 23.03
C GLY E 174 19.29 43.78 21.80
N THR E 175 20.09 43.24 20.90
CA THR E 175 20.44 43.95 19.70
C THR E 175 19.96 43.29 18.41
N PHE E 176 19.33 42.12 18.49
CA PHE E 176 19.04 41.30 17.32
C PHE E 176 18.38 40.05 17.91
N THR E 177 17.44 39.43 17.21
CA THR E 177 16.58 38.44 17.78
C THR E 177 16.42 37.27 16.80
N LEU E 178 16.33 36.07 17.38
CA LEU E 178 15.94 34.89 16.63
C LEU E 178 14.75 34.27 17.30
N SER E 179 13.88 33.70 16.47
CA SER E 179 12.66 33.12 16.95
C SER E 179 12.56 31.71 16.42
N ASN E 180 12.73 30.75 17.31
CA ASN E 180 12.71 29.36 16.86
C ASN E 180 11.33 28.75 16.83
N ILE E 181 10.54 29.22 15.91
CA ILE E 181 9.18 28.73 15.85
C ILE E 181 9.11 27.24 15.43
N GLY E 182 10.21 26.71 14.90
CA GLY E 182 10.23 25.34 14.37
C GLY E 182 10.27 24.31 15.50
N SER E 183 10.72 24.75 16.67
CA SER E 183 10.55 23.98 17.88
C SER E 183 9.09 23.59 18.07
N ILE E 184 8.17 24.32 17.42
CA ILE E 184 6.75 23.90 17.46
C ILE E 184 6.31 23.40 16.10
N GLY E 185 6.44 24.24 15.08
CA GLY E 185 6.00 23.82 13.75
C GLY E 185 6.42 24.77 12.65
N GLY E 186 6.04 24.43 11.43
CA GLY E 186 6.09 25.39 10.35
C GLY E 186 7.32 25.45 9.47
N THR E 187 7.15 26.20 8.38
CA THR E 187 8.18 26.35 7.39
C THR E 187 8.64 27.78 7.37
N TYR E 188 7.98 28.60 6.54
CA TYR E 188 8.32 30.05 6.41
C TYR E 188 7.51 30.88 7.39
N ALA E 189 7.97 32.07 7.69
CA ALA E 189 7.18 32.93 8.55
C ALA E 189 7.43 34.40 8.20
N LYS E 190 6.70 35.31 8.83
CA LYS E 190 6.97 36.75 8.68
C LYS E 190 7.05 37.30 10.11
N PRO E 191 8.25 37.28 10.73
CA PRO E 191 8.43 37.79 12.06
C PRO E 191 8.31 39.30 12.12
N VAL E 192 8.00 39.82 13.30
CA VAL E 192 7.83 41.23 13.53
C VAL E 192 9.10 41.73 14.26
N ILE E 193 9.74 42.73 13.69
CA ILE E 193 10.95 43.26 14.28
C ILE E 193 10.61 43.91 15.61
N LEU E 194 11.48 43.76 16.59
CA LEU E 194 11.24 44.45 17.86
C LEU E 194 11.98 45.73 17.98
N PRO E 195 11.25 46.86 17.97
CA PRO E 195 11.91 48.15 18.12
C PRO E 195 12.73 48.15 19.42
N PRO E 196 13.89 48.81 19.42
CA PRO E 196 14.52 49.58 18.41
C PRO E 196 15.43 48.75 17.45
N GLU E 197 15.43 47.44 17.58
CA GLU E 197 16.27 46.59 16.66
C GLU E 197 15.81 46.73 15.19
N VAL E 198 16.58 46.20 14.24
CA VAL E 198 16.31 46.36 12.84
C VAL E 198 16.16 45.06 12.02
N ALA E 199 16.23 43.90 12.66
CA ALA E 199 16.06 42.62 11.98
C ALA E 199 15.70 41.53 12.98
N ILE E 200 15.03 40.49 12.47
CA ILE E 200 14.71 39.33 13.27
C ILE E 200 14.67 38.16 12.31
N GLY E 201 15.03 36.96 12.77
CA GLY E 201 14.91 35.81 11.89
C GLY E 201 14.01 34.76 12.51
N ALA E 202 13.15 34.15 11.71
CA ALA E 202 12.38 33.05 12.23
C ALA E 202 12.90 31.72 11.62
N LEU E 203 13.04 30.70 12.46
CA LEU E 203 13.62 29.38 12.06
C LEU E 203 12.53 28.36 12.00
N GLY E 204 12.41 27.67 10.90
CA GLY E 204 11.29 26.73 10.81
C GLY E 204 11.68 25.35 11.25
N THR E 205 10.76 24.41 11.05
CA THR E 205 10.99 23.02 11.40
C THR E 205 12.01 22.45 10.46
N ILE E 206 12.97 21.72 11.02
CA ILE E 206 13.93 20.92 10.28
C ILE E 206 13.33 19.58 9.86
N LYS E 207 13.33 19.32 8.56
CA LYS E 207 12.55 18.23 7.98
C LYS E 207 13.33 17.50 6.87
N ALA E 208 13.01 16.22 6.70
CA ALA E 208 13.72 15.46 5.71
C ALA E 208 13.03 15.57 4.36
N LEU E 209 13.75 16.04 3.37
CA LEU E 209 13.19 16.19 2.02
C LEU E 209 14.14 15.56 1.03
N PRO E 210 13.60 15.06 -0.08
CA PRO E 210 14.42 14.53 -1.17
C PRO E 210 15.16 15.63 -1.90
N ARG E 211 16.46 15.46 -2.15
CA ARG E 211 17.28 16.50 -2.78
C ARG E 211 18.48 15.92 -3.49
N PHE E 212 18.86 16.56 -4.60
CA PHE E 212 20.02 16.15 -5.36
C PHE E 212 21.31 16.51 -4.66
N ASN E 213 22.16 15.49 -4.59
CA ASN E 213 23.57 15.66 -4.25
C ASN E 213 24.37 16.20 -5.45
N GLU E 214 25.69 16.32 -5.28
CA GLU E 214 26.60 16.71 -6.35
C GLU E 214 26.61 15.75 -7.56
N LYS E 215 26.40 14.45 -7.29
CA LYS E 215 26.34 13.39 -8.31
C LYS E 215 25.04 13.35 -9.14
N GLY E 216 24.08 14.22 -8.81
CA GLY E 216 22.72 14.15 -9.41
C GLY E 216 21.79 13.08 -8.84
N GLU E 217 22.08 12.53 -7.66
CA GLU E 217 21.19 11.53 -7.01
C GLU E 217 20.28 12.10 -5.90
N VAL E 218 19.09 11.50 -5.80
CA VAL E 218 18.12 11.78 -4.73
C VAL E 218 18.55 11.35 -3.34
N CYS E 219 18.49 12.26 -2.37
CA CYS E 219 19.05 11.98 -1.06
C CYS E 219 18.14 12.37 0.03
N LYS E 220 18.42 11.87 1.24
CA LYS E 220 17.79 12.41 2.42
C LYS E 220 18.56 13.68 2.69
N ALA E 221 17.81 14.79 2.64
CA ALA E 221 18.32 16.13 2.99
C ALA E 221 17.54 16.70 4.18
N GLN E 222 18.29 17.15 5.20
CA GLN E 222 17.70 17.81 6.38
C GLN E 222 17.60 19.30 6.05
N ILE E 223 16.39 19.75 5.74
CA ILE E 223 16.15 21.11 5.24
C ILE E 223 15.39 21.94 6.29
N MET E 224 15.88 23.13 6.52
CA MET E 224 15.18 24.05 7.37
C MET E 224 15.01 25.38 6.61
N ASN E 225 13.81 25.97 6.72
CA ASN E 225 13.59 27.32 6.26
C ASN E 225 14.01 28.40 7.27
N VAL E 226 14.41 29.55 6.75
CA VAL E 226 14.72 30.69 7.55
C VAL E 226 13.97 31.84 6.90
N SER E 227 13.31 32.70 7.70
CA SER E 227 12.66 33.91 7.18
C SER E 227 13.25 35.14 7.91
N TRP E 228 13.82 36.10 7.18
CA TRP E 228 14.38 37.26 7.84
C TRP E 228 13.41 38.41 7.67
N SER E 229 13.26 39.31 8.65
CA SER E 229 12.60 40.61 8.36
C SER E 229 13.55 41.73 8.69
N ALA E 230 13.59 42.75 7.86
CA ALA E 230 14.53 43.77 8.17
C ALA E 230 13.89 45.11 7.89
N ASP E 231 14.39 46.12 8.58
CA ASP E 231 13.86 47.46 8.46
C ASP E 231 14.40 48.12 7.19
N HIS E 232 13.61 48.14 6.14
CA HIS E 232 14.11 48.58 4.87
C HIS E 232 14.37 50.12 4.79
N ARG E 233 14.23 50.83 5.89
CA ARG E 233 14.54 52.23 5.81
C ARG E 233 16.06 52.35 5.75
N ILE E 234 16.79 51.53 6.53
CA ILE E 234 18.23 51.52 6.54
C ILE E 234 18.95 50.22 6.12
N ILE E 235 18.25 49.10 5.98
CA ILE E 235 18.85 47.88 5.48
C ILE E 235 18.33 47.55 4.08
N ASP E 236 19.25 47.42 3.13
CA ASP E 236 18.85 47.10 1.79
C ASP E 236 18.79 45.61 1.60
N GLY E 237 18.25 45.19 0.45
CA GLY E 237 18.13 43.75 0.16
C GLY E 237 19.43 42.98 -0.04
N ALA E 238 20.43 43.58 -0.64
CA ALA E 238 21.72 42.89 -0.78
C ALA E 238 22.32 42.58 0.58
N THR E 239 22.25 43.53 1.50
CA THR E 239 22.74 43.34 2.85
C THR E 239 22.07 42.15 3.58
N VAL E 240 20.73 42.04 3.56
CA VAL E 240 20.09 40.93 4.28
C VAL E 240 20.47 39.61 3.66
N SER E 241 20.49 39.63 2.36
CA SER E 241 20.73 38.46 1.54
C SER E 241 22.15 37.93 1.69
N ARG E 242 23.11 38.82 1.52
CA ARG E 242 24.51 38.49 1.69
C ARG E 242 24.72 37.97 3.11
N PHE E 243 24.07 38.61 4.08
CA PHE E 243 24.20 38.18 5.45
C PHE E 243 23.55 36.83 5.61
N SER E 244 22.38 36.66 5.00
CA SER E 244 21.75 35.38 5.10
C SER E 244 22.67 34.32 4.47
N ASN E 245 23.17 34.56 3.23
CA ASN E 245 24.12 33.62 2.57
C ASN E 245 25.25 33.32 3.47
N LEU E 246 25.75 34.28 4.22
CA LEU E 246 26.93 33.97 5.04
C LEU E 246 26.56 33.00 6.18
N TRP E 247 25.55 33.36 6.94
CA TRP E 247 25.04 32.53 8.05
C TRP E 247 24.78 31.09 7.55
N LYS E 248 24.23 30.98 6.37
CA LYS E 248 23.80 29.72 5.84
C LYS E 248 25.03 28.86 5.51
N SER E 249 26.04 29.51 4.93
CA SER E 249 27.27 28.76 4.63
C SER E 249 27.88 28.28 5.93
N TYR E 250 27.85 29.10 6.97
CA TYR E 250 28.44 28.62 8.23
C TYR E 250 27.68 27.40 8.72
N LEU E 251 26.40 27.30 8.35
CA LEU E 251 25.62 26.21 8.91
C LEU E 251 25.70 24.95 8.07
N GLU E 252 25.83 25.19 6.75
CA GLU E 252 25.87 24.15 5.72
C GLU E 252 27.24 23.49 5.65
N ASN E 253 28.24 24.19 6.16
CA ASN E 253 29.62 23.72 6.19
C ASN E 253 30.24 24.24 7.50
N PRO E 254 29.90 23.60 8.63
CA PRO E 254 30.24 23.98 10.00
C PRO E 254 31.72 24.13 10.24
N ALA E 255 32.49 23.45 9.41
CA ALA E 255 33.94 23.50 9.44
C ALA E 255 34.38 24.90 9.16
N PHE E 256 33.58 25.60 8.33
CA PHE E 256 33.85 26.99 8.05
C PHE E 256 33.96 27.81 9.32
N MET E 257 33.27 27.41 10.40
CA MET E 257 33.30 28.20 11.64
C MET E 257 34.60 28.02 12.44
N LEU E 258 35.16 26.82 12.34
CA LEU E 258 36.39 26.48 12.98
C LEU E 258 37.51 27.42 12.65
N LEU E 259 37.57 27.83 11.40
CA LEU E 259 38.75 28.52 10.90
C LEU E 259 39.12 29.76 11.70
N ASP E 260 38.12 30.52 12.17
CA ASP E 260 38.36 31.80 12.81
C ASP E 260 38.02 31.86 14.29
N LEU E 261 37.53 30.77 14.85
CA LEU E 261 37.31 30.77 16.28
C LEU E 261 38.61 30.56 17.04
N LYS E 262 38.65 31.09 18.25
CA LYS E 262 39.86 31.26 19.08
C LYS E 262 39.73 30.48 20.42
N GLY F 29 -2.22 52.79 -25.12
CA GLY F 29 -1.96 54.03 -25.93
C GLY F 29 -1.90 55.25 -25.04
N LYS F 30 -2.97 55.52 -24.29
CA LYS F 30 -3.00 56.72 -23.45
C LYS F 30 -3.29 56.49 -21.93
N ASP F 31 -2.57 57.24 -21.09
CA ASP F 31 -2.78 57.25 -19.64
C ASP F 31 -4.21 57.71 -19.29
N ARG F 32 -4.96 56.85 -18.61
CA ARG F 32 -6.33 57.19 -18.19
C ARG F 32 -6.46 57.35 -16.66
N THR F 33 -6.85 58.55 -16.21
CA THR F 33 -7.20 58.79 -14.81
C THR F 33 -8.73 58.80 -14.56
N GLU F 34 -9.17 58.04 -13.56
CA GLU F 34 -10.57 58.00 -13.17
C GLU F 34 -10.69 57.69 -11.66
N PRO F 35 -11.67 58.29 -10.95
CA PRO F 35 -12.13 57.85 -9.64
C PRO F 35 -12.33 56.33 -9.43
N VAL F 36 -11.94 55.88 -8.25
CA VAL F 36 -12.21 54.55 -7.82
C VAL F 36 -13.73 54.42 -7.73
N LYS F 37 -14.25 53.55 -8.57
CA LYS F 37 -15.66 53.22 -8.64
C LYS F 37 -16.24 53.00 -7.24
N GLY F 38 -17.48 53.39 -7.03
CA GLY F 38 -18.17 53.22 -5.76
C GLY F 38 -18.12 51.87 -5.02
N PHE F 39 -18.39 50.79 -5.74
CA PHE F 39 -18.45 49.51 -5.07
C PHE F 39 -17.05 49.05 -4.60
N HIS F 40 -16.02 49.58 -5.25
CA HIS F 40 -14.66 49.31 -4.86
C HIS F 40 -14.19 50.10 -3.65
N LYS F 41 -14.99 51.07 -3.22
CA LYS F 41 -14.65 51.89 -2.06
C LYS F 41 -14.58 51.06 -0.77
N ALA F 42 -15.35 49.98 -0.71
CA ALA F 42 -15.35 49.14 0.47
C ALA F 42 -14.00 48.50 0.74
N MET F 43 -13.36 47.97 -0.30
CA MET F 43 -12.06 47.35 -0.18
C MET F 43 -11.01 48.40 0.29
N VAL F 44 -11.08 49.61 -0.28
CA VAL F 44 -10.16 50.64 0.12
C VAL F 44 -10.23 50.80 1.63
N LYS F 45 -11.46 50.95 2.13
CA LYS F 45 -11.71 51.13 3.56
C LYS F 45 -11.30 49.88 4.43
N THR F 46 -11.81 48.70 4.12
CA THR F 46 -11.45 47.51 4.87
C THR F 46 -9.91 47.36 4.92
N MET F 47 -9.28 47.34 3.76
CA MET F 47 -7.82 47.26 3.70
C MET F 47 -7.06 48.37 4.41
N SER F 48 -7.48 49.62 4.33
CA SER F 48 -6.74 50.65 5.05
C SER F 48 -6.80 50.40 6.54
N ALA F 49 -7.89 49.82 7.01
CA ALA F 49 -8.12 49.71 8.45
C ALA F 49 -7.18 48.62 8.95
N ALA F 50 -6.89 47.64 8.11
CA ALA F 50 -5.96 46.59 8.54
C ALA F 50 -4.52 47.09 8.81
N LEU F 51 -4.18 48.32 8.39
CA LEU F 51 -2.86 48.86 8.68
C LEU F 51 -2.57 49.02 10.16
N LYS F 52 -3.59 49.06 10.98
CA LYS F 52 -3.44 49.24 12.40
C LYS F 52 -3.12 47.91 13.06
N ILE F 53 -3.17 46.81 12.29
CA ILE F 53 -2.91 45.49 12.85
C ILE F 53 -1.51 45.04 12.54
N PRO F 54 -0.69 44.77 13.56
CA PRO F 54 0.66 44.27 13.32
C PRO F 54 0.55 42.80 12.99
N HIS F 55 0.65 42.52 11.67
CA HIS F 55 0.52 41.19 11.13
C HIS F 55 1.74 40.38 11.42
N PHE F 56 1.52 39.23 12.04
CA PHE F 56 2.50 38.21 12.19
C PHE F 56 2.18 37.13 11.19
N GLY F 57 3.16 36.65 10.44
CA GLY F 57 2.86 35.61 9.49
C GLY F 57 3.47 34.28 9.84
N TYR F 58 2.71 33.20 9.78
CA TYR F 58 3.23 31.82 10.04
C TYR F 58 2.68 30.88 8.96
N CYS F 59 3.57 30.07 8.38
CA CYS F 59 3.19 29.16 7.29
C CYS F 59 3.65 27.76 7.54
N ASP F 60 3.06 26.82 6.80
CA ASP F 60 3.46 25.45 6.92
C ASP F 60 3.14 24.69 5.69
N GLU F 61 3.59 23.45 5.61
CA GLU F 61 3.08 22.56 4.58
C GLU F 61 2.25 21.48 5.22
N VAL F 62 1.24 21.04 4.50
CA VAL F 62 0.28 20.12 5.03
C VAL F 62 0.10 19.03 3.99
N ASP F 63 0.22 17.78 4.44
CA ASP F 63 0.11 16.62 3.55
C ASP F 63 -1.34 16.15 3.39
N LEU F 64 -1.94 16.32 2.22
CA LEU F 64 -3.36 15.98 2.05
C LEU F 64 -3.64 14.73 1.22
N THR F 65 -2.65 13.86 1.10
CA THR F 65 -2.77 12.61 0.38
C THR F 65 -4.00 11.88 0.88
N GLU F 66 -4.05 11.64 2.19
CA GLU F 66 -5.24 11.05 2.77
C GLU F 66 -6.47 11.80 2.29
N LEU F 67 -6.54 13.11 2.61
CA LEU F 67 -7.78 13.88 2.43
C LEU F 67 -8.31 13.80 1.03
N VAL F 68 -7.39 13.88 0.05
CA VAL F 68 -7.68 13.76 -1.37
C VAL F 68 -8.32 12.41 -1.64
N LYS F 69 -7.70 11.36 -1.09
CA LYS F 69 -8.23 10.00 -1.26
C LYS F 69 -9.62 9.98 -0.66
N LEU F 70 -9.70 10.46 0.56
CA LEU F 70 -10.93 10.44 1.29
C LEU F 70 -12.04 11.19 0.52
N ARG F 71 -11.67 12.32 -0.11
CA ARG F 71 -12.63 13.15 -0.83
C ARG F 71 -13.19 12.41 -2.05
N GLU F 72 -12.31 11.72 -2.79
CA GLU F 72 -12.73 10.95 -3.98
C GLU F 72 -13.80 9.89 -3.69
N GLU F 73 -13.61 9.19 -2.58
CA GLU F 73 -14.52 8.13 -2.17
C GLU F 73 -15.79 8.69 -1.53
N LEU F 74 -15.74 9.94 -1.05
CA LEU F 74 -16.95 10.67 -0.60
C LEU F 74 -17.76 11.39 -1.71
N LYS F 75 -17.05 11.82 -2.75
CA LYS F 75 -17.64 12.61 -3.85
C LYS F 75 -19.01 12.07 -4.35
N PRO F 76 -19.12 10.77 -4.74
CA PRO F 76 -20.42 10.25 -5.24
C PRO F 76 -21.61 10.40 -4.28
N ILE F 77 -21.36 10.14 -2.99
CA ILE F 77 -22.39 10.26 -1.96
C ILE F 77 -22.80 11.69 -1.92
N ALA F 78 -21.81 12.58 -2.05
CA ALA F 78 -22.08 13.98 -2.23
C ALA F 78 -22.97 14.20 -3.44
N PHE F 79 -22.47 13.98 -4.67
CA PHE F 79 -23.28 14.33 -5.86
C PHE F 79 -24.62 13.59 -5.84
N ALA F 80 -24.63 12.39 -5.28
CA ALA F 80 -25.88 11.66 -5.09
C ALA F 80 -26.86 12.45 -4.22
N ARG F 81 -26.37 13.39 -3.41
CA ARG F 81 -27.25 14.14 -2.52
C ARG F 81 -27.50 15.59 -2.93
N GLY F 82 -26.94 15.99 -4.09
CA GLY F 82 -27.16 17.32 -4.67
C GLY F 82 -26.04 18.34 -4.50
N ILE F 83 -24.85 17.88 -4.13
CA ILE F 83 -23.82 18.77 -3.61
C ILE F 83 -22.39 18.56 -4.19
N LYS F 84 -21.77 19.64 -4.62
CA LYS F 84 -20.35 19.58 -4.94
C LYS F 84 -19.60 19.65 -3.61
N LEU F 85 -18.78 18.63 -3.35
CA LEU F 85 -17.97 18.59 -2.15
C LEU F 85 -16.54 18.91 -2.53
N SER F 86 -16.11 20.12 -2.17
CA SER F 86 -14.74 20.56 -2.38
C SER F 86 -13.94 20.27 -1.13
N PHE F 87 -12.73 20.82 -1.01
CA PHE F 87 -11.95 20.72 0.22
C PHE F 87 -12.33 21.69 1.36
N MET F 88 -12.95 22.82 1.02
CA MET F 88 -13.25 23.86 2.03
C MET F 88 -14.03 23.33 3.26
N PRO F 89 -15.08 22.53 3.01
CA PRO F 89 -15.83 22.05 4.15
C PRO F 89 -14.91 21.35 5.13
N PHE F 90 -13.91 20.64 4.64
CA PHE F 90 -12.96 20.02 5.58
C PHE F 90 -12.09 21.04 6.26
N PHE F 91 -11.62 22.02 5.50
CA PHE F 91 -10.72 23.03 6.02
C PHE F 91 -11.49 23.79 7.05
N LEU F 92 -12.76 24.09 6.74
CA LEU F 92 -13.58 24.82 7.69
C LEU F 92 -13.83 24.04 9.00
N LYS F 93 -14.29 22.78 8.93
CA LYS F 93 -14.55 22.02 10.15
C LYS F 93 -13.30 21.86 10.97
N ALA F 94 -12.18 21.59 10.30
CA ALA F 94 -10.92 21.50 11.04
C ALA F 94 -10.58 22.85 11.72
N ALA F 95 -10.79 23.95 11.01
CA ALA F 95 -10.54 25.31 11.56
C ALA F 95 -11.37 25.45 12.80
N SER F 96 -12.64 25.05 12.71
CA SER F 96 -13.55 25.18 13.83
C SER F 96 -13.05 24.44 15.06
N LEU F 97 -12.74 23.16 14.88
CA LEU F 97 -12.21 22.36 15.93
C LEU F 97 -10.96 22.96 16.58
N GLY F 98 -10.08 23.49 15.74
CA GLY F 98 -8.85 24.11 16.22
C GLY F 98 -9.30 25.28 17.09
N LEU F 99 -10.28 26.02 16.56
CA LEU F 99 -10.73 27.18 17.28
C LEU F 99 -11.31 26.85 18.66
N LEU F 100 -11.97 25.68 18.82
CA LEU F 100 -12.41 25.26 20.21
C LEU F 100 -11.25 25.17 21.19
N GLN F 101 -10.09 24.69 20.72
CA GLN F 101 -8.89 24.65 21.53
C GLN F 101 -8.23 26.01 21.74
N PHE F 102 -8.21 26.88 20.71
CA PHE F 102 -7.56 28.18 20.81
C PHE F 102 -8.54 29.35 20.58
N PRO F 103 -9.50 29.53 21.49
CA PRO F 103 -10.59 30.47 21.17
C PRO F 103 -10.19 31.96 20.96
N ILE F 104 -9.01 32.36 21.39
CA ILE F 104 -8.51 33.71 21.18
C ILE F 104 -8.32 33.99 19.68
N LEU F 105 -8.17 32.95 18.88
CA LEU F 105 -8.09 33.19 17.44
C LEU F 105 -9.46 33.50 16.87
N ASN F 106 -10.49 33.38 17.71
CA ASN F 106 -11.88 33.65 17.25
C ASN F 106 -12.47 34.80 18.03
N ALA F 107 -11.66 35.82 18.24
CA ALA F 107 -11.99 36.92 19.14
C ALA F 107 -11.83 38.21 18.36
N SER F 108 -12.15 39.33 18.99
CA SER F 108 -11.91 40.64 18.42
C SER F 108 -11.30 41.53 19.45
N VAL F 109 -10.89 42.68 18.96
CA VAL F 109 -10.13 43.60 19.76
C VAL F 109 -10.66 44.99 19.46
N ASP F 110 -10.66 45.85 20.46
CA ASP F 110 -11.31 47.16 20.33
C ASP F 110 -10.37 48.21 19.85
N GLU F 111 -10.80 49.46 19.94
CA GLU F 111 -10.15 50.50 19.15
C GLU F 111 -8.65 50.44 19.43
N ASN F 112 -8.28 50.69 20.66
CA ASN F 112 -6.86 50.79 21.00
C ASN F 112 -6.24 49.46 21.39
N CYS F 113 -7.08 48.41 21.50
CA CYS F 113 -6.67 47.03 21.86
C CYS F 113 -6.50 46.92 23.38
N GLN F 114 -7.59 47.31 24.05
CA GLN F 114 -7.61 47.27 25.51
C GLN F 114 -8.65 46.32 26.04
N ASN F 115 -9.38 45.64 25.15
CA ASN F 115 -10.21 44.51 25.55
C ASN F 115 -10.35 43.55 24.43
N ILE F 116 -10.38 42.26 24.78
CA ILE F 116 -10.62 41.19 23.84
C ILE F 116 -12.02 40.74 24.09
N THR F 117 -12.82 40.55 23.03
CA THR F 117 -14.09 39.82 23.11
C THR F 117 -13.94 38.46 22.45
N TYR F 118 -13.97 37.41 23.26
CA TYR F 118 -14.02 36.03 22.76
C TYR F 118 -15.41 35.81 22.20
N LYS F 119 -15.49 35.28 20.99
CA LYS F 119 -16.79 35.11 20.33
C LYS F 119 -17.11 33.63 20.31
N ALA F 120 -18.28 33.30 20.83
CA ALA F 120 -18.78 31.94 20.83
C ALA F 120 -18.92 31.37 19.43
N SER F 121 -19.71 31.99 18.55
CA SER F 121 -19.95 31.39 17.24
C SER F 121 -18.68 31.39 16.36
N HIS F 122 -18.48 30.31 15.62
CA HIS F 122 -17.46 30.29 14.60
C HIS F 122 -18.19 30.64 13.36
N ASN F 123 -18.20 31.92 13.00
CA ASN F 123 -18.77 32.33 11.69
C ASN F 123 -17.59 32.59 10.79
N ILE F 124 -17.29 31.58 9.98
CA ILE F 124 -16.03 31.57 9.26
C ILE F 124 -16.20 32.11 7.90
N GLY F 125 -15.53 33.23 7.60
CA GLY F 125 -15.64 33.89 6.29
C GLY F 125 -14.91 33.12 5.21
N ILE F 126 -15.44 33.18 3.99
CA ILE F 126 -14.81 32.63 2.82
C ILE F 126 -14.54 33.83 1.96
N ALA F 127 -13.27 34.21 1.83
CA ALA F 127 -12.92 35.42 1.05
C ALA F 127 -13.11 35.08 -0.40
N MET F 128 -13.95 35.82 -1.09
CA MET F 128 -14.04 35.63 -2.54
C MET F 128 -13.97 36.98 -3.32
N ASP F 129 -13.73 36.87 -4.62
CA ASP F 129 -13.75 38.06 -5.48
C ASP F 129 -14.83 38.05 -6.55
N THR F 130 -15.60 39.11 -6.65
CA THR F 130 -16.53 39.12 -7.76
C THR F 130 -16.00 40.07 -8.81
N GLU F 131 -16.74 40.20 -9.93
CA GLU F 131 -16.41 41.29 -10.85
C GLU F 131 -16.38 42.60 -10.05
N GLN F 132 -17.00 42.60 -8.86
CA GLN F 132 -16.94 43.76 -7.96
C GLN F 132 -15.92 43.70 -6.84
N GLY F 133 -14.97 42.78 -6.93
CA GLY F 133 -13.90 42.77 -5.94
C GLY F 133 -14.25 42.00 -4.68
N LEU F 134 -13.65 42.39 -3.56
CA LEU F 134 -13.62 41.56 -2.37
C LEU F 134 -14.99 41.43 -1.74
N ILE F 135 -15.40 40.20 -1.48
CA ILE F 135 -16.62 39.94 -0.76
C ILE F 135 -16.39 38.71 0.12
N VAL F 136 -16.72 38.82 1.41
CA VAL F 136 -16.43 37.78 2.36
C VAL F 136 -17.69 37.31 3.05
N PRO F 137 -18.48 36.44 2.40
CA PRO F 137 -19.58 36.02 3.23
C PRO F 137 -19.06 34.97 4.22
N ASN F 138 -19.82 34.68 5.27
CA ASN F 138 -19.40 33.63 6.20
C ASN F 138 -20.48 32.53 6.44
N VAL F 139 -19.99 31.30 6.66
CA VAL F 139 -20.79 30.22 7.17
C VAL F 139 -21.05 30.41 8.69
N LYS F 140 -22.32 30.41 9.08
CA LYS F 140 -22.68 30.62 10.49
C LYS F 140 -22.45 29.39 11.37
N ASN F 141 -21.90 29.63 12.55
CA ASN F 141 -21.93 28.59 13.60
C ASN F 141 -21.34 27.27 13.09
N VAL F 142 -20.12 27.34 12.56
CA VAL F 142 -19.53 26.17 11.93
C VAL F 142 -19.44 25.03 12.95
N GLN F 143 -19.24 25.39 14.24
CA GLN F 143 -18.94 24.47 15.30
C GLN F 143 -20.08 23.49 15.58
N ILE F 144 -21.29 23.87 15.20
CA ILE F 144 -22.45 22.98 15.37
C ILE F 144 -22.92 22.43 14.05
N ARG F 145 -22.08 22.37 13.04
CA ARG F 145 -22.54 21.94 11.73
C ARG F 145 -21.63 20.88 11.23
N SER F 146 -22.17 19.98 10.43
CA SER F 146 -21.42 18.88 9.90
C SER F 146 -20.85 19.29 8.58
N ILE F 147 -19.85 18.54 8.14
CA ILE F 147 -19.18 18.76 6.87
C ILE F 147 -20.20 18.91 5.77
N PHE F 148 -21.08 17.95 5.66
CA PHE F 148 -22.09 17.99 4.64
C PHE F 148 -22.90 19.28 4.76
N GLU F 149 -23.19 19.68 5.98
CA GLU F 149 -23.96 20.92 6.15
C GLU F 149 -23.16 22.13 5.68
N ILE F 150 -21.87 22.13 6.01
CA ILE F 150 -20.99 23.21 5.63
C ILE F 150 -20.90 23.22 4.11
N ALA F 151 -20.61 22.06 3.52
CA ALA F 151 -20.58 22.01 2.06
C ALA F 151 -21.86 22.61 1.52
N THR F 152 -23.01 22.20 2.06
CA THR F 152 -24.30 22.67 1.56
C THR F 152 -24.39 24.20 1.55
N GLU F 153 -24.11 24.80 2.69
CA GLU F 153 -24.18 26.22 2.87
C GLU F 153 -23.14 26.98 2.00
N LEU F 154 -22.00 26.35 1.69
CA LEU F 154 -20.97 26.93 0.78
C LEU F 154 -21.51 27.08 -0.59
N ASN F 155 -22.12 26.00 -1.09
CA ASN F 155 -22.75 25.98 -2.39
C ASN F 155 -23.76 27.09 -2.50
N ARG F 156 -24.54 27.29 -1.42
CA ARG F 156 -25.58 28.33 -1.41
C ARG F 156 -24.91 29.70 -1.47
N LEU F 157 -23.88 29.89 -0.64
CA LEU F 157 -23.20 31.17 -0.63
C LEU F 157 -22.54 31.47 -1.97
N GLN F 158 -21.93 30.44 -2.59
CA GLN F 158 -21.31 30.60 -3.91
C GLN F 158 -22.30 31.02 -5.02
N LYS F 159 -23.35 30.22 -5.18
CA LYS F 159 -24.43 30.54 -6.08
C LYS F 159 -24.84 31.99 -5.89
N LEU F 160 -25.20 32.35 -4.67
CA LEU F 160 -25.62 33.72 -4.32
C LEU F 160 -24.58 34.77 -4.70
N GLY F 161 -23.38 34.63 -4.12
CA GLY F 161 -22.28 35.57 -4.31
C GLY F 161 -22.06 35.91 -5.78
N SER F 162 -21.94 34.87 -6.60
CA SER F 162 -21.70 35.02 -8.02
C SER F 162 -23.02 35.36 -8.78
N ALA F 163 -23.88 36.15 -8.13
CA ALA F 163 -25.05 36.75 -8.77
C ALA F 163 -25.38 38.09 -8.08
N GLY F 164 -24.51 38.51 -7.15
CA GLY F 164 -24.68 39.75 -6.40
C GLY F 164 -25.89 39.72 -5.48
N GLN F 165 -26.17 38.57 -4.88
CA GLN F 165 -27.36 38.46 -4.05
C GLN F 165 -27.15 37.96 -2.64
N LEU F 166 -26.05 38.34 -2.02
CA LEU F 166 -25.85 37.92 -0.67
C LEU F 166 -26.59 38.90 0.21
N SER F 167 -27.12 38.45 1.34
CA SER F 167 -27.86 39.34 2.22
C SER F 167 -26.89 39.94 3.20
N THR F 168 -27.30 41.05 3.80
CA THR F 168 -26.67 41.58 4.98
C THR F 168 -26.23 40.47 5.93
N ASN F 169 -27.18 39.60 6.31
CA ASN F 169 -26.91 38.55 7.29
C ASN F 169 -25.79 37.60 6.83
N ASP F 170 -25.80 37.15 5.59
CA ASP F 170 -24.72 36.30 5.07
C ASP F 170 -23.37 36.97 5.15
N LEU F 171 -23.36 38.28 5.32
CA LEU F 171 -22.18 39.09 5.12
C LEU F 171 -21.62 39.62 6.44
N ILE F 172 -22.49 39.83 7.44
CA ILE F 172 -22.07 40.36 8.71
C ILE F 172 -21.70 39.22 9.68
N GLY F 173 -21.02 39.57 10.79
CA GLY F 173 -20.82 38.63 11.91
C GLY F 173 -19.66 37.65 11.81
N GLY F 174 -18.85 37.71 10.74
CA GLY F 174 -17.65 36.86 10.60
C GLY F 174 -16.73 36.94 11.81
N THR F 175 -16.07 35.85 12.19
CA THR F 175 -15.23 35.88 13.40
C THR F 175 -13.77 35.49 13.06
N PHE F 176 -13.58 34.96 11.84
CA PHE F 176 -12.38 34.26 11.39
C PHE F 176 -12.65 34.05 9.92
N THR F 177 -11.59 34.02 9.08
CA THR F 177 -11.72 34.00 7.62
C THR F 177 -10.74 32.96 7.05
N LEU F 178 -11.17 32.23 6.02
CA LEU F 178 -10.22 31.51 5.13
C LEU F 178 -10.24 32.04 3.70
N SER F 179 -9.10 31.92 3.04
CA SER F 179 -9.03 32.40 1.68
C SER F 179 -8.33 31.41 0.81
N ASN F 180 -9.07 30.87 -0.12
CA ASN F 180 -8.64 29.73 -0.92
C ASN F 180 -8.19 30.13 -2.31
N ILE F 181 -7.03 30.77 -2.32
CA ILE F 181 -6.36 31.26 -3.51
C ILE F 181 -5.93 30.12 -4.40
N GLY F 182 -5.72 28.95 -3.81
CA GLY F 182 -5.28 27.78 -4.54
C GLY F 182 -6.26 27.23 -5.59
N SER F 183 -7.52 27.68 -5.54
CA SER F 183 -8.46 27.38 -6.60
C SER F 183 -8.08 28.17 -7.87
N ILE F 184 -7.12 29.09 -7.73
CA ILE F 184 -6.59 29.76 -8.90
C ILE F 184 -5.14 29.39 -9.03
N GLY F 185 -4.34 29.62 -7.98
CA GLY F 185 -2.91 29.26 -8.02
C GLY F 185 -2.22 29.55 -6.73
N GLY F 186 -0.90 29.39 -6.73
CA GLY F 186 -0.14 29.80 -5.56
C GLY F 186 0.31 28.72 -4.60
N THR F 187 1.35 29.03 -3.85
CA THR F 187 1.79 28.22 -2.75
C THR F 187 1.54 29.06 -1.49
N TYR F 188 2.53 29.86 -1.10
CA TYR F 188 2.44 30.71 0.11
C TYR F 188 1.79 32.05 -0.16
N ALA F 189 1.31 32.71 0.88
CA ALA F 189 0.76 34.08 0.72
C ALA F 189 0.94 34.90 1.98
N LYS F 190 0.57 36.16 1.88
CA LYS F 190 0.51 37.02 3.07
C LYS F 190 -0.87 37.75 3.04
N PRO F 191 -1.88 37.08 3.60
CA PRO F 191 -3.22 37.57 3.56
C PRO F 191 -3.35 38.66 4.61
N VAL F 192 -4.35 39.51 4.40
CA VAL F 192 -4.55 40.70 5.17
C VAL F 192 -5.71 40.39 6.15
N ILE F 193 -5.45 40.44 7.46
CA ILE F 193 -6.52 40.31 8.42
C ILE F 193 -7.62 41.38 8.17
N LEU F 194 -8.85 40.96 8.36
CA LEU F 194 -10.06 41.74 8.14
C LEU F 194 -10.55 42.25 9.47
N PRO F 195 -10.21 43.49 9.85
CA PRO F 195 -10.67 43.92 11.16
C PRO F 195 -12.18 43.90 11.17
N PRO F 196 -12.83 43.61 12.31
CA PRO F 196 -12.31 43.41 13.69
C PRO F 196 -11.77 42.04 14.03
N GLU F 197 -11.75 41.11 13.07
CA GLU F 197 -11.14 39.80 13.35
C GLU F 197 -9.63 39.94 13.65
N VAL F 198 -9.01 38.84 14.11
CA VAL F 198 -7.59 38.77 14.52
C VAL F 198 -6.73 37.69 13.75
N ALA F 199 -7.39 36.82 12.97
CA ALA F 199 -6.66 35.93 12.12
C ALA F 199 -7.29 35.67 10.73
N ILE F 200 -6.44 35.23 9.79
CA ILE F 200 -6.88 34.75 8.48
C ILE F 200 -5.86 33.70 7.97
N GLY F 201 -6.33 32.76 7.17
CA GLY F 201 -5.46 31.78 6.56
C GLY F 201 -5.69 31.75 5.08
N ALA F 202 -4.59 31.69 4.35
CA ALA F 202 -4.67 31.48 2.90
C ALA F 202 -4.24 30.07 2.51
N LEU F 203 -4.97 29.41 1.60
CA LEU F 203 -4.63 28.01 1.23
C LEU F 203 -4.18 27.99 -0.17
N GLY F 204 -3.05 27.38 -0.43
CA GLY F 204 -2.53 27.38 -1.78
C GLY F 204 -2.95 26.16 -2.54
N THR F 205 -2.36 26.00 -3.70
CA THR F 205 -2.58 24.86 -4.56
C THR F 205 -2.07 23.56 -3.95
N ILE F 206 -2.87 22.52 -4.13
CA ILE F 206 -2.55 21.14 -3.84
C ILE F 206 -1.80 20.48 -5.02
N LYS F 207 -0.51 20.25 -4.82
CA LYS F 207 0.37 19.76 -5.91
C LYS F 207 0.97 18.46 -5.46
N ALA F 208 1.32 17.63 -6.44
CA ALA F 208 1.97 16.35 -6.14
C ALA F 208 3.47 16.62 -6.11
N LEU F 209 4.08 16.28 -4.97
CA LEU F 209 5.51 16.50 -4.72
C LEU F 209 6.17 15.22 -4.22
N PRO F 210 7.43 14.97 -4.58
CA PRO F 210 8.19 13.86 -4.00
C PRO F 210 8.47 14.04 -2.51
N ARG F 211 8.09 13.06 -1.72
CA ARG F 211 8.25 13.11 -0.27
C ARG F 211 8.55 11.72 0.26
N PHE F 212 9.33 11.70 1.33
CA PHE F 212 9.68 10.49 2.07
C PHE F 212 8.51 10.05 2.93
N ASN F 213 8.17 8.76 2.85
CA ASN F 213 7.27 8.08 3.83
C ASN F 213 8.00 7.62 5.09
N GLU F 214 7.22 7.00 5.98
CA GLU F 214 7.75 6.36 7.21
C GLU F 214 9.03 5.48 6.98
N LYS F 215 9.11 4.78 5.84
CA LYS F 215 10.18 3.82 5.57
C LYS F 215 11.47 4.41 4.96
N GLY F 216 11.40 5.62 4.44
CA GLY F 216 12.56 6.22 3.77
C GLY F 216 12.53 6.16 2.26
N GLU F 217 11.36 5.84 1.68
CA GLU F 217 11.17 5.70 0.22
C GLU F 217 10.42 6.90 -0.39
N VAL F 218 10.73 7.25 -1.64
CA VAL F 218 10.13 8.39 -2.36
C VAL F 218 8.69 8.18 -2.87
N CYS F 219 7.75 8.99 -2.38
CA CYS F 219 6.32 8.85 -2.70
C CYS F 219 5.68 10.09 -3.36
N LYS F 220 4.52 9.87 -3.97
CA LYS F 220 3.66 10.90 -4.48
C LYS F 220 2.89 11.33 -3.25
N ALA F 221 3.13 12.59 -2.83
CA ALA F 221 2.43 13.20 -1.70
C ALA F 221 1.69 14.42 -2.22
N GLN F 222 0.43 14.56 -1.80
CA GLN F 222 -0.33 15.76 -2.18
C GLN F 222 -0.06 16.82 -1.09
N ILE F 223 0.74 17.83 -1.45
CA ILE F 223 1.18 18.88 -0.54
C ILE F 223 0.40 20.16 -0.81
N MET F 224 -0.19 20.72 0.23
CA MET F 224 -0.87 21.98 0.12
C MET F 224 -0.18 22.88 1.12
N ASN F 225 0.13 24.10 0.69
CA ASN F 225 0.63 25.12 1.61
C ASN F 225 -0.46 25.91 2.32
N VAL F 226 -0.18 26.26 3.56
CA VAL F 226 -1.06 27.20 4.24
C VAL F 226 -0.28 28.38 4.83
N SER F 227 -0.86 29.55 4.75
CA SER F 227 -0.24 30.77 5.23
C SER F 227 -1.23 31.49 6.16
N TRP F 228 -0.87 31.68 7.45
CA TRP F 228 -1.68 32.42 8.41
C TRP F 228 -1.15 33.80 8.77
N SER F 229 -2.06 34.72 8.96
CA SER F 229 -1.70 36.02 9.49
C SER F 229 -2.50 36.20 10.77
N ALA F 230 -1.86 36.75 11.78
CA ALA F 230 -2.51 36.92 13.05
C ALA F 230 -2.08 38.25 13.63
N ASP F 231 -2.96 38.83 14.44
CA ASP F 231 -2.77 40.13 15.07
C ASP F 231 -1.79 39.96 16.23
N HIS F 232 -0.53 40.21 15.99
CA HIS F 232 0.40 40.02 17.08
C HIS F 232 0.21 40.85 18.38
N ARG F 233 -0.69 41.83 18.34
CA ARG F 233 -1.00 42.55 19.56
C ARG F 233 -1.47 41.56 20.65
N ILE F 234 -2.38 40.65 20.28
CA ILE F 234 -2.98 39.72 21.25
C ILE F 234 -2.73 38.25 21.04
N ILE F 235 -2.18 37.90 19.91
CA ILE F 235 -1.99 36.52 19.51
C ILE F 235 -0.52 36.30 19.37
N ASP F 236 -0.01 35.28 20.00
CA ASP F 236 1.40 35.10 20.00
C ASP F 236 1.74 33.94 19.10
N GLY F 237 3.05 33.77 18.82
CA GLY F 237 3.58 32.78 17.89
C GLY F 237 3.21 31.34 18.19
N ALA F 238 3.48 30.91 19.40
CA ALA F 238 3.07 29.57 19.85
C ALA F 238 1.58 29.25 19.59
N THR F 239 0.69 30.18 19.93
CA THR F 239 -0.72 29.99 19.69
C THR F 239 -1.07 29.73 18.23
N VAL F 240 -0.52 30.48 17.25
CA VAL F 240 -0.86 30.24 15.81
C VAL F 240 -0.35 28.91 15.35
N SER F 241 0.85 28.65 15.80
CA SER F 241 1.56 27.44 15.54
C SER F 241 0.84 26.17 16.01
N ARG F 242 0.58 26.09 17.32
CA ARG F 242 -0.17 24.98 17.88
C ARG F 242 -1.50 24.85 17.17
N PHE F 243 -2.15 26.00 16.90
CA PHE F 243 -3.43 26.00 16.24
C PHE F 243 -3.22 25.36 14.90
N SER F 244 -2.17 25.80 14.20
CA SER F 244 -1.85 25.29 12.88
C SER F 244 -1.53 23.80 12.90
N ASN F 245 -0.71 23.37 13.85
CA ASN F 245 -0.45 21.94 14.00
C ASN F 245 -1.73 21.10 14.21
N LEU F 246 -2.64 21.63 15.01
CA LEU F 246 -3.89 20.91 15.26
C LEU F 246 -4.74 20.80 13.99
N TRP F 247 -4.85 21.93 13.30
CA TRP F 247 -5.69 22.03 12.13
C TRP F 247 -5.10 21.02 11.16
N LYS F 248 -3.79 21.03 11.07
CA LYS F 248 -3.08 20.19 10.14
C LYS F 248 -3.27 18.73 10.54
N SER F 249 -3.09 18.45 11.83
CA SER F 249 -3.22 17.08 12.26
C SER F 249 -4.58 16.55 11.80
N TYR F 250 -5.65 17.34 11.92
CA TYR F 250 -6.99 16.85 11.56
C TYR F 250 -7.11 16.63 10.08
N LEU F 251 -6.30 17.31 9.27
CA LEU F 251 -6.44 17.07 7.83
C LEU F 251 -5.46 16.01 7.35
N GLU F 252 -4.32 15.89 8.02
CA GLU F 252 -3.33 14.94 7.56
C GLU F 252 -3.79 13.55 8.00
N ASN F 253 -4.52 13.53 9.10
CA ASN F 253 -5.09 12.31 9.65
C ASN F 253 -6.59 12.49 9.87
N PRO F 254 -7.39 12.44 8.78
CA PRO F 254 -8.82 12.81 8.84
C PRO F 254 -9.64 12.02 9.84
N ALA F 255 -9.26 10.78 10.02
CA ALA F 255 -9.81 9.91 11.04
C ALA F 255 -9.95 10.59 12.38
N PHE F 256 -8.95 11.38 12.76
CA PHE F 256 -8.88 11.95 14.10
C PHE F 256 -10.00 12.93 14.34
N MET F 257 -10.59 13.45 13.26
CA MET F 257 -11.79 14.23 13.36
C MET F 257 -12.95 13.42 13.92
N LEU F 258 -12.98 12.11 13.59
CA LEU F 258 -13.97 11.18 14.11
C LEU F 258 -14.14 11.18 15.59
N LEU F 259 -13.05 11.13 16.33
CA LEU F 259 -13.07 11.05 17.77
C LEU F 259 -14.08 11.90 18.49
N ASP F 260 -14.11 13.19 18.19
CA ASP F 260 -14.88 14.16 19.02
C ASP F 260 -16.09 14.73 18.32
N LEU F 261 -16.26 14.36 17.06
CA LEU F 261 -17.49 14.64 16.35
C LEU F 261 -18.68 13.75 16.77
N LYS F 262 -19.88 14.32 16.73
CA LYS F 262 -21.04 13.63 17.30
C LYS F 262 -22.31 13.65 16.46
N GLY G 29 -17.38 -14.61 -78.22
CA GLY G 29 -18.58 -13.71 -78.37
C GLY G 29 -19.74 -14.31 -79.17
N LYS G 30 -19.66 -15.61 -79.49
CA LYS G 30 -20.78 -16.37 -80.05
C LYS G 30 -20.85 -17.81 -79.44
N ASP G 31 -22.07 -18.25 -79.09
CA ASP G 31 -22.34 -19.61 -78.58
C ASP G 31 -22.12 -20.68 -79.66
N ARG G 32 -21.57 -21.84 -79.27
CA ARG G 32 -21.18 -22.84 -80.25
C ARG G 32 -21.63 -24.29 -79.94
N THR G 33 -22.74 -24.73 -80.52
CA THR G 33 -23.25 -26.11 -80.36
C THR G 33 -22.49 -27.08 -81.24
N GLU G 34 -22.16 -28.27 -80.71
CA GLU G 34 -21.35 -29.25 -81.44
C GLU G 34 -21.39 -30.68 -80.84
N PRO G 35 -21.70 -31.70 -81.68
CA PRO G 35 -21.89 -33.11 -81.28
C PRO G 35 -20.84 -33.70 -80.35
N VAL G 36 -21.26 -34.62 -79.49
CA VAL G 36 -20.33 -35.40 -78.67
C VAL G 36 -20.01 -36.63 -79.52
N LYS G 37 -18.77 -36.73 -79.99
CA LYS G 37 -18.39 -37.76 -81.00
C LYS G 37 -17.37 -38.73 -80.45
N GLY G 38 -16.97 -39.68 -81.30
CA GLY G 38 -15.92 -40.66 -80.99
C GLY G 38 -15.86 -41.15 -79.56
N PHE G 39 -14.64 -41.22 -79.04
CA PHE G 39 -14.36 -41.72 -77.70
C PHE G 39 -15.29 -41.11 -76.65
N HIS G 40 -15.57 -39.80 -76.76
CA HIS G 40 -16.29 -39.06 -75.70
C HIS G 40 -17.61 -39.70 -75.38
N LYS G 41 -18.13 -40.49 -76.33
CA LYS G 41 -19.41 -41.16 -76.20
C LYS G 41 -19.50 -42.17 -75.07
N ALA G 42 -18.40 -42.87 -74.81
CA ALA G 42 -18.37 -43.91 -73.77
C ALA G 42 -18.64 -43.37 -72.34
N MET G 43 -18.04 -42.22 -72.04
CA MET G 43 -18.17 -41.62 -70.72
C MET G 43 -19.64 -41.27 -70.44
N VAL G 44 -20.34 -40.73 -71.46
CA VAL G 44 -21.75 -40.42 -71.34
C VAL G 44 -22.57 -41.67 -70.95
N LYS G 45 -22.28 -42.79 -71.62
CA LYS G 45 -22.95 -44.06 -71.35
C LYS G 45 -22.62 -44.59 -69.98
N THR G 46 -21.34 -44.65 -69.63
CA THR G 46 -20.92 -45.15 -68.32
C THR G 46 -21.55 -44.35 -67.19
N MET G 47 -21.45 -43.02 -67.28
CA MET G 47 -21.90 -42.20 -66.18
C MET G 47 -23.42 -42.23 -66.11
N SER G 48 -24.08 -42.38 -67.27
CA SER G 48 -25.53 -42.50 -67.26
C SER G 48 -25.87 -43.77 -66.50
N ALA G 49 -25.13 -44.82 -66.74
CA ALA G 49 -25.55 -46.12 -66.21
C ALA G 49 -25.34 -46.15 -64.70
N ALA G 50 -24.42 -45.32 -64.19
CA ALA G 50 -24.17 -45.30 -62.75
C ALA G 50 -25.29 -44.67 -61.97
N LEU G 51 -26.31 -44.11 -62.65
CA LEU G 51 -27.49 -43.54 -61.97
C LEU G 51 -28.33 -44.60 -61.27
N LYS G 52 -28.26 -45.82 -61.79
CA LYS G 52 -28.93 -46.98 -61.23
C LYS G 52 -28.36 -47.32 -59.89
N ILE G 53 -27.27 -46.67 -59.52
CA ILE G 53 -26.53 -47.06 -58.33
C ILE G 53 -26.72 -46.08 -57.21
N PRO G 54 -27.37 -46.51 -56.15
CA PRO G 54 -27.51 -45.64 -55.00
C PRO G 54 -26.14 -45.52 -54.28
N HIS G 55 -25.48 -44.38 -54.46
CA HIS G 55 -24.12 -44.17 -53.94
C HIS G 55 -24.20 -43.76 -52.51
N PHE G 56 -23.45 -44.44 -51.67
CA PHE G 56 -23.30 -44.03 -50.29
C PHE G 56 -21.85 -43.56 -50.23
N GLY G 57 -21.60 -42.44 -49.58
CA GLY G 57 -20.24 -41.94 -49.42
C GLY G 57 -19.72 -42.09 -48.01
N TYR G 58 -18.47 -42.51 -47.92
CA TYR G 58 -17.79 -42.58 -46.66
C TYR G 58 -16.34 -42.08 -46.76
N CYS G 59 -16.00 -41.09 -45.95
CA CYS G 59 -14.68 -40.49 -46.07
C CYS G 59 -13.86 -40.61 -44.81
N ASP G 60 -12.54 -40.38 -44.93
CA ASP G 60 -11.66 -40.49 -43.75
C ASP G 60 -10.37 -39.71 -43.98
N GLU G 61 -9.55 -39.57 -42.94
CA GLU G 61 -8.20 -39.13 -43.16
C GLU G 61 -7.29 -40.24 -42.72
N VAL G 62 -6.17 -40.34 -43.43
CA VAL G 62 -5.17 -41.35 -43.21
C VAL G 62 -3.92 -40.59 -42.89
N ASP G 63 -3.18 -41.00 -41.84
CA ASP G 63 -1.90 -40.36 -41.51
C ASP G 63 -0.81 -41.14 -42.21
N LEU G 64 -0.14 -40.50 -43.18
CA LEU G 64 0.83 -41.23 -43.98
C LEU G 64 2.25 -40.83 -43.69
N THR G 65 2.48 -40.24 -42.52
CA THR G 65 3.83 -39.79 -42.17
C THR G 65 4.83 -40.92 -42.28
N GLU G 66 4.47 -42.08 -41.73
CA GLU G 66 5.30 -43.26 -41.87
C GLU G 66 5.51 -43.63 -43.33
N LEU G 67 4.42 -43.75 -44.11
CA LEU G 67 4.56 -44.14 -45.53
C LEU G 67 5.40 -43.18 -46.31
N VAL G 68 5.21 -41.89 -46.07
CA VAL G 68 6.00 -40.86 -46.72
C VAL G 68 7.48 -41.15 -46.50
N LYS G 69 7.86 -41.37 -45.25
CA LYS G 69 9.26 -41.66 -44.87
C LYS G 69 9.73 -42.99 -45.48
N LEU G 70 8.88 -44.01 -45.36
CA LEU G 70 9.12 -45.34 -45.89
C LEU G 70 9.42 -45.31 -47.40
N ARG G 71 8.59 -44.59 -48.15
CA ARG G 71 8.77 -44.44 -49.59
C ARG G 71 10.06 -43.67 -49.92
N GLU G 72 10.37 -42.66 -49.10
CA GLU G 72 11.63 -41.94 -49.21
C GLU G 72 12.85 -42.84 -49.03
N GLU G 73 12.73 -43.93 -48.29
CA GLU G 73 13.87 -44.85 -48.28
C GLU G 73 13.77 -45.92 -49.35
N LEU G 74 12.57 -46.20 -49.88
CA LEU G 74 12.50 -47.11 -51.03
C LEU G 74 12.88 -46.53 -52.42
N LYS G 75 12.52 -45.27 -52.70
CA LYS G 75 12.92 -44.62 -53.97
C LYS G 75 14.32 -45.05 -54.50
N PRO G 76 15.40 -44.82 -53.74
CA PRO G 76 16.73 -45.25 -54.22
C PRO G 76 16.79 -46.65 -54.85
N ILE G 77 16.12 -47.64 -54.25
CA ILE G 77 16.18 -49.05 -54.67
C ILE G 77 15.30 -49.29 -55.88
N ALA G 78 14.28 -48.45 -56.00
CA ALA G 78 13.32 -48.56 -57.09
C ALA G 78 13.88 -47.89 -58.33
N PHE G 79 14.44 -46.69 -58.18
CA PHE G 79 15.03 -46.03 -59.32
C PHE G 79 16.10 -46.98 -59.88
N ALA G 80 17.04 -47.37 -59.03
CA ALA G 80 18.11 -48.30 -59.41
C ALA G 80 17.61 -49.64 -59.97
N ARG G 81 16.30 -49.80 -60.10
CA ARG G 81 15.75 -50.98 -60.73
C ARG G 81 14.96 -50.67 -61.99
N GLY G 82 14.87 -49.37 -62.32
CA GLY G 82 14.19 -48.88 -63.54
C GLY G 82 12.75 -48.44 -63.36
N ILE G 83 12.40 -48.05 -62.13
CA ILE G 83 11.03 -47.83 -61.71
C ILE G 83 10.86 -46.55 -60.86
N LYS G 84 9.82 -45.78 -61.15
CA LYS G 84 9.38 -44.79 -60.20
C LYS G 84 8.32 -45.41 -59.30
N LEU G 85 8.53 -45.21 -58.01
CA LEU G 85 7.64 -45.71 -57.02
C LEU G 85 6.87 -44.50 -56.49
N SER G 86 5.61 -44.40 -56.92
CA SER G 86 4.69 -43.39 -56.40
C SER G 86 4.05 -43.94 -55.13
N PHE G 87 2.97 -43.36 -54.65
CA PHE G 87 2.27 -43.93 -53.51
C PHE G 87 1.29 -45.02 -53.91
N MET G 88 0.84 -45.00 -55.16
CA MET G 88 -0.23 -45.87 -55.64
C MET G 88 -0.05 -47.36 -55.38
N PRO G 89 1.18 -47.90 -55.59
CA PRO G 89 1.39 -49.34 -55.39
C PRO G 89 1.13 -49.77 -53.97
N PHE G 90 1.31 -48.87 -53.03
CA PHE G 90 0.95 -49.13 -51.65
C PHE G 90 -0.56 -49.18 -51.52
N PHE G 91 -1.19 -48.09 -51.94
CA PHE G 91 -2.62 -47.98 -51.89
C PHE G 91 -3.21 -49.21 -52.55
N LEU G 92 -2.59 -49.66 -53.62
CA LEU G 92 -3.11 -50.83 -54.33
C LEU G 92 -2.97 -52.12 -53.51
N LYS G 93 -1.82 -52.31 -52.86
CA LYS G 93 -1.65 -53.46 -52.01
C LYS G 93 -2.54 -53.39 -50.78
N ALA G 94 -2.67 -52.24 -50.14
CA ALA G 94 -3.60 -52.18 -49.00
C ALA G 94 -5.03 -52.53 -49.46
N ALA G 95 -5.50 -51.87 -50.50
CA ALA G 95 -6.80 -52.18 -51.05
C ALA G 95 -6.92 -53.71 -51.19
N SER G 96 -5.93 -54.35 -51.80
CA SER G 96 -6.10 -55.77 -52.03
C SER G 96 -6.22 -56.57 -50.73
N LEU G 97 -5.32 -56.29 -49.79
CA LEU G 97 -5.34 -56.99 -48.53
C LEU G 97 -6.68 -56.75 -47.89
N GLY G 98 -7.16 -55.50 -47.95
CA GLY G 98 -8.49 -55.15 -47.51
C GLY G 98 -9.56 -56.00 -48.14
N LEU G 99 -9.56 -56.10 -49.47
CA LEU G 99 -10.61 -56.84 -50.17
C LEU G 99 -10.64 -58.34 -49.84
N LEU G 100 -9.52 -58.94 -49.44
CA LEU G 100 -9.52 -60.33 -49.00
C LEU G 100 -10.38 -60.44 -47.75
N GLN G 101 -10.22 -59.53 -46.80
CA GLN G 101 -11.11 -59.47 -45.60
C GLN G 101 -12.57 -59.18 -45.92
N PHE G 102 -12.81 -58.42 -46.99
CA PHE G 102 -14.12 -57.88 -47.33
C PHE G 102 -14.44 -58.07 -48.81
N PRO G 103 -14.63 -59.32 -49.22
CA PRO G 103 -14.75 -59.68 -50.64
C PRO G 103 -15.92 -59.08 -51.38
N ILE G 104 -16.98 -58.73 -50.66
CA ILE G 104 -18.18 -58.15 -51.27
C ILE G 104 -17.90 -56.77 -51.92
N LEU G 105 -16.81 -56.14 -51.53
CA LEU G 105 -16.38 -54.92 -52.23
C LEU G 105 -15.76 -55.17 -53.64
N ASN G 106 -15.42 -56.43 -53.91
CA ASN G 106 -14.79 -56.82 -55.17
C ASN G 106 -15.77 -57.73 -55.90
N ALA G 107 -17.02 -57.29 -56.01
CA ALA G 107 -18.07 -58.09 -56.58
C ALA G 107 -18.90 -57.23 -57.51
N SER G 108 -19.69 -57.87 -58.35
CA SER G 108 -20.69 -57.19 -59.16
C SER G 108 -22.08 -57.62 -58.73
N VAL G 109 -23.09 -56.87 -59.17
CA VAL G 109 -24.48 -57.30 -59.05
C VAL G 109 -25.09 -57.28 -60.44
N ASP G 110 -26.22 -57.95 -60.64
CA ASP G 110 -26.85 -57.98 -61.98
C ASP G 110 -27.80 -56.83 -62.25
N GLU G 111 -28.58 -56.96 -63.32
CA GLU G 111 -29.45 -55.87 -63.77
C GLU G 111 -30.42 -55.38 -62.70
N ASN G 112 -30.98 -56.26 -61.91
CA ASN G 112 -31.92 -55.78 -60.89
C ASN G 112 -31.47 -55.93 -59.45
N CYS G 113 -30.19 -56.25 -59.28
CA CYS G 113 -29.63 -56.58 -58.00
C CYS G 113 -30.34 -57.79 -57.34
N GLN G 114 -30.55 -58.86 -58.14
CA GLN G 114 -31.13 -60.14 -57.69
C GLN G 114 -30.01 -61.04 -57.24
N ASN G 115 -28.84 -60.92 -57.87
CA ASN G 115 -27.70 -61.71 -57.45
C ASN G 115 -26.35 -61.04 -57.53
N ILE G 116 -25.49 -61.43 -56.59
CA ILE G 116 -24.09 -61.03 -56.48
C ILE G 116 -23.19 -62.08 -57.14
N THR G 117 -21.99 -61.65 -57.55
CA THR G 117 -20.93 -62.51 -58.06
C THR G 117 -19.66 -62.03 -57.43
N TYR G 118 -18.99 -62.91 -56.69
CA TYR G 118 -17.78 -62.51 -55.98
C TYR G 118 -16.60 -62.89 -56.86
N LYS G 119 -15.76 -61.93 -57.19
CA LYS G 119 -14.73 -62.18 -58.14
C LYS G 119 -13.46 -62.38 -57.33
N ALA G 120 -12.74 -63.47 -57.65
CA ALA G 120 -11.50 -63.84 -56.99
C ALA G 120 -10.37 -62.89 -57.34
N SER G 121 -10.26 -62.56 -58.63
CA SER G 121 -9.19 -61.69 -59.11
C SER G 121 -9.41 -60.25 -58.66
N HIS G 122 -8.42 -59.66 -57.99
CA HIS G 122 -8.45 -58.25 -57.68
C HIS G 122 -7.84 -57.48 -58.85
N ASN G 123 -8.65 -57.11 -59.81
CA ASN G 123 -8.17 -56.30 -60.92
C ASN G 123 -8.54 -54.88 -60.65
N ILE G 124 -7.60 -54.16 -60.05
CA ILE G 124 -7.88 -52.83 -59.54
C ILE G 124 -7.66 -51.75 -60.59
N GLY G 125 -8.74 -51.11 -61.03
CA GLY G 125 -8.60 -50.09 -62.05
C GLY G 125 -7.96 -48.84 -61.50
N ILE G 126 -7.38 -48.06 -62.39
CA ILE G 126 -6.75 -46.80 -62.04
C ILE G 126 -7.40 -45.83 -62.98
N ALA G 127 -8.19 -44.89 -62.45
CA ALA G 127 -8.89 -43.91 -63.27
C ALA G 127 -7.89 -42.91 -63.87
N MET G 128 -8.02 -42.70 -65.18
CA MET G 128 -7.27 -41.67 -65.87
C MET G 128 -8.17 -40.87 -66.85
N ASP G 129 -7.65 -39.74 -67.29
CA ASP G 129 -8.26 -39.02 -68.41
C ASP G 129 -7.23 -38.77 -69.50
N THR G 130 -7.57 -39.17 -70.73
CA THR G 130 -6.81 -38.77 -71.92
C THR G 130 -7.40 -37.48 -72.50
N GLU G 131 -6.94 -37.13 -73.70
CA GLU G 131 -7.35 -35.91 -74.39
C GLU G 131 -8.49 -36.25 -75.36
N GLN G 132 -9.20 -37.32 -74.95
CA GLN G 132 -10.49 -37.80 -75.47
C GLN G 132 -11.24 -38.53 -74.30
N GLY G 133 -10.63 -38.52 -73.10
CA GLY G 133 -11.40 -38.67 -71.86
C GLY G 133 -11.19 -39.87 -70.93
N LEU G 134 -12.26 -40.25 -70.24
CA LEU G 134 -12.19 -41.22 -69.16
C LEU G 134 -11.74 -42.63 -69.58
N ILE G 135 -10.59 -43.03 -69.03
CA ILE G 135 -10.05 -44.37 -69.25
C ILE G 135 -9.62 -45.05 -67.92
N VAL G 136 -9.95 -46.33 -67.78
CA VAL G 136 -9.67 -47.08 -66.55
C VAL G 136 -8.94 -48.39 -66.77
N PRO G 137 -7.61 -48.31 -66.96
CA PRO G 137 -6.89 -49.57 -67.10
C PRO G 137 -6.73 -50.15 -65.69
N ASN G 138 -6.71 -51.47 -65.56
CA ASN G 138 -6.53 -52.07 -64.25
C ASN G 138 -5.30 -52.97 -64.17
N VAL G 139 -4.75 -53.08 -62.97
CA VAL G 139 -3.72 -54.06 -62.63
C VAL G 139 -4.42 -55.40 -62.34
N LYS G 140 -4.09 -56.41 -63.12
CA LYS G 140 -4.70 -57.72 -62.94
C LYS G 140 -4.16 -58.41 -61.70
N ASN G 141 -5.02 -59.15 -61.02
CA ASN G 141 -4.55 -60.09 -59.98
C ASN G 141 -3.57 -59.47 -59.00
N VAL G 142 -3.92 -58.29 -58.48
CA VAL G 142 -3.09 -57.59 -57.49
C VAL G 142 -2.77 -58.44 -56.28
N GLN G 143 -3.68 -59.34 -55.90
CA GLN G 143 -3.48 -60.19 -54.72
C GLN G 143 -2.25 -61.15 -54.78
N ILE G 144 -1.81 -61.51 -56.00
CA ILE G 144 -0.58 -62.33 -56.15
C ILE G 144 0.61 -61.54 -56.62
N ARG G 145 0.60 -60.22 -56.47
CA ARG G 145 1.72 -59.39 -56.98
C ARG G 145 2.33 -58.60 -55.86
N SER G 146 3.61 -58.24 -55.96
CA SER G 146 4.29 -57.45 -54.93
C SER G 146 4.12 -55.94 -55.12
N ILE G 147 4.42 -55.16 -54.08
CA ILE G 147 4.36 -53.70 -54.19
C ILE G 147 5.19 -53.28 -55.39
N PHE G 148 6.23 -54.04 -55.67
CA PHE G 148 7.15 -53.67 -56.73
C PHE G 148 6.69 -54.17 -58.09
N GLU G 149 6.10 -55.35 -58.15
CA GLU G 149 5.53 -55.78 -59.41
C GLU G 149 4.38 -54.84 -59.81
N ILE G 150 3.60 -54.41 -58.80
CA ILE G 150 2.44 -53.52 -59.02
C ILE G 150 2.94 -52.22 -59.65
N ALA G 151 3.97 -51.65 -59.01
CA ALA G 151 4.58 -50.40 -59.47
C ALA G 151 5.04 -50.49 -60.94
N THR G 152 5.76 -51.57 -61.26
CA THR G 152 6.18 -51.89 -62.63
C THR G 152 5.01 -51.86 -63.60
N GLU G 153 3.92 -52.51 -63.20
CA GLU G 153 2.72 -52.56 -64.00
C GLU G 153 2.15 -51.14 -64.18
N LEU G 154 2.15 -50.37 -63.07
CA LEU G 154 1.68 -48.97 -63.05
C LEU G 154 2.44 -48.08 -63.98
N ASN G 155 3.78 -48.12 -63.90
CA ASN G 155 4.63 -47.37 -64.80
C ASN G 155 4.26 -47.78 -66.20
N ARG G 156 4.14 -49.09 -66.40
CA ARG G 156 3.85 -49.58 -67.74
C ARG G 156 2.54 -48.94 -68.21
N LEU G 157 1.54 -49.03 -67.35
CA LEU G 157 0.20 -48.59 -67.69
C LEU G 157 0.13 -47.07 -67.91
N GLN G 158 0.97 -46.34 -67.17
CA GLN G 158 1.03 -44.89 -67.26
C GLN G 158 1.56 -44.46 -68.65
N LYS G 159 2.65 -45.09 -69.09
CA LYS G 159 3.21 -44.77 -70.37
C LYS G 159 2.23 -44.98 -71.53
N LEU G 160 1.65 -46.17 -71.61
CA LEU G 160 0.61 -46.47 -72.59
C LEU G 160 -0.56 -45.47 -72.56
N GLY G 161 -1.12 -45.24 -71.38
CA GLY G 161 -2.23 -44.32 -71.21
C GLY G 161 -1.89 -42.91 -71.66
N SER G 162 -0.72 -42.43 -71.23
CA SER G 162 -0.29 -41.11 -71.63
C SER G 162 0.14 -41.05 -73.12
N ALA G 163 0.04 -42.18 -73.83
CA ALA G 163 0.35 -42.19 -75.26
C ALA G 163 -0.88 -42.57 -76.04
N GLY G 164 -2.05 -42.56 -75.40
CA GLY G 164 -3.28 -43.09 -76.00
C GLY G 164 -3.15 -44.51 -76.57
N GLN G 165 -2.34 -45.35 -75.94
CA GLN G 165 -1.99 -46.67 -76.49
C GLN G 165 -2.38 -47.94 -75.65
N LEU G 166 -3.31 -47.81 -74.71
CA LEU G 166 -3.77 -48.95 -73.90
C LEU G 166 -4.57 -49.91 -74.75
N SER G 167 -4.45 -51.20 -74.47
CA SER G 167 -5.08 -52.22 -75.30
C SER G 167 -6.36 -52.64 -74.66
N THR G 168 -7.17 -53.38 -75.39
CA THR G 168 -8.45 -53.85 -74.88
C THR G 168 -8.29 -54.65 -73.58
N ASN G 169 -7.27 -55.48 -73.54
CA ASN G 169 -6.96 -56.22 -72.34
C ASN G 169 -6.52 -55.39 -71.15
N ASP G 170 -5.76 -54.32 -71.37
CA ASP G 170 -5.43 -53.43 -70.26
C ASP G 170 -6.74 -52.90 -69.65
N LEU G 171 -7.79 -52.75 -70.48
CA LEU G 171 -9.05 -52.12 -70.05
C LEU G 171 -10.12 -53.06 -69.47
N ILE G 172 -10.22 -54.29 -69.96
CA ILE G 172 -11.33 -55.21 -69.61
C ILE G 172 -11.11 -55.79 -68.19
N GLY G 173 -12.18 -56.37 -67.62
CA GLY G 173 -12.07 -57.23 -66.44
C GLY G 173 -11.90 -56.63 -65.05
N GLY G 174 -12.02 -55.31 -64.94
CA GLY G 174 -11.81 -54.57 -63.69
C GLY G 174 -12.79 -54.90 -62.58
N THR G 175 -12.38 -54.78 -61.33
CA THR G 175 -13.24 -55.31 -60.27
C THR G 175 -13.55 -54.30 -59.19
N PHE G 176 -12.82 -53.20 -59.19
CA PHE G 176 -12.77 -52.25 -58.09
C PHE G 176 -11.84 -51.15 -58.55
N THR G 177 -12.10 -49.89 -58.18
CA THR G 177 -11.35 -48.81 -58.79
C THR G 177 -10.80 -47.83 -57.79
N LEU G 178 -9.63 -47.27 -58.10
CA LEU G 178 -9.09 -46.17 -57.34
C LEU G 178 -8.87 -44.99 -58.26
N SER G 179 -9.01 -43.81 -57.71
CA SER G 179 -8.75 -42.63 -58.50
C SER G 179 -7.90 -41.63 -57.74
N ASN G 180 -6.65 -41.49 -58.13
CA ASN G 180 -5.78 -40.52 -57.45
C ASN G 180 -6.02 -39.10 -57.98
N ILE G 181 -7.10 -38.48 -57.56
CA ILE G 181 -7.40 -37.08 -57.93
C ILE G 181 -6.32 -36.15 -57.36
N GLY G 182 -5.66 -36.59 -56.31
CA GLY G 182 -4.74 -35.75 -55.57
C GLY G 182 -3.44 -35.62 -56.29
N SER G 183 -3.28 -36.39 -57.36
CA SER G 183 -2.16 -36.14 -58.27
C SER G 183 -2.27 -34.75 -58.89
N ILE G 184 -3.45 -34.17 -58.80
CA ILE G 184 -3.64 -32.81 -59.30
C ILE G 184 -3.99 -31.86 -58.17
N GLY G 185 -4.90 -32.32 -57.32
CA GLY G 185 -5.24 -31.52 -56.13
C GLY G 185 -6.42 -32.14 -55.43
N GLY G 186 -6.95 -31.46 -54.43
CA GLY G 186 -8.14 -31.91 -53.74
C GLY G 186 -7.94 -32.41 -52.32
N THR G 187 -9.08 -32.52 -51.61
CA THR G 187 -9.13 -33.20 -50.35
C THR G 187 -10.12 -34.35 -50.57
N TYR G 188 -11.41 -34.08 -50.34
CA TYR G 188 -12.43 -35.08 -50.39
C TYR G 188 -13.06 -35.03 -51.75
N ALA G 189 -13.94 -35.99 -52.03
CA ALA G 189 -14.53 -36.09 -53.35
C ALA G 189 -15.76 -37.03 -53.33
N LYS G 190 -16.58 -36.97 -54.38
CA LYS G 190 -17.60 -38.00 -54.57
C LYS G 190 -17.43 -38.71 -55.92
N PRO G 191 -16.64 -39.81 -55.94
CA PRO G 191 -16.43 -40.60 -57.14
C PRO G 191 -17.69 -41.30 -57.58
N VAL G 192 -17.74 -41.60 -58.86
CA VAL G 192 -18.88 -42.28 -59.42
C VAL G 192 -18.46 -43.76 -59.55
N ILE G 193 -19.28 -44.64 -59.03
CA ILE G 193 -19.05 -46.03 -59.18
C ILE G 193 -19.24 -46.43 -60.65
N LEU G 194 -18.33 -47.28 -61.13
CA LEU G 194 -18.26 -47.72 -62.54
C LEU G 194 -18.91 -49.08 -62.68
N PRO G 195 -20.13 -49.13 -63.21
CA PRO G 195 -20.77 -50.43 -63.34
C PRO G 195 -19.82 -51.36 -64.09
N PRO G 196 -19.89 -52.68 -63.83
CA PRO G 196 -20.74 -53.31 -62.85
C PRO G 196 -20.08 -53.43 -61.45
N GLU G 197 -18.92 -52.77 -61.27
CA GLU G 197 -18.29 -52.66 -59.93
C GLU G 197 -19.26 -52.10 -58.87
N VAL G 198 -18.93 -52.27 -57.60
CA VAL G 198 -19.73 -51.74 -56.52
C VAL G 198 -19.02 -50.70 -55.59
N ALA G 199 -17.72 -50.49 -55.80
CA ALA G 199 -16.98 -49.56 -54.95
C ALA G 199 -15.91 -48.79 -55.73
N ILE G 200 -15.57 -47.59 -55.26
CA ILE G 200 -14.50 -46.80 -55.87
C ILE G 200 -13.97 -45.89 -54.80
N GLY G 201 -12.68 -45.57 -54.85
CA GLY G 201 -12.08 -44.67 -53.85
C GLY G 201 -11.35 -43.49 -54.48
N ALA G 202 -11.55 -42.28 -53.97
CA ALA G 202 -10.76 -41.16 -54.46
C ALA G 202 -9.76 -40.77 -53.42
N LEU G 203 -8.48 -40.65 -53.82
CA LEU G 203 -7.38 -40.26 -52.90
C LEU G 203 -6.94 -38.80 -53.10
N GLY G 204 -6.92 -38.01 -52.03
CA GLY G 204 -6.68 -36.57 -52.19
C GLY G 204 -5.20 -36.25 -52.04
N THR G 205 -4.87 -34.97 -52.14
CA THR G 205 -3.52 -34.49 -51.99
C THR G 205 -3.06 -34.62 -50.56
N ILE G 206 -1.88 -35.20 -50.41
CA ILE G 206 -1.11 -35.30 -49.19
C ILE G 206 -0.50 -33.92 -48.80
N LYS G 207 -1.11 -33.26 -47.82
CA LYS G 207 -0.64 -31.97 -47.30
C LYS G 207 -0.08 -32.19 -45.91
N ALA G 208 0.82 -31.29 -45.52
CA ALA G 208 1.47 -31.38 -44.25
C ALA G 208 0.65 -30.52 -43.34
N LEU G 209 0.12 -31.10 -42.27
CA LEU G 209 -0.75 -30.35 -41.36
C LEU G 209 -0.33 -30.58 -39.95
N PRO G 210 -0.61 -29.60 -39.06
CA PRO G 210 -0.33 -29.83 -37.62
C PRO G 210 -1.22 -30.89 -36.94
N ARG G 211 -0.63 -31.96 -36.42
CA ARG G 211 -1.41 -32.97 -35.69
C ARG G 211 -0.71 -33.32 -34.38
N PHE G 212 -1.50 -33.56 -33.35
CA PHE G 212 -1.01 -34.08 -32.07
C PHE G 212 -0.44 -35.51 -32.19
N ASN G 213 0.76 -35.72 -31.64
CA ASN G 213 1.26 -37.08 -31.41
C ASN G 213 0.77 -37.69 -30.07
N GLU G 214 1.15 -38.96 -29.81
CA GLU G 214 0.85 -39.66 -28.53
C GLU G 214 1.29 -38.90 -27.25
N LYS G 215 2.19 -37.93 -27.38
CA LYS G 215 2.68 -37.13 -26.25
C LYS G 215 1.87 -35.85 -26.00
N GLY G 216 0.82 -35.64 -26.79
CA GLY G 216 0.04 -34.42 -26.67
C GLY G 216 0.69 -33.21 -27.35
N GLU G 217 1.81 -33.46 -28.05
CA GLU G 217 2.56 -32.39 -28.73
C GLU G 217 2.29 -32.30 -30.26
N VAL G 218 2.54 -31.12 -30.83
CA VAL G 218 2.30 -30.81 -32.25
C VAL G 218 3.37 -31.46 -33.16
N CYS G 219 2.97 -31.84 -34.37
CA CYS G 219 3.87 -32.48 -35.33
C CYS G 219 3.60 -32.02 -36.76
N LYS G 220 4.63 -32.17 -37.60
CA LYS G 220 4.42 -32.18 -39.04
C LYS G 220 3.76 -33.52 -39.27
N ALA G 221 2.55 -33.49 -39.79
CA ALA G 221 1.79 -34.72 -40.12
C ALA G 221 1.35 -34.73 -41.58
N GLN G 222 1.68 -35.83 -42.23
CA GLN G 222 1.40 -35.97 -43.64
C GLN G 222 0.03 -36.63 -43.76
N ILE G 223 -0.98 -35.80 -44.05
CA ILE G 223 -2.38 -36.22 -44.06
C ILE G 223 -2.91 -36.38 -45.50
N MET G 224 -3.70 -37.43 -45.72
CA MET G 224 -4.37 -37.56 -46.98
C MET G 224 -5.86 -37.90 -46.76
N ASN G 225 -6.72 -37.28 -47.55
CA ASN G 225 -8.10 -37.68 -47.49
C ASN G 225 -8.40 -38.84 -48.43
N VAL G 226 -9.24 -39.75 -47.98
CA VAL G 226 -9.77 -40.77 -48.88
C VAL G 226 -11.30 -40.63 -48.87
N SER G 227 -11.92 -40.74 -50.04
CA SER G 227 -13.35 -40.75 -50.12
C SER G 227 -13.84 -41.99 -50.87
N TRP G 228 -14.63 -42.87 -50.21
CA TRP G 228 -15.18 -44.04 -50.86
C TRP G 228 -16.64 -43.83 -51.24
N SER G 229 -17.01 -44.28 -52.43
CA SER G 229 -18.43 -44.41 -52.81
C SER G 229 -18.71 -45.89 -52.91
N ALA G 230 -19.87 -46.32 -52.42
CA ALA G 230 -20.23 -47.73 -52.46
C ALA G 230 -21.70 -47.95 -52.77
N ASP G 231 -21.99 -49.01 -53.49
CA ASP G 231 -23.33 -49.33 -53.91
C ASP G 231 -24.11 -49.83 -52.69
N HIS G 232 -24.93 -48.95 -52.13
CA HIS G 232 -25.62 -49.25 -50.92
C HIS G 232 -26.75 -50.28 -51.08
N ARG G 233 -27.05 -50.71 -52.29
CA ARG G 233 -27.97 -51.85 -52.37
C ARG G 233 -27.41 -53.16 -51.74
N ILE G 234 -26.09 -53.42 -51.89
CA ILE G 234 -25.47 -54.60 -51.28
C ILE G 234 -24.28 -54.34 -50.36
N ILE G 235 -23.78 -53.12 -50.30
CA ILE G 235 -22.74 -52.80 -49.30
C ILE G 235 -23.31 -51.93 -48.22
N ASP G 236 -23.35 -52.41 -46.99
CA ASP G 236 -23.77 -51.54 -45.92
C ASP G 236 -22.59 -50.73 -45.43
N GLY G 237 -22.85 -49.77 -44.54
CA GLY G 237 -21.85 -48.80 -44.09
C GLY G 237 -20.78 -49.29 -43.15
N ALA G 238 -21.10 -50.33 -42.39
CA ALA G 238 -20.10 -50.98 -41.54
C ALA G 238 -19.03 -51.68 -42.39
N THR G 239 -19.45 -52.39 -43.44
CA THR G 239 -18.51 -52.97 -44.38
C THR G 239 -17.47 -51.98 -44.98
N VAL G 240 -17.92 -50.84 -45.51
CA VAL G 240 -16.99 -49.90 -46.16
C VAL G 240 -16.08 -49.23 -45.14
N SER G 241 -16.69 -48.92 -44.00
CA SER G 241 -16.03 -48.35 -42.85
C SER G 241 -14.92 -49.22 -42.26
N ARG G 242 -15.27 -50.45 -41.91
CA ARG G 242 -14.29 -51.46 -41.53
C ARG G 242 -13.29 -51.71 -42.67
N PHE G 243 -13.75 -51.94 -43.90
CA PHE G 243 -12.77 -52.09 -44.99
C PHE G 243 -11.79 -50.93 -44.99
N SER G 244 -12.29 -49.71 -44.76
CA SER G 244 -11.44 -48.52 -44.84
C SER G 244 -10.46 -48.44 -43.69
N ASN G 245 -10.93 -48.76 -42.47
CA ASN G 245 -10.02 -48.78 -41.31
C ASN G 245 -8.89 -49.74 -41.57
N LEU G 246 -9.24 -50.89 -42.16
CA LEU G 246 -8.20 -51.92 -42.39
C LEU G 246 -7.19 -51.37 -43.38
N TRP G 247 -7.66 -50.99 -44.57
CA TRP G 247 -6.82 -50.30 -45.57
C TRP G 247 -5.96 -49.25 -44.89
N LYS G 248 -6.57 -48.48 -44.00
CA LYS G 248 -5.93 -47.34 -43.37
C LYS G 248 -4.83 -47.82 -42.41
N SER G 249 -5.21 -48.78 -41.56
CA SER G 249 -4.23 -49.58 -40.83
C SER G 249 -3.01 -49.84 -41.66
N TYR G 250 -3.23 -50.51 -42.79
CA TYR G 250 -2.13 -51.08 -43.50
C TYR G 250 -1.21 -50.02 -43.94
N LEU G 251 -1.72 -48.80 -44.07
CA LEU G 251 -0.93 -47.68 -44.58
C LEU G 251 -0.30 -46.85 -43.47
N GLU G 252 -1.09 -46.58 -42.43
CA GLU G 252 -0.63 -45.84 -41.29
C GLU G 252 0.45 -46.62 -40.59
N ASN G 253 0.31 -47.94 -40.52
CA ASN G 253 1.37 -48.80 -39.94
C ASN G 253 1.82 -49.89 -40.91
N PRO G 254 2.61 -49.50 -41.94
CA PRO G 254 2.95 -50.39 -43.07
C PRO G 254 3.63 -51.67 -42.62
N ALA G 255 4.12 -51.62 -41.39
CA ALA G 255 4.62 -52.79 -40.71
C ALA G 255 3.62 -53.91 -40.85
N PHE G 256 2.35 -53.58 -40.67
CA PHE G 256 1.33 -54.59 -40.65
C PHE G 256 1.23 -55.35 -41.98
N MET G 257 1.70 -54.74 -43.08
CA MET G 257 1.67 -55.40 -44.38
C MET G 257 2.69 -56.55 -44.41
N LEU G 258 3.80 -56.35 -43.70
CA LEU G 258 4.85 -57.30 -43.66
C LEU G 258 4.42 -58.64 -43.11
N LEU G 259 3.44 -58.63 -42.21
CA LEU G 259 3.14 -59.81 -41.41
C LEU G 259 2.66 -60.93 -42.30
N ASP G 260 1.84 -60.61 -43.30
CA ASP G 260 1.19 -61.69 -44.05
C ASP G 260 1.68 -61.94 -45.45
N LEU G 261 2.52 -61.06 -45.95
CA LEU G 261 3.02 -61.26 -47.30
C LEU G 261 4.07 -62.37 -47.36
N LYS G 262 4.26 -62.96 -48.53
CA LYS G 262 5.19 -64.09 -48.64
C LYS G 262 6.15 -64.06 -49.86
N GLY H 29 65.63 -21.97 41.50
CA GLY H 29 65.43 -21.89 42.96
C GLY H 29 66.28 -20.85 43.70
N LYS H 30 67.57 -20.67 43.33
CA LYS H 30 68.51 -19.81 44.12
C LYS H 30 69.29 -18.66 43.37
N ASP H 31 69.41 -17.48 44.01
CA ASP H 31 70.13 -16.32 43.44
C ASP H 31 71.66 -16.50 43.30
N ARG H 32 72.16 -16.43 42.07
CA ARG H 32 73.62 -16.52 41.85
C ARG H 32 74.26 -15.22 41.32
N THR H 33 75.30 -14.74 42.00
CA THR H 33 76.06 -13.63 41.48
C THR H 33 77.33 -14.12 40.80
N GLU H 34 77.73 -13.45 39.72
CA GLU H 34 79.01 -13.74 39.06
C GLU H 34 79.63 -12.52 38.36
N PRO H 35 80.96 -12.56 38.18
CA PRO H 35 81.58 -11.38 37.54
C PRO H 35 81.26 -11.34 36.05
N VAL H 36 81.24 -10.11 35.52
CA VAL H 36 81.21 -9.83 34.08
C VAL H 36 82.64 -9.93 33.61
N LYS H 37 82.98 -11.03 32.95
CA LYS H 37 84.38 -11.23 32.56
C LYS H 37 84.65 -11.07 31.08
N GLY H 38 85.94 -11.14 30.74
CA GLY H 38 86.39 -11.37 29.37
C GLY H 38 85.84 -10.43 28.34
N PHE H 39 85.49 -10.97 27.19
CA PHE H 39 85.15 -10.06 26.12
C PHE H 39 83.75 -9.49 26.35
N HIS H 40 83.05 -10.04 27.35
CA HIS H 40 81.79 -9.43 27.81
C HIS H 40 82.03 -8.01 28.36
N LYS H 41 83.27 -7.71 28.76
CA LYS H 41 83.63 -6.38 29.24
C LYS H 41 83.53 -5.33 28.15
N ALA H 42 83.83 -5.72 26.92
CA ALA H 42 83.81 -4.79 25.77
C ALA H 42 82.43 -4.16 25.49
N MET H 43 81.37 -4.97 25.54
CA MET H 43 80.01 -4.46 25.36
C MET H 43 79.69 -3.45 26.46
N VAL H 44 80.04 -3.77 27.72
CA VAL H 44 79.88 -2.82 28.80
C VAL H 44 80.53 -1.45 28.47
N LYS H 45 81.80 -1.43 28.04
CA LYS H 45 82.47 -0.16 27.69
C LYS H 45 81.85 0.56 26.49
N THR H 46 81.61 -0.17 25.40
CA THR H 46 81.06 0.42 24.17
C THR H 46 79.74 1.14 24.42
N MET H 47 78.84 0.44 25.11
CA MET H 47 77.50 0.96 25.30
C MET H 47 77.48 2.09 26.34
N SER H 48 78.36 2.03 27.34
CA SER H 48 78.55 3.19 28.26
C SER H 48 79.07 4.41 27.48
N ALA H 49 79.94 4.17 26.54
CA ALA H 49 80.51 5.27 25.79
C ALA H 49 79.36 5.94 25.06
N ALA H 50 78.37 5.16 24.59
CA ALA H 50 77.32 5.76 23.77
C ALA H 50 76.39 6.65 24.55
N LEU H 51 76.51 6.64 25.90
CA LEU H 51 75.65 7.46 26.71
C LEU H 51 75.93 8.90 26.39
N LYS H 52 77.13 9.20 25.92
CA LYS H 52 77.48 10.57 25.62
C LYS H 52 76.85 11.06 24.33
N ILE H 53 76.10 10.23 23.62
CA ILE H 53 75.57 10.63 22.33
C ILE H 53 74.08 10.87 22.50
N PRO H 54 73.62 12.09 22.25
CA PRO H 54 72.19 12.38 22.24
C PRO H 54 71.56 11.80 21.00
N HIS H 55 70.78 10.73 21.17
CA HIS H 55 70.28 9.94 20.04
C HIS H 55 68.96 10.49 19.61
N PHE H 56 68.82 10.67 18.31
CA PHE H 56 67.57 11.09 17.74
C PHE H 56 67.13 9.89 16.97
N GLY H 57 65.87 9.54 17.12
CA GLY H 57 65.38 8.41 16.42
C GLY H 57 64.51 8.82 15.29
N TYR H 58 64.65 8.14 14.15
CA TYR H 58 63.80 8.41 13.00
C TYR H 58 63.46 7.09 12.34
N CYS H 59 62.19 6.83 12.08
CA CYS H 59 61.79 5.48 11.58
C CYS H 59 60.96 5.61 10.37
N ASP H 60 60.70 4.50 9.69
CA ASP H 60 59.87 4.59 8.49
C ASP H 60 59.49 3.21 8.02
N GLU H 61 58.59 3.09 7.06
CA GLU H 61 58.39 1.81 6.41
C GLU H 61 58.83 1.92 4.98
N VAL H 62 59.26 0.78 4.46
CA VAL H 62 59.84 0.61 3.15
C VAL H 62 59.08 -0.54 2.49
N ASP H 63 58.47 -0.28 1.34
CA ASP H 63 57.75 -1.34 0.64
C ASP H 63 58.72 -2.10 -0.25
N LEU H 64 58.98 -3.36 0.09
CA LEU H 64 60.07 -4.13 -0.54
C LEU H 64 59.55 -5.20 -1.50
N THR H 65 58.33 -5.00 -2.01
CA THR H 65 57.68 -5.88 -2.96
C THR H 65 58.54 -6.15 -4.21
N GLU H 66 59.01 -5.09 -4.85
CA GLU H 66 59.94 -5.30 -5.97
C GLU H 66 61.21 -6.02 -5.57
N LEU H 67 61.80 -5.66 -4.41
CA LEU H 67 63.10 -6.20 -4.05
C LEU H 67 62.98 -7.70 -3.78
N VAL H 68 61.92 -8.08 -3.05
CA VAL H 68 61.63 -9.50 -2.86
C VAL H 68 61.58 -10.22 -4.20
N LYS H 69 60.80 -9.69 -5.15
CA LYS H 69 60.74 -10.28 -6.48
C LYS H 69 62.17 -10.34 -7.07
N LEU H 70 62.82 -9.19 -7.14
CA LEU H 70 64.17 -9.14 -7.63
C LEU H 70 65.09 -10.19 -7.03
N ARG H 71 65.10 -10.26 -5.69
CA ARG H 71 65.98 -11.23 -5.05
C ARG H 71 65.61 -12.70 -5.39
N GLU H 72 64.34 -12.99 -5.68
CA GLU H 72 64.00 -14.33 -6.17
C GLU H 72 64.66 -14.57 -7.53
N GLU H 73 64.67 -13.55 -8.37
CA GLU H 73 65.30 -13.65 -9.67
C GLU H 73 66.81 -13.85 -9.53
N LEU H 74 67.47 -13.15 -8.61
CA LEU H 74 68.92 -13.31 -8.52
C LEU H 74 69.40 -14.54 -7.74
N LYS H 75 68.55 -15.10 -6.88
CA LYS H 75 68.90 -16.32 -6.12
C LYS H 75 69.69 -17.39 -6.92
N PRO H 76 69.11 -17.92 -8.01
CA PRO H 76 69.78 -18.99 -8.79
C PRO H 76 71.17 -18.64 -9.34
N ILE H 77 71.37 -17.40 -9.75
CA ILE H 77 72.66 -16.92 -10.25
C ILE H 77 73.65 -16.89 -9.10
N ALA H 78 73.24 -16.29 -7.97
CA ALA H 78 74.08 -16.30 -6.75
C ALA H 78 74.40 -17.72 -6.36
N PHE H 79 73.38 -18.56 -6.33
CA PHE H 79 73.56 -19.94 -5.97
C PHE H 79 74.52 -20.66 -6.92
N ALA H 80 74.36 -20.50 -8.23
CA ALA H 80 75.29 -21.11 -9.15
C ALA H 80 76.71 -20.61 -8.94
N ARG H 81 76.88 -19.42 -8.36
CA ARG H 81 78.24 -18.96 -8.05
C ARG H 81 78.70 -19.36 -6.65
N GLY H 82 77.91 -20.13 -5.92
CA GLY H 82 78.34 -20.55 -4.60
C GLY H 82 78.11 -19.53 -3.48
N ILE H 83 77.12 -18.65 -3.63
CA ILE H 83 76.83 -17.62 -2.63
C ILE H 83 75.34 -17.61 -2.23
N LYS H 84 75.06 -17.58 -0.93
CA LYS H 84 73.70 -17.30 -0.45
C LYS H 84 73.41 -15.81 -0.56
N LEU H 85 72.40 -15.43 -1.37
CA LEU H 85 72.08 -13.97 -1.50
C LEU H 85 70.95 -13.57 -0.56
N SER H 86 71.28 -12.79 0.47
CA SER H 86 70.26 -12.27 1.40
C SER H 86 69.79 -10.88 0.96
N PHE H 87 68.99 -10.22 1.77
CA PHE H 87 68.60 -8.85 1.51
C PHE H 87 69.74 -7.88 1.89
N MET H 88 70.61 -8.29 2.82
CA MET H 88 71.65 -7.36 3.34
C MET H 88 72.53 -6.66 2.27
N PRO H 89 73.04 -7.41 1.29
CA PRO H 89 73.86 -6.70 0.24
C PRO H 89 73.16 -5.52 -0.42
N PHE H 90 71.89 -5.65 -0.80
CA PHE H 90 71.10 -4.52 -1.28
C PHE H 90 71.01 -3.39 -0.25
N PHE H 91 70.71 -3.74 1.00
CA PHE H 91 70.63 -2.74 2.09
C PHE H 91 71.94 -1.96 2.19
N LEU H 92 73.06 -2.69 2.10
CA LEU H 92 74.34 -2.09 2.22
C LEU H 92 74.68 -1.20 1.02
N LYS H 93 74.25 -1.61 -0.15
CA LYS H 93 74.63 -0.90 -1.33
C LYS H 93 73.77 0.36 -1.42
N ALA H 94 72.49 0.22 -1.10
CA ALA H 94 71.65 1.40 -1.05
C ALA H 94 72.19 2.39 0.01
N ALA H 95 72.72 1.87 1.14
CA ALA H 95 73.17 2.78 2.18
C ALA H 95 74.37 3.58 1.74
N SER H 96 75.38 2.90 1.19
CA SER H 96 76.52 3.55 0.60
C SER H 96 76.14 4.63 -0.41
N LEU H 97 75.25 4.28 -1.35
CA LEU H 97 74.79 5.28 -2.28
C LEU H 97 74.23 6.52 -1.54
N GLY H 98 73.45 6.31 -0.47
CA GLY H 98 72.87 7.40 0.30
C GLY H 98 73.98 8.19 0.91
N LEU H 99 75.02 7.49 1.33
CA LEU H 99 76.11 8.17 2.02
C LEU H 99 76.93 9.11 1.09
N LEU H 100 76.91 8.81 -0.22
CA LEU H 100 77.56 9.69 -1.18
C LEU H 100 76.86 11.02 -1.17
N GLN H 101 75.51 11.03 -1.06
CA GLN H 101 74.73 12.26 -1.03
C GLN H 101 74.80 12.94 0.32
N PHE H 102 74.90 12.15 1.39
CA PHE H 102 74.90 12.74 2.72
C PHE H 102 76.08 12.26 3.52
N PRO H 103 77.28 12.75 3.17
CA PRO H 103 78.49 12.18 3.73
C PRO H 103 78.67 12.52 5.19
N ILE H 104 77.91 13.48 5.72
CA ILE H 104 78.00 13.69 7.15
C ILE H 104 77.52 12.48 7.99
N LEU H 105 76.73 11.58 7.41
CA LEU H 105 76.30 10.41 8.18
C LEU H 105 77.40 9.32 8.30
N ASN H 106 78.45 9.42 7.45
CA ASN H 106 79.58 8.52 7.48
C ASN H 106 80.74 9.32 8.10
N ALA H 107 80.45 10.23 9.02
CA ALA H 107 81.52 11.00 9.66
C ALA H 107 81.78 10.54 11.09
N SER H 108 82.76 11.17 11.73
CA SER H 108 83.08 10.94 13.14
C SER H 108 83.29 12.22 13.85
N VAL H 109 83.18 12.17 15.15
CA VAL H 109 83.11 13.38 15.92
C VAL H 109 84.04 13.16 17.10
N ASP H 110 84.79 14.19 17.50
CA ASP H 110 85.75 14.03 18.58
C ASP H 110 85.16 14.10 19.97
N GLU H 111 86.02 14.38 20.95
CA GLU H 111 85.69 14.10 22.34
C GLU H 111 84.59 15.03 22.81
N ASN H 112 84.77 16.34 22.81
CA ASN H 112 83.58 17.14 23.15
C ASN H 112 82.93 17.81 21.95
N CYS H 113 82.81 17.01 20.88
CA CYS H 113 82.20 17.33 19.59
C CYS H 113 82.63 18.69 19.04
N GLN H 114 83.93 18.87 18.87
CA GLN H 114 84.39 20.16 18.30
C GLN H 114 84.81 20.07 16.83
N ASN H 115 85.12 18.86 16.39
CA ASN H 115 85.62 18.68 15.04
C ASN H 115 84.95 17.46 14.44
N ILE H 116 84.55 17.58 13.16
CA ILE H 116 83.97 16.49 12.37
C ILE H 116 85.07 15.95 11.45
N THR H 117 85.31 14.64 11.48
CA THR H 117 86.10 13.99 10.43
C THR H 117 85.19 13.24 9.44
N TYR H 118 85.17 13.76 8.22
CA TYR H 118 84.41 13.16 7.13
C TYR H 118 85.29 12.07 6.60
N LYS H 119 84.78 10.83 6.56
CA LYS H 119 85.58 9.66 6.22
C LYS H 119 85.21 9.27 4.78
N ALA H 120 86.20 9.15 3.93
CA ALA H 120 85.94 8.83 2.55
C ALA H 120 85.41 7.40 2.39
N SER H 121 86.05 6.40 3.00
CA SER H 121 85.64 4.98 2.83
C SER H 121 84.30 4.67 3.48
N HIS H 122 83.45 3.93 2.78
CA HIS H 122 82.26 3.37 3.44
C HIS H 122 82.54 2.00 4.01
N ASN H 123 82.98 1.96 5.25
CA ASN H 123 83.18 0.70 5.93
C ASN H 123 81.96 0.39 6.82
N ILE H 124 80.94 -0.23 6.20
CA ILE H 124 79.69 -0.41 6.89
C ILE H 124 79.72 -1.64 7.76
N GLY H 125 79.45 -1.45 9.06
CA GLY H 125 79.34 -2.52 10.08
C GLY H 125 78.05 -3.36 10.01
N ILE H 126 78.20 -4.65 10.25
CA ILE H 126 77.08 -5.55 10.38
C ILE H 126 77.14 -6.04 11.83
N ALA H 127 76.14 -5.66 12.61
CA ALA H 127 76.08 -5.97 14.03
C ALA H 127 75.74 -7.44 14.16
N MET H 128 76.53 -8.16 14.94
CA MET H 128 76.27 -9.56 15.17
C MET H 128 76.34 -9.87 16.63
N ASP H 129 75.60 -10.88 17.04
CA ASP H 129 75.75 -11.40 18.41
C ASP H 129 76.34 -12.79 18.38
N THR H 130 77.34 -13.02 19.19
CA THR H 130 77.89 -14.35 19.36
C THR H 130 77.83 -14.72 20.86
N GLU H 131 78.02 -16.01 21.14
CA GLU H 131 78.11 -16.51 22.53
C GLU H 131 79.21 -15.77 23.34
N GLN H 132 79.87 -14.79 22.71
CA GLN H 132 80.77 -13.88 23.42
C GLN H 132 80.27 -12.40 23.38
N GLY H 133 79.07 -12.17 22.84
CA GLY H 133 78.52 -10.81 22.80
C GLY H 133 78.45 -10.15 21.42
N LEU H 134 78.21 -8.84 21.45
CA LEU H 134 78.21 -7.99 20.27
C LEU H 134 79.56 -7.94 19.57
N ILE H 135 79.50 -8.13 18.27
CA ILE H 135 80.66 -8.07 17.43
C ILE H 135 80.26 -7.43 16.10
N VAL H 136 81.06 -6.43 15.69
CA VAL H 136 80.70 -5.60 14.59
C VAL H 136 81.81 -5.56 13.58
N PRO H 137 81.86 -6.55 12.72
CA PRO H 137 82.86 -6.46 11.67
C PRO H 137 82.28 -5.58 10.57
N ASN H 138 83.07 -5.10 9.63
CA ASN H 138 82.51 -4.22 8.59
C ASN H 138 83.01 -4.65 7.21
N VAL H 139 82.25 -4.27 6.16
CA VAL H 139 82.61 -4.46 4.77
C VAL H 139 83.32 -3.21 4.33
N LYS H 140 84.56 -3.34 3.92
CA LYS H 140 85.38 -2.16 3.53
C LYS H 140 84.94 -1.56 2.20
N ASN H 141 84.95 -0.23 2.08
CA ASN H 141 84.80 0.40 0.79
C ASN H 141 83.63 -0.19 0.00
N VAL H 142 82.47 -0.12 0.63
CA VAL H 142 81.26 -0.59 -0.01
C VAL H 142 81.04 0.27 -1.25
N GLN H 143 81.54 1.50 -1.24
CA GLN H 143 81.32 2.39 -2.38
C GLN H 143 81.87 1.86 -3.72
N ILE H 144 82.83 0.94 -3.70
CA ILE H 144 83.39 0.41 -4.92
C ILE H 144 83.15 -1.08 -5.12
N ARG H 145 82.17 -1.68 -4.41
CA ARG H 145 81.86 -3.09 -4.60
C ARG H 145 80.44 -3.22 -5.15
N SER H 146 80.18 -4.25 -5.95
CA SER H 146 78.82 -4.60 -6.37
C SER H 146 78.14 -5.37 -5.29
N ILE H 147 76.82 -5.40 -5.40
CA ILE H 147 75.96 -6.20 -4.57
C ILE H 147 76.53 -7.60 -4.50
N PHE H 148 76.99 -8.12 -5.62
CA PHE H 148 77.52 -9.47 -5.59
C PHE H 148 78.83 -9.58 -4.75
N GLU H 149 79.70 -8.59 -4.84
CA GLU H 149 80.88 -8.63 -3.95
C GLU H 149 80.53 -8.50 -2.48
N ILE H 150 79.58 -7.62 -2.15
CA ILE H 150 79.15 -7.44 -0.77
C ILE H 150 78.60 -8.76 -0.20
N ALA H 151 77.74 -9.42 -0.95
CA ALA H 151 77.25 -10.71 -0.56
C ALA H 151 78.45 -11.61 -0.28
N THR H 152 79.44 -11.67 -1.18
CA THR H 152 80.58 -12.55 -0.95
C THR H 152 81.25 -12.25 0.39
N GLU H 153 81.42 -10.94 0.67
CA GLU H 153 82.11 -10.55 1.88
C GLU H 153 81.26 -10.75 3.15
N LEU H 154 79.92 -10.57 3.08
CA LEU H 154 79.09 -10.92 4.23
C LEU H 154 79.19 -12.42 4.54
N ASN H 155 79.10 -13.28 3.52
CA ASN H 155 79.24 -14.74 3.76
C ASN H 155 80.60 -14.94 4.49
N ARG H 156 81.67 -14.38 3.98
CA ARG H 156 82.98 -14.57 4.61
C ARG H 156 82.95 -14.04 6.04
N LEU H 157 82.46 -12.83 6.26
CA LEU H 157 82.36 -12.34 7.64
C LEU H 157 81.42 -13.15 8.55
N GLN H 158 80.29 -13.63 8.02
CA GLN H 158 79.39 -14.50 8.79
C GLN H 158 80.10 -15.81 9.24
N LYS H 159 80.68 -16.57 8.32
CA LYS H 159 81.44 -17.75 8.72
C LYS H 159 82.58 -17.45 9.76
N LEU H 160 83.44 -16.48 9.51
CA LEU H 160 84.48 -16.14 10.51
C LEU H 160 83.85 -15.75 11.89
N GLY H 161 82.74 -15.03 11.82
CA GLY H 161 82.02 -14.60 12.99
C GLY H 161 81.62 -15.80 13.83
N SER H 162 80.85 -16.72 13.22
CA SER H 162 80.43 -17.96 13.91
C SER H 162 81.59 -18.79 14.44
N ALA H 163 82.74 -18.81 13.75
CA ALA H 163 83.88 -19.64 14.14
C ALA H 163 84.80 -18.96 15.14
N GLY H 164 84.50 -17.73 15.50
CA GLY H 164 85.35 -16.97 16.42
C GLY H 164 86.62 -16.48 15.76
N GLN H 165 86.65 -16.38 14.42
CA GLN H 165 87.91 -16.16 13.67
C GLN H 165 88.08 -14.82 12.96
N LEU H 166 87.26 -13.82 13.27
CA LEU H 166 87.42 -12.51 12.63
C LEU H 166 88.79 -11.87 12.93
N SER H 167 89.45 -11.26 11.95
CA SER H 167 90.75 -10.63 12.27
C SER H 167 90.58 -9.27 12.92
N THR H 168 91.64 -8.70 13.44
CA THR H 168 91.45 -7.35 13.85
C THR H 168 91.16 -6.38 12.69
N ASN H 169 91.65 -6.65 11.49
CA ASN H 169 91.31 -5.82 10.32
C ASN H 169 89.81 -5.82 10.00
N ASP H 170 89.16 -6.98 10.17
CA ASP H 170 87.72 -7.09 9.92
C ASP H 170 86.94 -6.22 10.90
N LEU H 171 87.51 -6.05 12.10
CA LEU H 171 86.85 -5.38 13.21
C LEU H 171 86.98 -3.88 13.24
N ILE H 172 88.09 -3.32 12.78
CA ILE H 172 88.30 -1.86 12.96
C ILE H 172 87.92 -1.08 11.72
N GLY H 173 87.99 0.24 11.84
CA GLY H 173 87.78 1.12 10.69
C GLY H 173 86.33 1.44 10.33
N GLY H 174 85.36 0.84 11.04
CA GLY H 174 83.95 0.99 10.68
C GLY H 174 83.53 2.43 10.65
N THR H 175 82.67 2.80 9.72
CA THR H 175 82.30 4.22 9.66
C THR H 175 80.82 4.44 9.93
N PHE H 176 80.04 3.35 9.84
CA PHE H 176 78.57 3.33 9.82
C PHE H 176 78.11 1.86 10.00
N THR H 177 76.99 1.68 10.68
CA THR H 177 76.53 0.38 11.07
C THR H 177 75.08 0.18 10.73
N LEU H 178 74.80 -1.02 10.22
CA LEU H 178 73.48 -1.55 10.06
C LEU H 178 73.37 -2.79 10.88
N SER H 179 72.18 -3.06 11.36
CA SER H 179 71.98 -4.17 12.28
C SER H 179 70.71 -4.87 11.89
N ASN H 180 70.88 -6.10 11.44
CA ASN H 180 69.75 -6.80 10.90
C ASN H 180 68.91 -7.55 11.92
N ILE H 181 68.11 -6.83 12.70
CA ILE H 181 67.42 -7.55 13.81
C ILE H 181 66.27 -8.43 13.26
N GLY H 182 65.76 -8.08 12.08
CA GLY H 182 64.67 -8.87 11.46
C GLY H 182 65.07 -10.26 10.99
N SER H 183 66.37 -10.56 11.00
CA SER H 183 66.74 -11.93 10.81
C SER H 183 66.19 -12.73 12.00
N ILE H 184 65.91 -12.08 13.12
CA ILE H 184 65.30 -12.80 14.22
C ILE H 184 63.84 -12.40 14.39
N GLY H 185 63.56 -11.11 14.45
CA GLY H 185 62.16 -10.68 14.52
C GLY H 185 62.13 -9.19 14.64
N GLY H 186 60.95 -8.61 14.89
CA GLY H 186 60.86 -7.22 15.29
C GLY H 186 60.34 -6.37 14.19
N THR H 187 59.78 -5.21 14.55
CA THR H 187 59.34 -4.23 13.58
C THR H 187 60.30 -3.04 13.73
N TYR H 188 60.08 -2.14 14.70
CA TYR H 188 60.89 -0.95 14.99
C TYR H 188 61.85 -1.21 16.12
N ALA H 189 62.85 -0.32 16.27
CA ALA H 189 63.91 -0.49 17.26
C ALA H 189 64.49 0.85 17.61
N LYS H 190 65.25 0.91 18.71
CA LYS H 190 66.11 2.07 19.02
C LYS H 190 67.56 1.51 19.12
N PRO H 191 68.29 1.42 18.00
CA PRO H 191 69.66 0.89 18.08
C PRO H 191 70.57 1.92 18.75
N VAL H 192 71.70 1.45 19.28
CA VAL H 192 72.61 2.31 19.99
C VAL H 192 73.78 2.60 19.02
N ILE H 193 74.10 3.89 18.87
CA ILE H 193 75.11 4.33 17.93
C ILE H 193 76.43 3.87 18.50
N LEU H 194 77.36 3.41 17.64
CA LEU H 194 78.62 2.94 18.22
C LEU H 194 79.68 3.95 18.02
N PRO H 195 80.18 4.57 19.11
CA PRO H 195 81.21 5.61 19.01
C PRO H 195 82.45 5.06 18.31
N PRO H 196 83.19 5.87 17.57
CA PRO H 196 82.97 7.27 17.26
C PRO H 196 82.06 7.46 16.03
N GLU H 197 81.36 6.44 15.55
CA GLU H 197 80.39 6.66 14.46
C GLU H 197 79.28 7.64 14.84
N VAL H 198 78.47 8.08 13.88
CA VAL H 198 77.37 8.99 14.20
C VAL H 198 75.95 8.53 13.82
N ALA H 199 75.81 7.37 13.20
CA ALA H 199 74.50 6.82 12.98
C ALA H 199 74.57 5.29 12.90
N ILE H 200 73.40 4.68 13.08
CA ILE H 200 73.17 3.25 12.98
C ILE H 200 71.72 3.06 12.51
N GLY H 201 71.43 2.01 11.76
CA GLY H 201 70.05 1.77 11.36
C GLY H 201 69.65 0.35 11.66
N ALA H 202 68.43 0.12 12.09
CA ALA H 202 68.12 -1.27 12.38
C ALA H 202 67.01 -1.73 11.47
N LEU H 203 67.07 -2.95 10.96
CA LEU H 203 66.10 -3.42 9.97
C LEU H 203 65.23 -4.47 10.56
N GLY H 204 63.93 -4.31 10.45
CA GLY H 204 63.00 -5.25 11.02
C GLY H 204 62.61 -6.34 10.07
N THR H 205 61.65 -7.15 10.48
CA THR H 205 61.18 -8.29 9.71
C THR H 205 60.38 -7.84 8.49
N ILE H 206 60.73 -8.36 7.32
CA ILE H 206 59.88 -8.24 6.16
C ILE H 206 58.59 -9.03 6.31
N LYS H 207 57.46 -8.38 6.09
CA LYS H 207 56.20 -9.02 6.40
C LYS H 207 55.19 -8.64 5.34
N ALA H 208 54.34 -9.60 4.98
CA ALA H 208 53.29 -9.38 4.01
C ALA H 208 52.07 -8.67 4.62
N LEU H 209 51.82 -7.42 4.24
CA LEU H 209 50.68 -6.69 4.80
C LEU H 209 49.77 -6.22 3.70
N PRO H 210 48.49 -6.01 4.01
CA PRO H 210 47.59 -5.42 3.03
C PRO H 210 47.81 -3.92 2.80
N ARG H 211 48.04 -3.53 1.54
CA ARG H 211 48.37 -2.14 1.19
C ARG H 211 47.68 -1.72 -0.12
N PHE H 212 47.36 -0.45 -0.24
CA PHE H 212 46.74 0.07 -1.46
C PHE H 212 47.74 0.24 -2.58
N ASN H 213 47.35 -0.14 -3.79
CA ASN H 213 48.17 0.24 -4.96
C ASN H 213 47.71 1.56 -5.56
N GLU H 214 48.28 1.92 -6.72
CA GLU H 214 47.91 3.17 -7.41
C GLU H 214 46.44 3.28 -7.80
N LYS H 215 45.90 2.18 -8.31
CA LYS H 215 44.46 2.08 -8.54
C LYS H 215 43.57 2.21 -7.27
N GLY H 216 44.15 2.19 -6.07
CA GLY H 216 43.34 2.16 -4.85
C GLY H 216 42.78 0.76 -4.52
N GLU H 217 43.51 -0.28 -4.92
CA GLU H 217 43.14 -1.67 -4.65
C GLU H 217 43.96 -2.25 -3.49
N VAL H 218 43.33 -3.14 -2.75
CA VAL H 218 43.99 -3.85 -1.68
C VAL H 218 44.92 -4.95 -2.26
N CYS H 219 46.22 -4.72 -2.19
CA CYS H 219 47.26 -5.69 -2.55
C CYS H 219 48.07 -6.22 -1.36
N LYS H 220 48.75 -7.33 -1.60
CA LYS H 220 49.80 -7.88 -0.75
C LYS H 220 51.04 -7.05 -1.02
N ALA H 221 51.61 -6.49 0.04
CA ALA H 221 52.87 -5.77 -0.04
C ALA H 221 53.90 -6.29 0.98
N GLN H 222 55.16 -6.33 0.56
CA GLN H 222 56.17 -6.84 1.43
C GLN H 222 56.75 -5.63 2.15
N ILE H 223 56.47 -5.54 3.45
CA ILE H 223 56.75 -4.31 4.16
C ILE H 223 57.86 -4.51 5.20
N MET H 224 58.81 -3.63 5.26
CA MET H 224 59.89 -3.75 6.24
C MET H 224 60.02 -2.42 7.04
N ASN H 225 60.21 -2.50 8.35
CA ASN H 225 60.49 -1.28 9.04
C ASN H 225 61.99 -1.04 9.20
N VAL H 226 62.39 0.23 9.29
CA VAL H 226 63.78 0.61 9.52
C VAL H 226 63.76 1.70 10.57
N SER H 227 64.74 1.68 11.47
CA SER H 227 64.82 2.63 12.55
C SER H 227 66.23 3.10 12.56
N TRP H 228 66.43 4.41 12.41
CA TRP H 228 67.79 5.01 12.37
C TRP H 228 67.97 5.70 13.68
N SER H 229 69.12 5.64 14.28
CA SER H 229 69.45 6.55 15.39
C SER H 229 70.58 7.43 14.89
N ALA H 230 70.60 8.69 15.24
CA ALA H 230 71.65 9.56 14.75
C ALA H 230 72.06 10.52 15.85
N ASP H 231 73.33 10.93 15.82
CA ASP H 231 73.89 11.86 16.81
C ASP H 231 73.41 13.29 16.53
N HIS H 232 72.42 13.76 17.28
CA HIS H 232 71.82 15.03 16.97
C HIS H 232 72.71 16.26 17.36
N ARG H 233 73.87 16.03 17.96
CA ARG H 233 74.82 17.12 18.11
C ARG H 233 75.29 17.71 16.76
N ILE H 234 75.33 16.90 15.70
CA ILE H 234 75.84 17.36 14.42
C ILE H 234 74.96 16.87 13.23
N ILE H 235 74.07 15.93 13.49
CA ILE H 235 73.13 15.49 12.44
C ILE H 235 71.69 15.94 12.71
N ASP H 236 71.05 16.56 11.73
CA ASP H 236 69.76 17.12 11.99
C ASP H 236 68.71 16.20 11.43
N GLY H 237 67.45 16.46 11.78
CA GLY H 237 66.39 15.60 11.34
C GLY H 237 66.24 15.60 9.85
N ALA H 238 66.45 16.74 9.22
CA ALA H 238 66.26 16.77 7.75
C ALA H 238 67.26 15.85 7.04
N THR H 239 68.51 15.84 7.49
CA THR H 239 69.50 14.94 6.91
C THR H 239 69.19 13.43 7.08
N VAL H 240 68.79 13.03 8.28
CA VAL H 240 68.61 11.62 8.52
C VAL H 240 67.46 11.19 7.67
N SER H 241 66.47 12.06 7.59
CA SER H 241 65.27 11.82 6.89
C SER H 241 65.41 11.80 5.34
N ARG H 242 66.13 12.77 4.79
CA ARG H 242 66.42 12.78 3.36
C ARG H 242 67.33 11.62 3.00
N PHE H 243 68.21 11.24 3.90
CA PHE H 243 69.03 10.09 3.66
C PHE H 243 68.14 8.87 3.57
N SER H 244 67.24 8.74 4.53
CA SER H 244 66.41 7.57 4.63
C SER H 244 65.56 7.44 3.38
N ASN H 245 64.96 8.54 2.93
CA ASN H 245 64.12 8.52 1.74
C ASN H 245 64.93 8.07 0.55
N LEU H 246 66.15 8.56 0.46
CA LEU H 246 66.94 8.21 -0.71
C LEU H 246 67.19 6.70 -0.65
N TRP H 247 67.52 6.22 0.57
CA TRP H 247 67.87 4.84 0.79
C TRP H 247 66.67 3.97 0.42
N LYS H 248 65.50 4.42 0.85
CA LYS H 248 64.27 3.69 0.67
C LYS H 248 63.96 3.66 -0.83
N SER H 249 64.27 4.75 -1.45
CA SER H 249 63.99 4.90 -2.83
C SER H 249 64.78 3.91 -3.70
N TYR H 250 66.03 3.68 -3.29
CA TYR H 250 66.82 2.71 -4.00
C TYR H 250 66.26 1.31 -3.86
N LEU H 251 65.74 0.97 -2.68
CA LEU H 251 65.16 -0.34 -2.43
C LEU H 251 63.74 -0.50 -2.95
N GLU H 252 62.93 0.54 -2.91
CA GLU H 252 61.55 0.41 -3.44
C GLU H 252 61.58 0.40 -4.97
N ASN H 253 62.55 1.10 -5.55
CA ASN H 253 62.72 1.18 -7.02
C ASN H 253 64.15 0.77 -7.42
N PRO H 254 64.45 -0.52 -7.37
CA PRO H 254 65.81 -0.96 -7.59
C PRO H 254 66.46 -0.50 -8.91
N ALA H 255 65.65 -0.27 -9.94
CA ALA H 255 66.08 0.32 -11.19
C ALA H 255 66.87 1.58 -10.96
N PHE H 256 66.47 2.35 -9.94
CA PHE H 256 67.16 3.59 -9.64
C PHE H 256 68.62 3.27 -9.36
N MET H 257 68.87 2.13 -8.73
CA MET H 257 70.22 1.76 -8.37
C MET H 257 71.02 1.45 -9.64
N LEU H 258 70.34 1.02 -10.69
CA LEU H 258 70.93 0.69 -11.96
C LEU H 258 71.46 1.88 -12.74
N LEU H 259 70.81 3.02 -12.57
CA LEU H 259 71.16 4.19 -13.32
C LEU H 259 72.61 4.52 -13.14
N ASP H 260 73.14 4.52 -11.92
CA ASP H 260 74.49 5.10 -11.67
C ASP H 260 75.64 4.14 -11.39
N LEU H 261 75.34 2.85 -11.41
CA LEU H 261 76.36 1.81 -11.22
C LEU H 261 77.14 1.53 -12.48
N LYS H 262 78.41 1.23 -12.30
CA LYS H 262 79.30 1.14 -13.43
C LYS H 262 80.06 -0.16 -13.48
C ACT I . -28.75 -12.04 24.16
O ACT I . -29.94 -11.63 24.38
OXT ACT I . -28.54 -12.78 23.13
CH3 ACT I . -27.65 -11.64 25.11
C ACT J . -25.22 -13.31 26.97
O ACT J . -26.10 -14.07 27.30
OXT ACT J . -24.72 -12.71 27.98
CH3 ACT J . -24.84 -13.17 25.51
CL CL K . -36.25 -17.97 21.00
CL CL L . -14.26 -18.33 4.68
N1A CO6 M . -12.58 -9.49 18.15
C2A CO6 M . -11.23 -9.61 18.48
N3A CO6 M . -10.75 -9.02 19.64
C4A CO6 M . -11.58 -8.31 20.43
C5A CO6 M . -12.93 -8.16 20.11
C6A CO6 M . -13.44 -8.75 18.96
N6A CO6 M . -14.84 -8.89 18.81
N7A CO6 M . -13.52 -7.42 21.08
C8A CO6 M . -12.59 -7.10 21.99
N9A CO6 M . -11.37 -7.64 21.61
C1B CO6 M . -10.06 -7.20 22.11
C2B CO6 M . -10.05 -5.70 22.40
O2B CO6 M . -9.76 -4.95 21.23
C3B CO6 M . -8.88 -5.61 23.34
O3B CO6 M . -7.76 -5.66 22.50
P3B CO6 M . -6.29 -5.20 22.92
O7A CO6 M . -6.29 -5.00 24.44
O8A CO6 M . -5.92 -3.93 22.18
O9A CO6 M . -5.35 -6.31 22.53
C4B CO6 M . -8.99 -6.90 24.14
O4B CO6 M . -9.72 -7.82 23.34
C5B CO6 M . -9.79 -6.61 25.41
O5B CO6 M . -10.78 -5.65 25.08
P1A CO6 M . -12.11 -5.48 26.00
O1A CO6 M . -11.60 -5.00 27.36
O2A CO6 M . -12.86 -6.82 26.05
O3A CO6 M . -13.00 -4.31 25.31
P2A CO6 M . -14.60 -4.35 24.97
O4A CO6 M . -14.71 -4.71 23.49
O5A CO6 M . -15.26 -2.97 25.27
O6A CO6 M . -15.31 -5.53 25.86
C ACT N . -31.61 -31.93 17.18
O ACT N . -32.29 -31.62 18.18
OXT ACT N . -31.14 -30.95 16.53
CH3 ACT N . -31.44 -33.37 16.79
C ACT O . -32.10 -34.79 13.39
O ACT O . -33.28 -35.09 13.05
OXT ACT O . -31.27 -35.77 13.41
CH3 ACT O . -31.72 -33.40 13.72
CL CL P . -36.82 -23.74 18.45
N1A CO6 Q . -16.79 -33.73 8.04
C2A CO6 Q . -16.13 -34.40 7.02
N3A CO6 Q . -16.11 -35.78 7.02
C4A CO6 Q . -16.72 -36.46 8.02
C5A CO6 Q . -17.39 -35.80 9.04
C6A CO6 Q . -17.43 -34.41 9.04
N6A CO6 Q . -18.16 -33.75 9.95
N7A CO6 Q . -17.92 -36.73 9.89
C8A CO6 Q . -17.59 -37.95 9.40
N9A CO6 Q . -16.85 -37.79 8.25
C1B CO6 Q . -16.38 -38.83 7.33
C2B CO6 Q . -15.64 -39.92 8.09
O2B CO6 Q . -14.30 -39.50 8.31
C3B CO6 Q . -15.79 -41.10 7.15
O3B CO6 Q . -14.80 -41.00 6.15
P3B CO6 Q . -13.55 -42.03 6.03
O7A CO6 Q . -14.00 -42.96 4.91
O8A CO6 Q . -13.34 -42.73 7.34
O9A CO6 Q . -12.30 -41.26 5.71
C4B CO6 Q . -17.17 -40.86 6.51
O4B CO6 Q . -17.45 -39.47 6.62
C5B CO6 Q . -18.26 -41.64 7.24
O5B CO6 Q . -18.49 -40.91 8.44
P1A CO6 Q . -18.86 -41.70 9.80
O1A CO6 Q . -17.81 -42.78 10.01
O2A CO6 Q . -20.28 -42.23 9.62
O3A CO6 Q . -18.74 -40.67 11.04
P2A CO6 Q . -19.47 -41.07 12.46
O4A CO6 Q . -20.72 -40.18 12.67
O5A CO6 Q . -18.60 -41.11 13.71
O6A CO6 Q . -19.86 -42.63 12.13
C ACT R . -39.31 -15.18 5.91
O ACT R . -40.38 -15.73 6.33
OXT ACT R . -38.19 -15.47 6.46
CH3 ACT R . -39.39 -14.20 4.78
C ACT S . -38.60 -10.80 4.85
O ACT S . -38.85 -10.70 3.63
OXT ACT S . -39.29 -10.03 5.54
CH3 ACT S . -37.56 -11.75 5.40
CL CL T . -39.30 -18.41 15.42
N1A CO6 U . -25.71 -12.48 -4.69
C2A CO6 U . -25.12 -11.41 -5.32
N3A CO6 U . -25.84 -10.70 -6.24
C4A CO6 U . -27.12 -11.05 -6.50
C5A CO6 U . -27.73 -12.13 -5.87
C6A CO6 U . -27.01 -12.86 -4.94
N6A CO6 U . -27.72 -13.36 -3.87
N7A CO6 U . -28.99 -12.24 -6.33
C8A CO6 U . -29.19 -11.26 -7.22
N9A CO6 U . -28.04 -10.51 -7.34
C1B CO6 U . -27.74 -9.49 -8.37
C2B CO6 U . -27.19 -10.18 -9.61
O2B CO6 U . -25.80 -9.98 -9.68
C3B CO6 U . -27.83 -9.44 -10.76
O3B CO6 U . -26.86 -8.51 -11.19
P3B CO6 U . -26.71 -8.17 -12.76
O7A CO6 U . -25.85 -6.94 -12.75
O8A CO6 U . -28.08 -7.90 -13.36
O9A CO6 U . -26.01 -9.31 -13.49
C4B CO6 U . -28.98 -8.65 -10.18
O4B CO6 U . -28.88 -8.74 -8.76
C5B CO6 U . -30.30 -9.22 -10.67
O5B CO6 U . -31.10 -9.56 -9.55
P1A CO6 U . -32.48 -8.77 -9.26
O1A CO6 U . -32.80 -7.85 -10.44
O2A CO6 U . -32.42 -8.02 -7.93
O3A CO6 U . -33.63 -9.91 -9.14
P2A CO6 U . -33.43 -11.30 -8.33
O4A CO6 U . -32.00 -11.35 -7.79
O5A CO6 U . -33.80 -12.45 -9.23
O6A CO6 U . -34.48 -11.31 -7.09
C ACT V . 11.71 46.39 -2.80
O ACT V . 11.15 45.45 -2.15
OXT ACT V . 11.01 47.44 -2.92
CH3 ACT V . 13.11 46.33 -3.42
C ACT W . 16.58 46.24 -2.16
O ACT W . 17.13 47.17 -1.52
OXT ACT W . 15.71 45.61 -1.53
CH3 ACT W . 16.91 45.91 -3.58
CL CL X . 10.13 21.55 -1.73
CL CL Y . 5.33 47.28 4.72
N1A CO6 Z . 19.18 31.93 -9.87
C2A CO6 Z . 20.44 31.38 -10.05
N3A CO6 Z . 21.43 32.09 -10.72
C4A CO6 Z . 21.14 33.33 -11.20
C5A CO6 Z . 19.88 33.90 -11.03
C6A CO6 Z . 18.89 33.19 -10.36
N6A CO6 Z . 17.79 33.85 -9.96
N7A CO6 Z . 19.88 35.12 -11.59
C8A CO6 Z . 21.11 35.33 -12.12
N9A CO6 Z . 21.90 34.24 -11.90
C1B CO6 Z . 23.13 33.88 -12.64
C2B CO6 Z . 23.05 34.32 -14.11
O2B CO6 Z . 22.36 33.38 -14.90
C3B CO6 Z . 24.51 34.60 -14.50
O3B CO6 Z . 25.32 33.47 -14.83
P3B CO6 Z . 25.22 32.35 -15.98
O7A CO6 Z . 26.06 31.21 -15.46
O8A CO6 Z . 25.76 32.84 -17.30
O9A CO6 Z . 23.82 31.78 -16.19
C4B CO6 Z . 25.11 35.02 -13.17
O4B CO6 Z . 24.29 34.52 -12.12
C5B CO6 Z . 25.31 36.53 -13.02
O5B CO6 Z . 24.09 37.25 -12.82
P1A CO6 Z . 23.67 38.69 -13.48
O1A CO6 Z . 23.48 39.70 -12.37
O2A CO6 Z . 22.36 38.55 -14.22
O3A CO6 Z . 24.84 39.14 -14.53
P2A CO6 Z . 26.45 39.25 -14.33
O4A CO6 Z . 26.88 39.16 -12.87
O5A CO6 Z . 26.93 40.55 -14.93
O6A CO6 Z . 27.05 38.01 -15.17
C ACT AA . 8.40 38.44 16.77
O ACT AA . 8.89 39.59 16.85
OXT ACT AA . 7.87 38.12 15.64
CH3 ACT AA . 8.48 37.53 17.97
C ACT BA . 6.27 35.08 19.07
O ACT BA . 6.63 34.80 20.23
OXT ACT BA . 5.15 35.59 19.07
CH3 ACT BA . 7.09 34.83 17.83
CL CL CA . 4.00 44.76 10.46
N1A CO6 DA . 13.21 21.40 13.87
C2A CO6 DA . 12.87 20.21 14.46
N3A CO6 DA . 13.07 20.05 15.81
C4A CO6 DA . 13.58 21.09 16.56
C5A CO6 DA . 13.91 22.31 15.95
C6A CO6 DA . 13.72 22.45 14.59
N6A CO6 DA . 13.67 23.69 14.07
N7A CO6 DA . 14.40 23.15 16.90
C8A CO6 DA . 14.37 22.48 18.07
N9A CO6 DA . 13.87 21.20 17.89
C1B CO6 DA . 14.15 20.01 18.73
C2B CO6 DA . 15.62 19.83 19.07
O2B CO6 DA . 16.21 19.02 18.09
C3B CO6 DA . 15.59 19.03 20.34
O3B CO6 DA . 15.29 17.69 20.02
P3B CO6 DA . 16.05 16.44 20.65
O7A CO6 DA . 15.00 15.60 21.33
O8A CO6 DA . 17.06 17.03 21.61
O9A CO6 DA . 16.76 15.63 19.57
C4B CO6 DA . 14.32 19.51 20.99
O4B CO6 DA . 13.48 20.03 19.97
C5B CO6 DA . 14.72 20.59 21.99
O5B CO6 DA . 13.66 21.50 22.10
P1A CO6 DA . 14.04 22.94 22.72
O1A CO6 DA . 14.57 22.74 24.13
O2A CO6 DA . 12.90 23.93 22.62
O3A CO6 DA . 15.31 23.37 21.80
P2A CO6 DA . 15.72 24.88 21.43
O4A CO6 DA . 16.25 24.72 20.02
O5A CO6 DA . 16.80 25.48 22.36
O6A CO6 DA . 14.39 25.82 21.40
CBP CO6 DA . 13.37 28.05 22.08
CCP CO6 DA . 14.54 27.25 21.50
CDP CO6 DA . 13.40 29.38 21.31
CEP CO6 DA . 13.61 28.33 23.57
CAP CO6 DA . 12.03 27.30 21.86
OAP CO6 DA . 11.95 26.23 22.82
C9P CO6 DA . 10.75 28.13 21.83
O9P CO6 DA . 10.36 29.00 20.77
N8P CO6 DA . 9.94 28.00 22.86
C ACT EA . -7.42 38.97 2.61
O ACT EA . -6.20 38.67 2.47
OXT ACT EA . -7.66 39.60 3.66
CH3 ACT EA . -8.54 38.62 1.64
C ACT FA . -8.95 38.78 -2.21
O ACT FA . -9.33 39.80 -2.82
OXT ACT FA . -7.81 38.80 -1.65
CH3 ACT FA . -9.83 37.57 -2.13
CL CL GA . -0.59 44.99 6.21
N1A CO6 HA . -5.34 22.86 -5.31
C2A CO6 HA . -5.66 22.18 -6.48
N3A CO6 HA . -6.97 22.15 -6.92
C4A CO6 HA . -7.95 22.77 -6.20
C5A CO6 HA . -7.64 23.45 -5.02
C6A CO6 HA . -6.33 23.48 -4.57
N6A CO6 HA . -6.00 24.45 -3.73
N7A CO6 HA . -8.79 23.97 -4.50
C8A CO6 HA . -9.79 23.65 -5.33
N9A CO6 HA . -9.29 22.90 -6.38
C1B CO6 HA . -10.03 22.16 -7.41
C2B CO6 HA . -11.27 21.49 -6.87
O2B CO6 HA . -10.92 20.30 -6.21
C3B CO6 HA . -12.03 21.22 -8.15
O3B CO6 HA . -11.56 19.98 -8.68
P3B CO6 HA . -12.51 18.79 -9.20
O7A CO6 HA . -13.15 19.31 -10.48
O8A CO6 HA . -13.56 18.42 -8.17
O9A CO6 HA . -11.64 17.58 -9.46
C4B CO6 HA . -11.64 22.40 -9.06
O4B CO6 HA . -10.42 22.93 -8.52
C5B CO6 HA . -12.70 23.49 -9.16
O5B CO6 HA . -12.95 24.05 -7.88
P1A CO6 HA . -14.46 24.39 -7.36
O1A CO6 HA . -15.38 23.19 -7.56
O2A CO6 HA . -14.99 25.56 -8.16
O3A CO6 HA . -14.40 24.69 -5.76
P2A CO6 HA . -13.30 25.51 -4.89
O4A CO6 HA . -11.91 25.01 -5.28
O5A CO6 HA . -13.51 25.34 -3.39
O6A CO6 HA . -13.43 27.05 -5.34
C ACT IA . -14.83 -42.06 -61.47
O ACT IA . -15.79 -42.81 -61.77
OXT ACT IA . -15.12 -41.27 -60.53
CH3 ACT IA . -13.49 -42.09 -62.19
C ACT JA . -12.28 -38.93 -63.41
O ACT JA . -13.08 -38.68 -64.34
OXT ACT JA . -11.19 -39.42 -63.76
CH3 ACT JA . -12.61 -38.66 -61.96
CL CL KA . -8.32 -29.92 -40.49
CL CL LA . -24.88 -40.25 -59.15
N1A CO6 MA . -0.78 -36.29 -52.91
C2A CO6 MA . 0.33 -35.49 -53.05
N3A CO6 MA . 1.20 -35.73 -54.07
C4A CO6 MA . 1.00 -36.77 -54.95
C5A CO6 MA . -0.12 -37.59 -54.82
C6A CO6 MA . -1.03 -37.35 -53.78
N6A CO6 MA . -2.12 -38.10 -53.65
N7A CO6 MA . -0.08 -38.52 -55.80
C8A CO6 MA . 1.03 -38.30 -56.55
N9A CO6 MA . 1.71 -37.22 -56.03
C1B CO6 MA . 3.11 -36.88 -56.32
C2B CO6 MA . 4.06 -37.94 -55.78
O2B CO6 MA . 4.47 -37.61 -54.45
C3B CO6 MA . 5.22 -37.87 -56.75
O3B CO6 MA . 6.10 -36.93 -56.23
P3B CO6 MA . 7.68 -37.09 -56.40
O7A CO6 MA . 7.98 -36.70 -57.84
O8A CO6 MA . 8.15 -38.51 -56.17
O9A CO6 MA . 8.23 -36.17 -55.33
C4B CO6 MA . 4.71 -37.17 -57.98
O4B CO6 MA . 3.39 -36.76 -57.71
C5B CO6 MA . 4.77 -38.13 -59.13
O5B CO6 MA . 3.77 -39.12 -58.94
P1A CO6 MA . 2.71 -39.22 -60.14
O1A CO6 MA . 3.45 -38.79 -61.39
O2A CO6 MA . 1.49 -38.35 -59.87
O3A CO6 MA . 2.31 -40.78 -60.27
P2A CO6 MA . 0.97 -41.34 -59.56
O4A CO6 MA . 0.90 -40.69 -58.19
O5A CO6 MA . 1.01 -42.86 -59.46
O6A CO6 MA . -0.25 -40.81 -60.52
C ACT NA . 73.58 -1.75 18.32
O ACT NA . 72.33 -1.47 18.35
OXT ACT NA . 74.41 -0.84 18.56
CH3 ACT NA . 74.12 -3.10 17.99
C ACT OA . 73.08 -6.24 19.21
O ACT OA . 73.39 -7.00 18.22
OXT ACT OA . 73.67 -6.42 20.30
CH3 ACT OA . 72.07 -5.15 19.13
CL CL PA . 71.21 5.59 24.96
CL CL QA . 49.83 -1.26 9.69
N1A CO6 RA . 62.72 -10.35 7.26
C2A CO6 RA . 62.34 -11.63 6.92
N3A CO6 RA . 63.30 -12.56 6.64
C4A CO6 RA . 64.60 -12.19 6.73
C5A CO6 RA . 65.00 -10.92 7.08
C6A CO6 RA . 64.05 -9.99 7.35
N6A CO6 RA . 64.47 -8.77 7.72
N7A CO6 RA . 66.34 -10.82 7.08
C8A CO6 RA . 66.82 -12.03 6.75
N9A CO6 RA . 65.76 -12.88 6.51
C1B CO6 RA . 65.81 -14.17 5.82
C2B CO6 RA . 66.96 -14.24 4.82
O2B CO6 RA . 66.62 -13.64 3.58
C3B CO6 RA . 67.11 -15.74 4.77
O3B CO6 RA . 65.87 -16.16 4.29
P3B CO6 RA . 65.59 -17.36 3.29
O7A CO6 RA . 66.35 -18.52 3.88
O8A CO6 RA . 66.07 -16.98 1.90
O9A CO6 RA . 64.08 -17.56 3.22
C4B CO6 RA . 67.02 -16.13 6.22
O4B CO6 RA . 66.06 -15.22 6.75
C5B CO6 RA . 68.32 -16.11 7.06
O5B CO6 RA . 69.40 -15.51 6.35
P1A CO6 RA . 70.43 -14.47 7.06
O1A CO6 RA . 71.86 -14.78 6.66
O2A CO6 RA . 70.23 -14.37 8.58
O3A CO6 RA . 69.97 -13.10 6.37
P2A CO6 RA . 70.98 -11.86 6.38
O4A CO6 RA . 70.20 -10.77 5.63
O5A CO6 RA . 72.30 -12.18 5.69
O6A CO6 RA . 71.22 -11.47 7.94
#